data_6DZX
#
_entry.id   6DZX
#
_cell.length_a   79.663
_cell.length_b   87.933
_cell.length_c   91.639
_cell.angle_alpha   114.830
_cell.angle_beta   104.120
_cell.angle_gamma   105.390
#
_symmetry.space_group_name_H-M   'P 1'
#
loop_
_entity.id
_entity.type
_entity.pdbx_description
1 polymer Lipoprotein
2 non-polymer D-METHIONINE
3 water water
#
_entity_poly.entity_id   1
_entity_poly.type   'polypeptide(L)'
_entity_poly.pdbx_seq_one_letter_code
;KHKEIVFGTTVGDFGDMVKEQIQAELEKKGYTVKLVEFTDYVRPNLALAEGELDINVFQHKPYLDDFKKEHNLDITEVFQ
VPTAPLGLYPGKLKSLEEVKDGSTVSAPNDPSNFARVLVMLDELGWIKLKDGINPLTASKADIAENLKNIKIVELEAAQL
PRSRADVDFAVVNGNYAISSGMKLTEALFQEPSFAYVNWSAVKTADKDSQWLKDVTEAYNSDAFKAYAHKRFEGYKSPAA
WNEGAAK
;
_entity_poly.pdbx_strand_id   A,B,C,D,E,F
#
# COMPACT_ATOMS: atom_id res chain seq x y z
N GLU A 4 4.16 -4.56 -12.00
CA GLU A 4 3.01 -5.29 -11.43
C GLU A 4 1.74 -5.15 -12.28
N ILE A 5 1.22 -6.27 -12.75
CA ILE A 5 0.03 -6.31 -13.61
C ILE A 5 -1.16 -6.72 -12.76
N VAL A 6 -2.17 -5.86 -12.70
CA VAL A 6 -3.34 -6.12 -11.88
C VAL A 6 -4.43 -6.59 -12.82
N PHE A 7 -4.80 -7.86 -12.66
CA PHE A 7 -5.91 -8.52 -13.36
C PHE A 7 -7.20 -8.40 -12.57
N GLY A 8 -8.31 -8.21 -13.30
CA GLY A 8 -9.64 -8.40 -12.74
C GLY A 8 -10.39 -9.45 -13.53
N THR A 9 -11.00 -10.43 -12.86
CA THR A 9 -11.76 -11.47 -13.53
C THR A 9 -13.03 -11.72 -12.72
N THR A 10 -14.00 -12.44 -13.31
CA THR A 10 -15.03 -12.99 -12.45
C THR A 10 -14.45 -14.17 -11.64
N VAL A 11 -15.15 -14.53 -10.55
CA VAL A 11 -14.70 -15.66 -9.72
C VAL A 11 -14.73 -16.91 -10.58
N GLY A 12 -13.88 -17.86 -10.23
CA GLY A 12 -13.94 -19.18 -10.85
C GLY A 12 -12.94 -19.29 -12.00
N ASP A 13 -13.43 -19.72 -13.16
CA ASP A 13 -12.53 -20.24 -14.20
C ASP A 13 -11.51 -19.20 -14.67
N PHE A 14 -11.94 -17.95 -14.92
CA PHE A 14 -10.98 -16.99 -15.46
C PHE A 14 -9.89 -16.59 -14.45
N GLY A 15 -10.20 -16.57 -13.14
CA GLY A 15 -9.18 -16.33 -12.14
C GLY A 15 -8.25 -17.52 -11.98
N ASP A 16 -8.80 -18.73 -12.07
CA ASP A 16 -7.96 -19.92 -12.03
C ASP A 16 -6.94 -19.92 -13.15
N MET A 17 -7.33 -19.46 -14.34
CA MET A 17 -6.35 -19.37 -15.42
C MET A 17 -5.17 -18.52 -15.00
N VAL A 18 -5.42 -17.39 -14.34
CA VAL A 18 -4.32 -16.52 -13.93
C VAL A 18 -3.47 -17.22 -12.90
N LYS A 19 -4.10 -17.74 -11.84
CA LYS A 19 -3.36 -18.27 -10.73
C LYS A 19 -2.63 -19.56 -11.09
N GLU A 20 -3.20 -20.39 -11.96
CA GLU A 20 -2.64 -21.72 -12.20
C GLU A 20 -1.64 -21.75 -13.34
N GLN A 21 -1.70 -20.77 -14.26
CA GLN A 21 -0.84 -20.80 -15.44
C GLN A 21 -0.24 -19.46 -15.86
N ILE A 22 -1.06 -18.41 -15.96
CA ILE A 22 -0.57 -17.14 -16.50
C ILE A 22 0.43 -16.49 -15.56
N GLN A 23 0.12 -16.48 -14.27
CA GLN A 23 0.92 -15.73 -13.32
C GLN A 23 2.38 -16.21 -13.34
N ALA A 24 2.58 -17.52 -13.31
CA ALA A 24 3.95 -18.03 -13.33
C ALA A 24 4.66 -17.66 -14.63
N GLU A 25 3.95 -17.74 -15.77
CA GLU A 25 4.55 -17.36 -17.05
C GLU A 25 5.03 -15.91 -17.02
N LEU A 26 4.26 -15.03 -16.39
CA LEU A 26 4.66 -13.63 -16.35
C LEU A 26 5.76 -13.37 -15.32
N GLU A 27 5.74 -14.10 -14.21
CA GLU A 27 6.81 -13.94 -13.22
C GLU A 27 8.15 -14.34 -13.80
N LYS A 28 8.15 -15.29 -14.74
CA LYS A 28 9.40 -15.68 -15.39
C LYS A 28 10.02 -14.50 -16.12
N LYS A 29 9.21 -13.53 -16.55
CA LYS A 29 9.68 -12.34 -17.24
C LYS A 29 9.90 -11.16 -16.31
N GLY A 30 9.74 -11.34 -15.00
CA GLY A 30 10.03 -10.32 -14.03
C GLY A 30 8.86 -9.53 -13.53
N TYR A 31 7.65 -9.81 -14.03
CA TYR A 31 6.46 -9.13 -13.56
C TYR A 31 6.02 -9.70 -12.22
N THR A 32 5.32 -8.88 -11.43
CA THR A 32 4.46 -9.43 -10.39
C THR A 32 3.02 -9.28 -10.83
N VAL A 33 2.14 -10.06 -10.21
CA VAL A 33 0.76 -10.20 -10.66
C VAL A 33 -0.15 -10.09 -9.45
N LYS A 34 -1.23 -9.33 -9.59
CA LYS A 34 -2.25 -9.25 -8.57
C LYS A 34 -3.55 -9.62 -9.24
N LEU A 35 -4.38 -10.39 -8.56
CA LEU A 35 -5.67 -10.80 -9.12
C LEU A 35 -6.76 -10.26 -8.23
N VAL A 36 -7.73 -9.56 -8.83
CA VAL A 36 -8.91 -9.07 -8.15
C VAL A 36 -10.11 -9.76 -8.79
N GLU A 37 -10.96 -10.38 -7.98
CA GLU A 37 -12.10 -11.10 -8.53
C GLU A 37 -13.40 -10.39 -8.21
N PHE A 38 -14.36 -10.53 -9.14
CA PHE A 38 -15.64 -9.85 -9.10
C PHE A 38 -16.75 -10.88 -9.22
N THR A 39 -17.87 -10.62 -8.55
CA THR A 39 -19.05 -11.48 -8.67
C THR A 39 -20.09 -10.90 -9.60
N ASP A 40 -19.86 -9.73 -10.17
CA ASP A 40 -20.81 -9.05 -11.03
C ASP A 40 -20.15 -8.65 -12.34
N TYR A 41 -20.97 -8.22 -13.29
CA TYR A 41 -20.51 -7.84 -14.63
C TYR A 41 -20.36 -6.32 -14.80
N VAL A 42 -20.74 -5.53 -13.81
CA VAL A 42 -20.77 -4.07 -13.98
C VAL A 42 -19.47 -3.44 -13.50
N ARG A 43 -18.96 -3.86 -12.34
CA ARG A 43 -17.76 -3.23 -11.78
C ARG A 43 -16.48 -3.39 -12.58
N PRO A 44 -16.21 -4.55 -13.23
CA PRO A 44 -14.84 -4.75 -13.77
C PRO A 44 -14.40 -3.72 -14.81
N ASN A 45 -15.28 -3.31 -15.72
CA ASN A 45 -14.87 -2.33 -16.73
C ASN A 45 -14.72 -0.96 -16.10
N LEU A 46 -15.50 -0.68 -15.05
CA LEU A 46 -15.34 0.60 -14.36
C LEU A 46 -14.04 0.65 -13.57
N ALA A 47 -13.68 -0.45 -12.90
CA ALA A 47 -12.39 -0.53 -12.21
C ALA A 47 -11.23 -0.41 -13.20
N LEU A 48 -11.36 -1.03 -14.37
CA LEU A 48 -10.35 -0.92 -15.44
C LEU A 48 -10.19 0.53 -15.86
N ALA A 49 -11.31 1.18 -16.20
CA ALA A 49 -11.26 2.55 -16.71
C ALA A 49 -10.71 3.53 -15.67
N GLU A 50 -10.98 3.31 -14.39
CA GLU A 50 -10.46 4.17 -13.32
C GLU A 50 -9.04 3.83 -12.91
N GLY A 51 -8.45 2.77 -13.43
CA GLY A 51 -7.05 2.52 -13.15
C GLY A 51 -6.82 1.57 -12.02
N GLU A 52 -7.89 1.05 -11.42
CA GLU A 52 -7.75 0.04 -10.38
C GLU A 52 -7.29 -1.31 -10.94
N LEU A 53 -7.51 -1.55 -12.23
CA LEU A 53 -7.05 -2.76 -12.90
C LEU A 53 -6.25 -2.34 -14.10
N ASP A 54 -5.30 -3.17 -14.48
CA ASP A 54 -4.62 -3.01 -15.77
C ASP A 54 -5.31 -3.78 -16.90
N ILE A 55 -5.98 -4.89 -16.58
CA ILE A 55 -6.58 -5.74 -17.60
C ILE A 55 -7.70 -6.51 -16.92
N ASN A 56 -8.80 -6.75 -17.65
CA ASN A 56 -9.83 -7.66 -17.15
C ASN A 56 -10.14 -8.74 -18.16
N VAL A 57 -10.64 -9.85 -17.64
CA VAL A 57 -10.98 -11.02 -18.44
C VAL A 57 -12.30 -11.53 -17.89
N PHE A 58 -13.42 -11.10 -18.48
CA PHE A 58 -14.70 -11.61 -18.01
C PHE A 58 -15.85 -11.54 -18.98
N GLN A 59 -15.67 -10.91 -20.16
CA GLN A 59 -16.81 -10.50 -20.98
C GLN A 59 -16.60 -10.88 -22.44
N HIS A 60 -17.70 -10.93 -23.18
CA HIS A 60 -17.63 -11.06 -24.63
C HIS A 60 -17.72 -9.67 -25.26
N LYS A 61 -17.43 -9.61 -26.57
CA LYS A 61 -17.30 -8.33 -27.25
C LYS A 61 -18.63 -7.61 -27.39
N PRO A 62 -19.75 -8.29 -27.68
CA PRO A 62 -21.03 -7.57 -27.67
C PRO A 62 -21.30 -6.89 -26.34
N TYR A 63 -21.01 -7.54 -25.21
CA TYR A 63 -21.15 -6.89 -23.91
C TYR A 63 -20.23 -5.67 -23.82
N LEU A 64 -18.95 -5.86 -24.18
CA LEU A 64 -17.96 -4.79 -24.08
C LEU A 64 -18.34 -3.60 -24.95
N ASP A 65 -18.74 -3.87 -26.20
CA ASP A 65 -19.10 -2.80 -27.13
C ASP A 65 -20.23 -1.97 -26.55
N ASP A 66 -21.25 -2.64 -26.02
CA ASP A 66 -22.40 -1.94 -25.46
C ASP A 66 -22.02 -1.17 -24.20
N PHE A 67 -21.27 -1.81 -23.31
CA PHE A 67 -20.93 -1.23 -22.02
C PHE A 67 -20.04 -0.01 -22.17
N LYS A 68 -19.00 -0.10 -23.01
CA LYS A 68 -18.06 1.01 -23.15
C LYS A 68 -18.74 2.22 -23.77
N LYS A 69 -19.68 1.97 -24.69
CA LYS A 69 -20.38 3.08 -25.34
C LYS A 69 -21.36 3.74 -24.37
N GLU A 70 -22.14 2.93 -23.67
CA GLU A 70 -23.11 3.47 -22.72
C GLU A 70 -22.44 4.29 -21.63
N HIS A 71 -21.29 3.83 -21.13
CA HIS A 71 -20.69 4.47 -19.97
C HIS A 71 -19.48 5.34 -20.31
N ASN A 72 -19.19 5.56 -21.60
CA ASN A 72 -18.10 6.40 -22.06
C ASN A 72 -16.75 5.98 -21.47
N LEU A 73 -16.38 4.72 -21.73
CA LEU A 73 -15.12 4.17 -21.25
C LEU A 73 -14.15 4.00 -22.42
N ASP A 74 -12.93 4.51 -22.25
CA ASP A 74 -11.93 4.41 -23.31
C ASP A 74 -11.12 3.13 -23.13
N ILE A 75 -11.78 2.02 -23.41
CA ILE A 75 -11.23 0.67 -23.24
C ILE A 75 -11.49 -0.11 -24.52
N THR A 76 -10.78 -1.23 -24.65
CA THR A 76 -10.82 -1.97 -25.89
C THR A 76 -10.42 -3.42 -25.64
N GLU A 77 -10.87 -4.32 -26.53
CA GLU A 77 -10.55 -5.73 -26.44
C GLU A 77 -9.14 -6.01 -26.95
N VAL A 78 -8.53 -7.12 -26.49
CA VAL A 78 -7.17 -7.44 -26.90
C VAL A 78 -7.05 -8.82 -27.50
N PHE A 79 -7.33 -9.84 -26.71
CA PHE A 79 -7.24 -11.21 -27.17
C PHE A 79 -8.37 -12.00 -26.53
N GLN A 80 -8.72 -13.13 -27.16
CA GLN A 80 -9.74 -14.02 -26.64
C GLN A 80 -9.17 -15.06 -25.70
N VAL A 81 -10.05 -15.65 -24.89
CA VAL A 81 -9.67 -16.65 -23.89
C VAL A 81 -10.66 -17.83 -23.99
N PRO A 82 -10.26 -19.03 -23.61
CA PRO A 82 -11.22 -20.13 -23.57
C PRO A 82 -12.41 -19.79 -22.69
N THR A 83 -13.62 -20.08 -23.18
CA THR A 83 -14.85 -19.56 -22.60
C THR A 83 -15.86 -20.66 -22.35
N ALA A 84 -16.43 -20.65 -21.13
CA ALA A 84 -17.52 -21.57 -20.79
C ALA A 84 -18.78 -21.18 -21.57
N PRO A 85 -19.39 -22.10 -22.30
CA PRO A 85 -20.53 -21.71 -23.15
C PRO A 85 -21.79 -21.44 -22.35
N LEU A 86 -22.72 -20.73 -23.02
CA LEU A 86 -24.06 -20.51 -22.51
C LEU A 86 -24.90 -21.76 -22.72
N GLY A 87 -25.69 -22.11 -21.72
CA GLY A 87 -26.57 -23.27 -21.84
C GLY A 87 -27.92 -23.01 -21.23
N LEU A 88 -28.92 -23.74 -21.74
CA LEU A 88 -30.22 -23.85 -21.11
C LEU A 88 -30.24 -25.09 -20.23
N TYR A 89 -30.58 -24.91 -18.96
CA TYR A 89 -30.44 -25.98 -17.99
C TYR A 89 -31.77 -26.36 -17.38
N PRO A 90 -31.91 -27.59 -16.89
CA PRO A 90 -33.15 -27.98 -16.20
C PRO A 90 -33.40 -27.12 -14.98
N GLY A 91 -34.66 -26.72 -14.82
CA GLY A 91 -35.13 -26.14 -13.59
C GLY A 91 -36.14 -27.08 -12.96
N LYS A 92 -37.38 -26.63 -12.85
CA LYS A 92 -38.45 -27.52 -12.41
C LYS A 92 -38.76 -28.60 -13.45
N LEU A 93 -38.52 -28.34 -14.74
CA LEU A 93 -38.67 -29.32 -15.80
C LEU A 93 -37.30 -29.82 -16.24
N LYS A 94 -37.24 -31.10 -16.64
CA LYS A 94 -35.96 -31.80 -16.74
C LYS A 94 -35.56 -32.12 -18.16
N SER A 95 -36.41 -31.86 -19.14
CA SER A 95 -36.11 -32.20 -20.52
C SER A 95 -36.80 -31.19 -21.41
N LEU A 96 -36.23 -30.99 -22.60
CA LEU A 96 -36.81 -30.03 -23.53
C LEU A 96 -38.21 -30.44 -23.95
N GLU A 97 -38.47 -31.74 -24.12
CA GLU A 97 -39.78 -32.16 -24.58
C GLU A 97 -40.88 -31.87 -23.56
N GLU A 98 -40.52 -31.56 -22.32
CA GLU A 98 -41.50 -31.25 -21.30
C GLU A 98 -41.98 -29.81 -21.35
N VAL A 99 -41.41 -28.97 -22.22
CA VAL A 99 -41.86 -27.59 -22.30
C VAL A 99 -43.36 -27.58 -22.56
N LYS A 100 -44.05 -26.64 -21.92
CA LYS A 100 -45.48 -26.47 -22.07
C LYS A 100 -45.77 -25.04 -22.46
N ASP A 101 -46.98 -24.84 -22.98
CA ASP A 101 -47.47 -23.49 -23.17
C ASP A 101 -47.34 -22.75 -21.85
N GLY A 102 -46.72 -21.57 -21.89
CA GLY A 102 -46.55 -20.80 -20.67
C GLY A 102 -45.35 -21.17 -19.80
N SER A 103 -44.50 -22.09 -20.24
CA SER A 103 -43.34 -22.47 -19.43
C SER A 103 -42.50 -21.25 -19.13
N THR A 104 -41.87 -21.24 -17.95
CA THR A 104 -41.01 -20.13 -17.55
C THR A 104 -39.56 -20.47 -17.85
N VAL A 105 -38.85 -19.47 -18.37
CA VAL A 105 -37.43 -19.56 -18.67
C VAL A 105 -36.76 -18.34 -18.05
N SER A 106 -35.79 -18.56 -17.16
CA SER A 106 -35.07 -17.42 -16.59
C SER A 106 -33.92 -17.04 -17.51
N ALA A 107 -33.60 -15.74 -17.52
CA ALA A 107 -32.67 -15.19 -18.48
C ALA A 107 -31.94 -14.01 -17.85
N PRO A 108 -30.70 -13.74 -18.25
CA PRO A 108 -30.05 -12.53 -17.77
C PRO A 108 -30.74 -11.28 -18.29
N ASN A 109 -30.65 -10.21 -17.49
CA ASN A 109 -31.42 -9.00 -17.74
C ASN A 109 -30.61 -7.89 -18.40
N ASP A 110 -29.36 -8.12 -18.76
CA ASP A 110 -28.60 -7.12 -19.50
C ASP A 110 -28.77 -7.38 -21.00
N PRO A 111 -28.74 -6.34 -21.83
CA PRO A 111 -29.23 -6.49 -23.23
C PRO A 111 -28.42 -7.42 -24.11
N SER A 112 -27.08 -7.44 -24.03
CA SER A 112 -26.30 -8.27 -24.94
C SER A 112 -26.42 -9.75 -24.59
N ASN A 113 -26.58 -10.07 -23.32
CA ASN A 113 -26.80 -11.46 -22.93
C ASN A 113 -28.27 -11.88 -23.07
N PHE A 114 -29.20 -10.94 -22.91
CA PHE A 114 -30.60 -11.25 -23.19
C PHE A 114 -30.82 -11.63 -24.65
N ALA A 115 -30.18 -10.92 -25.57
CA ALA A 115 -30.27 -11.29 -26.98
C ALA A 115 -29.92 -12.76 -27.21
N ARG A 116 -28.89 -13.26 -26.51
CA ARG A 116 -28.49 -14.65 -26.67
C ARG A 116 -29.62 -15.60 -26.33
N VAL A 117 -30.38 -15.27 -25.28
CA VAL A 117 -31.49 -16.12 -24.88
C VAL A 117 -32.56 -16.16 -25.97
N LEU A 118 -32.90 -14.99 -26.53
CA LEU A 118 -33.92 -14.96 -27.58
C LEU A 118 -33.48 -15.77 -28.79
N VAL A 119 -32.20 -15.67 -29.17
CA VAL A 119 -31.72 -16.48 -30.30
C VAL A 119 -31.80 -17.97 -29.94
N MET A 120 -31.47 -18.34 -28.71
CA MET A 120 -31.55 -19.75 -28.32
C MET A 120 -33.00 -20.25 -28.34
N LEU A 121 -33.93 -19.45 -27.81
CA LEU A 121 -35.35 -19.85 -27.81
C LEU A 121 -35.88 -19.99 -29.24
N ASP A 122 -35.42 -19.15 -30.17
CA ASP A 122 -35.78 -19.31 -31.58
C ASP A 122 -35.21 -20.59 -32.17
N GLU A 123 -33.94 -20.92 -31.83
CA GLU A 123 -33.33 -22.16 -32.31
C GLU A 123 -34.08 -23.37 -31.78
N LEU A 124 -34.63 -23.28 -30.58
CA LEU A 124 -35.40 -24.37 -30.01
C LEU A 124 -36.81 -24.46 -30.58
N GLY A 125 -37.25 -23.44 -31.31
CA GLY A 125 -38.62 -23.39 -31.79
C GLY A 125 -39.63 -22.96 -30.76
N TRP A 126 -39.20 -22.38 -29.65
CA TRP A 126 -40.13 -21.94 -28.61
C TRP A 126 -40.66 -20.53 -28.87
N ILE A 127 -39.92 -19.73 -29.62
CA ILE A 127 -40.37 -18.45 -30.15
C ILE A 127 -39.89 -18.38 -31.58
N LYS A 128 -40.37 -17.36 -32.29
CA LYS A 128 -39.94 -17.09 -33.65
C LYS A 128 -39.53 -15.63 -33.72
N LEU A 129 -38.27 -15.38 -34.05
CA LEU A 129 -37.82 -14.00 -34.25
C LEU A 129 -38.12 -13.54 -35.68
N LYS A 130 -38.27 -12.24 -35.85
CA LYS A 130 -38.46 -11.65 -37.15
C LYS A 130 -37.26 -11.93 -38.06
N ASP A 131 -37.52 -11.95 -39.36
CA ASP A 131 -36.45 -12.14 -40.34
C ASP A 131 -35.51 -10.94 -40.37
N GLY A 132 -34.24 -11.23 -40.66
CA GLY A 132 -33.30 -10.16 -40.97
C GLY A 132 -32.85 -9.27 -39.84
N ILE A 133 -33.04 -9.68 -38.59
CA ILE A 133 -32.62 -8.84 -37.47
C ILE A 133 -31.12 -9.02 -37.22
N ASN A 134 -30.57 -8.11 -36.44
CA ASN A 134 -29.22 -8.26 -35.90
C ASN A 134 -29.26 -9.21 -34.71
N PRO A 135 -28.70 -10.42 -34.80
CA PRO A 135 -28.81 -11.34 -33.65
C PRO A 135 -28.14 -10.82 -32.39
N LEU A 136 -27.13 -9.94 -32.53
CA LEU A 136 -26.42 -9.46 -31.35
C LEU A 136 -27.23 -8.48 -30.51
N THR A 137 -28.29 -7.90 -31.08
CA THR A 137 -29.14 -6.97 -30.35
C THR A 137 -30.58 -7.45 -30.30
N ALA A 138 -30.82 -8.74 -30.50
CA ALA A 138 -32.18 -9.25 -30.45
C ALA A 138 -32.85 -8.81 -29.16
N SER A 139 -34.05 -8.25 -29.29
CA SER A 139 -34.82 -7.72 -28.18
C SER A 139 -36.26 -8.19 -28.31
N LYS A 140 -37.07 -7.90 -27.29
CA LYS A 140 -38.46 -8.34 -27.31
C LYS A 140 -39.20 -7.81 -28.53
N ALA A 141 -38.84 -6.61 -28.99
CA ALA A 141 -39.48 -6.05 -30.18
C ALA A 141 -39.20 -6.89 -31.42
N ASP A 142 -38.15 -7.72 -31.41
CA ASP A 142 -37.80 -8.53 -32.56
C ASP A 142 -38.52 -9.88 -32.57
N ILE A 143 -39.35 -10.15 -31.56
CA ILE A 143 -40.10 -11.41 -31.54
C ILE A 143 -41.29 -11.29 -32.48
N ALA A 144 -41.34 -12.18 -33.47
CA ALA A 144 -42.46 -12.21 -34.41
C ALA A 144 -43.67 -12.90 -33.79
N GLU A 145 -43.44 -14.02 -33.13
CA GLU A 145 -44.50 -14.76 -32.49
C GLU A 145 -43.90 -15.51 -31.32
N ASN A 146 -44.52 -15.40 -30.15
CA ASN A 146 -44.14 -16.20 -28.99
C ASN A 146 -44.90 -17.52 -29.06
N LEU A 147 -44.32 -18.46 -29.82
CA LEU A 147 -45.01 -19.69 -30.22
C LEU A 147 -45.51 -20.50 -29.04
N LYS A 148 -44.68 -20.67 -28.00
CA LYS A 148 -45.10 -21.46 -26.85
C LYS A 148 -45.50 -20.58 -25.68
N ASN A 149 -45.74 -19.30 -25.90
CA ASN A 149 -46.10 -18.34 -24.86
C ASN A 149 -45.15 -18.44 -23.66
N ILE A 150 -43.86 -18.58 -23.98
CA ILE A 150 -42.83 -18.60 -22.95
C ILE A 150 -42.91 -17.34 -22.13
N LYS A 151 -42.86 -17.49 -20.81
CA LYS A 151 -42.73 -16.35 -19.91
C LYS A 151 -41.24 -16.27 -19.55
N ILE A 152 -40.57 -15.23 -20.02
CA ILE A 152 -39.15 -15.04 -19.75
C ILE A 152 -38.99 -14.26 -18.47
N VAL A 153 -38.30 -14.84 -17.49
CA VAL A 153 -38.10 -14.22 -16.18
C VAL A 153 -36.70 -13.63 -16.19
N GLU A 154 -36.58 -12.31 -16.26
CA GLU A 154 -35.28 -11.66 -16.37
C GLU A 154 -34.68 -11.39 -14.98
N LEU A 155 -33.43 -11.77 -14.81
CA LEU A 155 -32.76 -11.64 -13.52
C LEU A 155 -31.34 -11.15 -13.75
N GLU A 156 -30.76 -10.60 -12.68
CA GLU A 156 -29.32 -10.35 -12.70
C GLU A 156 -28.59 -11.66 -12.88
N ALA A 157 -27.58 -11.64 -13.76
CA ALA A 157 -26.98 -12.88 -14.25
C ALA A 157 -26.50 -13.80 -13.12
N ALA A 158 -25.94 -13.25 -12.03
CA ALA A 158 -25.44 -14.11 -10.96
C ALA A 158 -26.54 -14.88 -10.26
N GLN A 159 -27.79 -14.43 -10.37
CA GLN A 159 -28.94 -15.08 -9.74
C GLN A 159 -29.44 -16.28 -10.52
N LEU A 160 -28.91 -16.53 -11.70
CA LEU A 160 -29.57 -17.50 -12.57
C LEU A 160 -29.40 -18.94 -12.08
N PRO A 161 -28.24 -19.35 -11.54
CA PRO A 161 -28.20 -20.72 -10.96
C PRO A 161 -29.26 -20.95 -9.89
N ARG A 162 -29.47 -20.01 -8.97
CA ARG A 162 -30.47 -20.21 -7.91
C ARG A 162 -31.89 -20.18 -8.45
N SER A 163 -32.10 -19.59 -9.64
CA SER A 163 -33.47 -19.49 -10.18
C SER A 163 -34.04 -20.85 -10.59
N ARG A 164 -33.21 -21.87 -10.72
CA ARG A 164 -33.67 -23.18 -11.15
C ARG A 164 -34.74 -23.78 -10.23
N ALA A 165 -34.82 -23.32 -8.98
CA ALA A 165 -35.86 -23.76 -8.08
C ALA A 165 -37.20 -23.12 -8.40
N ASP A 166 -37.20 -22.00 -9.13
CA ASP A 166 -38.39 -21.17 -9.29
C ASP A 166 -38.95 -21.16 -10.72
N VAL A 167 -38.18 -21.61 -11.71
CA VAL A 167 -38.60 -21.56 -13.11
C VAL A 167 -38.42 -22.95 -13.70
N ASP A 168 -39.08 -23.17 -14.84
CA ASP A 168 -39.04 -24.48 -15.50
C ASP A 168 -37.66 -24.76 -16.10
N PHE A 169 -37.04 -23.73 -16.70
CA PHE A 169 -35.72 -23.83 -17.32
C PHE A 169 -34.95 -22.55 -17.02
N ALA A 170 -33.63 -22.69 -16.91
CA ALA A 170 -32.76 -21.54 -16.65
C ALA A 170 -31.66 -21.47 -17.69
N VAL A 171 -31.50 -20.30 -18.30
CA VAL A 171 -30.40 -20.05 -19.22
C VAL A 171 -29.31 -19.35 -18.41
N VAL A 172 -28.16 -20.03 -18.24
CA VAL A 172 -27.15 -19.64 -17.26
C VAL A 172 -25.83 -19.36 -17.97
N ASN A 173 -25.23 -18.19 -17.69
CA ASN A 173 -23.90 -17.90 -18.22
C ASN A 173 -22.88 -18.91 -17.71
N GLY A 174 -21.98 -19.31 -18.59
CA GLY A 174 -21.03 -20.35 -18.24
C GLY A 174 -20.24 -20.07 -16.98
N ASN A 175 -19.75 -18.83 -16.79
CA ASN A 175 -18.93 -18.57 -15.62
C ASN A 175 -19.71 -18.83 -14.33
N TYR A 176 -21.00 -18.48 -14.30
CA TYR A 176 -21.80 -18.69 -13.10
C TYR A 176 -22.23 -20.15 -12.94
N ALA A 177 -22.48 -20.83 -14.06
CA ALA A 177 -22.77 -22.28 -14.00
C ALA A 177 -21.59 -23.02 -13.40
N ILE A 178 -20.38 -22.78 -13.91
CA ILE A 178 -19.21 -23.46 -13.38
C ILE A 178 -19.05 -23.17 -11.89
N SER A 179 -19.17 -21.90 -11.48
CA SER A 179 -18.89 -21.53 -10.10
C SER A 179 -19.99 -21.92 -9.14
N SER A 180 -21.16 -22.28 -9.65
CA SER A 180 -22.20 -22.75 -8.76
C SER A 180 -22.24 -24.27 -8.72
N GLY A 181 -21.30 -24.95 -9.36
CA GLY A 181 -21.23 -26.39 -9.39
C GLY A 181 -22.05 -27.07 -10.47
N MET A 182 -22.61 -26.32 -11.39
CA MET A 182 -23.28 -26.91 -12.53
C MET A 182 -22.24 -27.39 -13.52
N LYS A 183 -22.58 -28.44 -14.26
CA LYS A 183 -21.69 -29.01 -15.25
C LYS A 183 -22.22 -28.66 -16.63
N LEU A 184 -21.32 -28.30 -17.54
CA LEU A 184 -21.75 -27.95 -18.90
C LEU A 184 -22.50 -29.09 -19.57
N THR A 185 -22.13 -30.33 -19.28
CA THR A 185 -22.79 -31.49 -19.87
C THR A 185 -24.22 -31.66 -19.36
N GLU A 186 -24.57 -31.00 -18.25
CA GLU A 186 -25.95 -31.04 -17.76
C GLU A 186 -26.88 -30.13 -18.54
N ALA A 187 -26.36 -29.26 -19.41
CA ALA A 187 -27.23 -28.40 -20.19
C ALA A 187 -28.09 -29.22 -21.14
N LEU A 188 -29.35 -28.81 -21.30
CA LEU A 188 -30.24 -29.44 -22.27
C LEU A 188 -29.96 -28.94 -23.68
N PHE A 189 -29.40 -27.74 -23.79
CA PHE A 189 -29.10 -27.14 -25.08
C PHE A 189 -28.00 -26.12 -24.84
N GLN A 190 -26.97 -26.15 -25.67
CA GLN A 190 -25.85 -25.23 -25.58
C GLN A 190 -25.87 -24.28 -26.78
N GLU A 191 -25.57 -23.01 -26.53
CA GLU A 191 -25.52 -22.04 -27.60
C GLU A 191 -24.54 -22.50 -28.69
N PRO A 192 -24.94 -22.57 -29.97
CA PRO A 192 -23.97 -23.00 -31.00
C PRO A 192 -22.97 -21.92 -31.41
N SER A 193 -23.32 -20.66 -31.23
CA SER A 193 -22.51 -19.52 -31.68
C SER A 193 -21.11 -19.51 -31.07
N PHE A 194 -20.17 -18.93 -31.83
CA PHE A 194 -18.84 -18.58 -31.34
C PHE A 194 -18.61 -17.08 -31.22
N ALA A 195 -19.65 -16.30 -31.39
CA ALA A 195 -19.55 -14.84 -31.30
C ALA A 195 -19.34 -14.36 -29.88
N TYR A 196 -19.51 -15.24 -28.89
CA TYR A 196 -19.43 -14.85 -27.50
C TYR A 196 -18.21 -15.43 -26.76
N VAL A 197 -17.22 -15.93 -27.49
CA VAL A 197 -15.94 -16.26 -26.87
C VAL A 197 -15.34 -14.99 -26.28
N ASN A 198 -14.95 -15.06 -25.02
CA ASN A 198 -14.66 -13.84 -24.28
C ASN A 198 -13.31 -13.26 -24.67
N TRP A 199 -13.16 -11.96 -24.38
CA TRP A 199 -12.00 -11.13 -24.65
C TRP A 199 -11.47 -10.52 -23.36
N SER A 200 -10.14 -10.37 -23.29
CA SER A 200 -9.56 -9.44 -22.35
C SER A 200 -9.80 -8.02 -22.84
N ALA A 201 -9.79 -7.08 -21.89
CA ALA A 201 -9.95 -5.66 -22.15
C ALA A 201 -8.92 -4.88 -21.36
N VAL A 202 -8.45 -3.79 -21.98
CA VAL A 202 -7.51 -2.87 -21.36
C VAL A 202 -7.95 -1.44 -21.70
N LYS A 203 -7.41 -0.47 -20.96
CA LYS A 203 -7.53 0.92 -21.38
C LYS A 203 -6.77 1.12 -22.70
N THR A 204 -7.38 1.89 -23.60
CA THR A 204 -6.83 2.04 -24.95
C THR A 204 -5.40 2.57 -24.90
N ALA A 205 -5.08 3.38 -23.90
CA ALA A 205 -3.76 3.97 -23.75
C ALA A 205 -2.68 2.92 -23.55
N ASP A 206 -3.07 1.72 -23.12
CA ASP A 206 -2.13 0.64 -22.82
C ASP A 206 -1.99 -0.37 -23.95
N LYS A 207 -2.69 -0.18 -25.07
CA LYS A 207 -2.77 -1.22 -26.09
C LYS A 207 -1.40 -1.58 -26.66
N ASP A 208 -0.45 -0.64 -26.66
CA ASP A 208 0.86 -0.86 -27.27
C ASP A 208 1.94 -1.13 -26.24
N SER A 209 1.57 -1.37 -24.99
CA SER A 209 2.54 -1.52 -23.92
C SER A 209 3.28 -2.86 -24.04
N GLN A 210 4.51 -2.90 -23.52
CA GLN A 210 5.25 -4.16 -23.53
C GLN A 210 4.61 -5.19 -22.60
N TRP A 211 4.13 -4.75 -21.44
CA TRP A 211 3.51 -5.69 -20.52
C TRP A 211 2.32 -6.39 -21.18
N LEU A 212 1.51 -5.66 -21.95
CA LEU A 212 0.36 -6.30 -22.60
C LEU A 212 0.81 -7.29 -23.68
N LYS A 213 1.89 -6.97 -24.38
CA LYS A 213 2.45 -7.93 -25.31
C LYS A 213 2.84 -9.23 -24.62
N ASP A 214 3.43 -9.13 -23.44
CA ASP A 214 3.82 -10.31 -22.69
C ASP A 214 2.60 -11.06 -22.16
N VAL A 215 1.57 -10.34 -21.72
CA VAL A 215 0.33 -11.00 -21.30
C VAL A 215 -0.30 -11.73 -22.49
N THR A 216 -0.33 -11.08 -23.66
CA THR A 216 -0.93 -11.70 -24.83
C THR A 216 -0.19 -12.99 -25.20
N GLU A 217 1.14 -12.94 -25.17
CA GLU A 217 1.94 -14.14 -25.44
C GLU A 217 1.64 -15.24 -24.44
N ALA A 218 1.47 -14.89 -23.15
CA ALA A 218 1.19 -15.90 -22.14
C ALA A 218 -0.12 -16.63 -22.42
N TYR A 219 -1.15 -15.91 -22.85
CA TYR A 219 -2.46 -16.50 -23.17
C TYR A 219 -2.50 -17.20 -24.52
N ASN A 220 -1.41 -17.18 -25.28
CA ASN A 220 -1.36 -17.84 -26.57
C ASN A 220 -0.22 -18.85 -26.68
N SER A 221 0.40 -19.19 -25.56
CA SER A 221 1.52 -20.14 -25.57
C SER A 221 1.05 -21.57 -25.77
N ASP A 222 1.96 -22.42 -26.27
CA ASP A 222 1.66 -23.84 -26.34
C ASP A 222 1.33 -24.40 -24.95
N ALA A 223 2.04 -23.94 -23.92
CA ALA A 223 1.77 -24.40 -22.57
C ALA A 223 0.38 -24.00 -22.11
N PHE A 224 -0.02 -22.76 -22.37
CA PHE A 224 -1.36 -22.38 -21.95
C PHE A 224 -2.43 -23.16 -22.70
N LYS A 225 -2.25 -23.36 -24.01
CA LYS A 225 -3.22 -24.13 -24.78
C LYS A 225 -3.35 -25.55 -24.26
N ALA A 226 -2.21 -26.17 -23.93
CA ALA A 226 -2.24 -27.53 -23.41
C ALA A 226 -2.99 -27.59 -22.08
N TYR A 227 -2.68 -26.64 -21.19
CA TYR A 227 -3.41 -26.55 -19.92
C TYR A 227 -4.89 -26.34 -20.15
N ALA A 228 -5.25 -25.40 -21.03
CA ALA A 228 -6.65 -25.06 -21.20
C ALA A 228 -7.45 -26.25 -21.72
N HIS A 229 -6.86 -27.02 -22.65
CA HIS A 229 -7.57 -28.16 -23.24
C HIS A 229 -7.85 -29.24 -22.21
N LYS A 230 -7.04 -29.31 -21.15
CA LYS A 230 -7.25 -30.29 -20.10
C LYS A 230 -8.08 -29.74 -18.96
N ARG A 231 -7.80 -28.53 -18.50
CA ARG A 231 -8.52 -27.94 -17.37
C ARG A 231 -9.93 -27.51 -17.74
N PHE A 232 -10.13 -27.08 -18.98
CA PHE A 232 -11.38 -26.46 -19.39
C PHE A 232 -11.96 -27.21 -20.59
N GLU A 233 -12.21 -28.50 -20.39
CA GLU A 233 -12.83 -29.31 -21.42
C GLU A 233 -14.23 -28.78 -21.71
N GLY A 234 -14.56 -28.74 -22.99
CA GLY A 234 -15.84 -28.27 -23.42
C GLY A 234 -15.93 -26.78 -23.59
N TYR A 235 -14.86 -26.05 -23.31
CA TYR A 235 -14.87 -24.60 -23.50
C TYR A 235 -14.64 -24.27 -24.96
N LYS A 236 -15.13 -23.11 -25.37
CA LYS A 236 -14.93 -22.61 -26.72
C LYS A 236 -13.62 -21.83 -26.78
N SER A 237 -12.80 -22.12 -27.81
CA SER A 237 -11.46 -21.60 -27.95
C SER A 237 -11.46 -20.29 -28.72
N PRO A 238 -10.44 -19.47 -28.45
CA PRO A 238 -10.20 -18.29 -29.28
C PRO A 238 -10.15 -18.61 -30.76
N ALA A 239 -10.74 -17.72 -31.56
CA ALA A 239 -10.75 -17.92 -33.00
C ALA A 239 -9.33 -18.05 -33.55
N ALA A 240 -8.41 -17.27 -32.99
CA ALA A 240 -7.02 -17.22 -33.48
C ALA A 240 -6.28 -18.53 -33.26
N TRP A 241 -6.72 -19.36 -32.30
CA TRP A 241 -6.09 -20.65 -32.12
C TRP A 241 -6.33 -21.56 -33.30
N ASN A 242 -7.33 -21.23 -34.14
CA ASN A 242 -7.50 -21.89 -35.44
C ASN A 242 -7.66 -23.38 -35.26
N GLU A 243 -8.44 -23.77 -34.26
CA GLU A 243 -8.76 -25.16 -34.00
C GLU A 243 -9.93 -25.62 -34.86
N LYS B 3 -11.60 4.58 9.22
CA LYS B 3 -12.39 4.69 7.97
C LYS B 3 -11.87 5.80 7.04
N GLU B 4 -11.43 5.41 5.85
CA GLU B 4 -10.92 6.35 4.86
C GLU B 4 -12.07 6.80 3.94
N ILE B 5 -12.43 8.07 3.98
CA ILE B 5 -13.53 8.58 3.16
C ILE B 5 -12.94 9.13 1.87
N VAL B 6 -13.32 8.53 0.73
CA VAL B 6 -12.81 8.94 -0.57
C VAL B 6 -13.87 9.81 -1.24
N PHE B 7 -13.54 11.09 -1.43
CA PHE B 7 -14.40 12.05 -2.13
C PHE B 7 -14.05 12.07 -3.60
N GLY B 8 -15.08 12.24 -4.44
CA GLY B 8 -14.88 12.62 -5.84
C GLY B 8 -15.54 13.94 -6.15
N THR B 9 -14.83 14.85 -6.83
CA THR B 9 -15.37 16.15 -7.21
C THR B 9 -14.92 16.49 -8.62
N THR B 10 -15.56 17.50 -9.21
CA THR B 10 -14.95 18.16 -10.35
C THR B 10 -13.76 19.02 -9.87
N VAL B 11 -12.90 19.38 -10.81
CA VAL B 11 -11.77 20.23 -10.50
C VAL B 11 -12.26 21.59 -10.00
N GLY B 12 -11.49 22.19 -9.11
CA GLY B 12 -11.72 23.57 -8.70
C GLY B 12 -12.54 23.65 -7.42
N ASP B 13 -13.66 24.40 -7.47
CA ASP B 13 -14.30 24.86 -6.24
C ASP B 13 -14.72 23.72 -5.33
N PHE B 14 -15.35 22.65 -5.87
CA PHE B 14 -15.79 21.61 -4.96
C PHE B 14 -14.62 20.85 -4.34
N GLY B 15 -13.51 20.71 -5.06
CA GLY B 15 -12.34 20.09 -4.47
C GLY B 15 -11.71 20.99 -3.43
N ASP B 16 -11.72 22.30 -3.67
CA ASP B 16 -11.20 23.23 -2.67
C ASP B 16 -11.95 23.12 -1.36
N MET B 17 -13.29 22.96 -1.41
CA MET B 17 -14.06 22.84 -0.17
C MET B 17 -13.54 21.67 0.65
N VAL B 18 -13.25 20.55 -0.01
CA VAL B 18 -12.78 19.35 0.70
C VAL B 18 -11.43 19.62 1.33
N LYS B 19 -10.46 20.07 0.52
CA LYS B 19 -9.09 20.16 1.02
C LYS B 19 -8.93 21.29 2.02
N GLU B 20 -9.67 22.40 1.87
CA GLU B 20 -9.46 23.57 2.71
C GLU B 20 -10.27 23.55 4.00
N GLN B 21 -11.40 22.86 4.04
CA GLN B 21 -12.24 22.95 5.23
C GLN B 21 -12.73 21.59 5.71
N ILE B 22 -13.28 20.77 4.80
CA ILE B 22 -13.96 19.56 5.23
C ILE B 22 -12.95 18.53 5.74
N GLN B 23 -11.83 18.35 5.04
CA GLN B 23 -10.90 17.29 5.38
C GLN B 23 -10.42 17.43 6.82
N ALA B 24 -10.06 18.66 7.22
CA ALA B 24 -9.60 18.88 8.58
C ALA B 24 -10.69 18.55 9.60
N GLU B 25 -11.95 18.91 9.29
CA GLU B 25 -13.03 18.60 10.23
C GLU B 25 -13.14 17.09 10.44
N LEU B 26 -12.98 16.30 9.38
CA LEU B 26 -13.12 14.85 9.52
C LEU B 26 -11.89 14.22 10.14
N GLU B 27 -10.70 14.78 9.88
CA GLU B 27 -9.50 14.25 10.51
C GLU B 27 -9.54 14.45 12.02
N LYS B 28 -10.13 15.53 12.50
CA LYS B 28 -10.27 15.72 13.94
C LYS B 28 -11.11 14.63 14.58
N LYS B 29 -11.99 13.98 13.82
CA LYS B 29 -12.79 12.88 14.32
C LYS B 29 -12.15 11.53 14.04
N GLY B 30 -10.95 11.51 13.50
CA GLY B 30 -10.20 10.29 13.34
C GLY B 30 -10.27 9.69 11.96
N TYR B 31 -11.05 10.28 11.05
CA TYR B 31 -11.11 9.74 9.71
C TYR B 31 -9.85 10.08 8.94
N THR B 32 -9.56 9.28 7.91
CA THR B 32 -8.68 9.72 6.85
C THR B 32 -9.52 10.09 5.63
N VAL B 33 -8.96 10.95 4.78
CA VAL B 33 -9.69 11.54 3.66
C VAL B 33 -8.80 11.51 2.43
N LYS B 34 -9.40 11.10 1.30
CA LYS B 34 -8.77 11.15 0.00
C LYS B 34 -9.69 11.90 -0.96
N LEU B 35 -9.10 12.66 -1.87
CA LEU B 35 -9.87 13.36 -2.90
C LEU B 35 -9.40 12.92 -4.27
N VAL B 36 -10.35 12.51 -5.10
CA VAL B 36 -10.12 12.23 -6.52
C VAL B 36 -10.90 13.28 -7.30
N GLU B 37 -10.24 13.93 -8.25
CA GLU B 37 -10.90 14.97 -9.04
C GLU B 37 -11.09 14.52 -10.48
N PHE B 38 -12.20 14.97 -11.08
CA PHE B 38 -12.59 14.56 -12.42
C PHE B 38 -12.79 15.79 -13.30
N THR B 39 -12.47 15.65 -14.59
CA THR B 39 -12.64 16.76 -15.49
C THR B 39 -13.99 16.73 -16.22
N ASP B 40 -14.75 15.67 -16.08
CA ASP B 40 -16.02 15.51 -16.78
C ASP B 40 -17.12 15.14 -15.81
N TYR B 41 -18.35 15.18 -16.33
CA TYR B 41 -19.52 14.91 -15.52
C TYR B 41 -19.99 13.45 -15.57
N VAL B 42 -19.42 12.62 -16.43
CA VAL B 42 -19.96 11.27 -16.63
C VAL B 42 -19.31 10.26 -15.69
N ARG B 43 -17.98 10.34 -15.50
CA ARG B 43 -17.25 9.37 -14.68
C ARG B 43 -17.58 9.37 -13.18
N PRO B 44 -17.81 10.53 -12.53
CA PRO B 44 -17.92 10.51 -11.05
C PRO B 44 -19.01 9.60 -10.50
N ASN B 45 -20.22 9.56 -11.07
CA ASN B 45 -21.23 8.67 -10.50
C ASN B 45 -20.88 7.22 -10.75
N LEU B 46 -20.21 6.92 -11.86
CA LEU B 46 -19.79 5.54 -12.10
C LEU B 46 -18.71 5.12 -11.13
N ALA B 47 -17.77 6.02 -10.82
CA ALA B 47 -16.74 5.71 -9.83
C ALA B 47 -17.34 5.50 -8.45
N LEU B 48 -18.38 6.29 -8.11
CA LEU B 48 -19.11 6.12 -6.84
C LEU B 48 -19.75 4.76 -6.80
N ALA B 49 -20.47 4.43 -7.85
CA ALA B 49 -21.22 3.17 -7.91
C ALA B 49 -20.30 1.97 -7.85
N GLU B 50 -19.12 2.07 -8.46
CA GLU B 50 -18.20 0.94 -8.47
C GLU B 50 -17.48 0.74 -7.16
N GLY B 51 -17.45 1.76 -6.29
CA GLY B 51 -16.87 1.70 -4.97
C GLY B 51 -15.58 2.47 -4.81
N GLU B 52 -15.00 3.03 -5.86
CA GLU B 52 -13.76 3.78 -5.70
C GLU B 52 -13.98 5.03 -4.88
N LEU B 53 -15.16 5.64 -5.00
CA LEU B 53 -15.52 6.79 -4.20
C LEU B 53 -16.58 6.35 -3.21
N ASP B 54 -16.53 6.98 -2.04
CA ASP B 54 -17.60 6.90 -1.05
C ASP B 54 -18.65 7.99 -1.22
N ILE B 55 -18.26 9.12 -1.78
CA ILE B 55 -19.17 10.26 -1.92
C ILE B 55 -18.63 11.11 -3.05
N ASN B 56 -19.54 11.69 -3.85
CA ASN B 56 -19.08 12.68 -4.82
C ASN B 56 -19.88 13.98 -4.64
N VAL B 57 -19.27 15.08 -5.07
CA VAL B 57 -19.85 16.40 -4.97
C VAL B 57 -19.55 17.12 -6.28
N PHE B 58 -20.49 17.08 -7.23
CA PHE B 58 -20.30 17.77 -8.51
C PHE B 58 -21.57 18.10 -9.29
N GLN B 59 -22.75 17.69 -8.82
CA GLN B 59 -23.91 17.64 -9.72
C GLN B 59 -25.16 18.17 -9.04
N HIS B 60 -26.14 18.58 -9.85
CA HIS B 60 -27.47 18.90 -9.32
C HIS B 60 -28.40 17.70 -9.44
N LYS B 61 -29.54 17.80 -8.77
CA LYS B 61 -30.41 16.65 -8.65
C LYS B 61 -31.06 16.25 -9.99
N PRO B 62 -31.47 17.18 -10.87
CA PRO B 62 -31.92 16.75 -12.20
C PRO B 62 -30.88 15.93 -12.94
N TYR B 63 -29.61 16.33 -12.87
CA TYR B 63 -28.55 15.56 -13.49
C TYR B 63 -28.47 14.16 -12.90
N LEU B 64 -28.47 14.08 -11.56
CA LEU B 64 -28.36 12.81 -10.84
C LEU B 64 -29.54 11.91 -11.14
N ASP B 65 -30.76 12.45 -11.07
CA ASP B 65 -31.95 11.63 -11.33
C ASP B 65 -31.87 11.02 -12.72
N ASP B 66 -31.51 11.83 -13.71
CA ASP B 66 -31.42 11.33 -15.06
C ASP B 66 -30.31 10.30 -15.17
N PHE B 67 -29.13 10.61 -14.60
CA PHE B 67 -27.94 9.77 -14.76
C PHE B 67 -28.13 8.40 -14.12
N LYS B 68 -28.65 8.34 -12.89
CA LYS B 68 -28.74 7.07 -12.21
C LYS B 68 -29.76 6.16 -12.88
N LYS B 69 -30.79 6.76 -13.48
CA LYS B 69 -31.79 5.96 -14.17
C LYS B 69 -31.22 5.40 -15.46
N GLU B 70 -30.58 6.25 -16.25
CA GLU B 70 -30.02 5.85 -17.53
C GLU B 70 -28.90 4.80 -17.37
N HIS B 71 -28.09 4.94 -16.34
CA HIS B 71 -26.91 4.10 -16.12
C HIS B 71 -27.15 3.03 -15.07
N ASN B 72 -28.37 2.93 -14.57
CA ASN B 72 -28.84 1.93 -13.62
C ASN B 72 -27.94 1.85 -12.37
N LEU B 73 -27.80 2.97 -11.69
CA LEU B 73 -26.92 3.08 -10.53
C LEU B 73 -27.72 3.24 -9.25
N ASP B 74 -27.32 2.50 -8.22
CA ASP B 74 -28.01 2.55 -6.93
C ASP B 74 -27.36 3.59 -6.02
N ILE B 75 -27.61 4.86 -6.36
CA ILE B 75 -27.01 6.00 -5.67
C ILE B 75 -28.10 7.01 -5.37
N THR B 76 -27.80 7.93 -4.45
CA THR B 76 -28.82 8.86 -3.99
C THR B 76 -28.17 10.14 -3.44
N GLU B 77 -28.93 11.23 -3.48
CA GLU B 77 -28.43 12.50 -2.98
C GLU B 77 -28.51 12.57 -1.46
N VAL B 78 -27.66 13.41 -0.86
CA VAL B 78 -27.65 13.51 0.59
C VAL B 78 -27.86 14.94 1.05
N PHE B 79 -26.93 15.83 0.73
CA PHE B 79 -27.05 17.23 1.17
C PHE B 79 -26.58 18.17 0.06
N GLN B 80 -27.04 19.42 0.12
CA GLN B 80 -26.65 20.41 -0.85
C GLN B 80 -25.38 21.16 -0.41
N VAL B 81 -24.73 21.78 -1.39
CA VAL B 81 -23.47 22.50 -1.16
C VAL B 81 -23.57 23.82 -1.90
N PRO B 82 -22.82 24.83 -1.45
CA PRO B 82 -22.76 26.10 -2.22
C PRO B 82 -22.34 25.84 -3.66
N THR B 83 -23.05 26.47 -4.59
CA THR B 83 -22.97 26.16 -6.00
C THR B 83 -22.74 27.39 -6.88
N ALA B 84 -21.78 27.30 -7.78
CA ALA B 84 -21.62 28.37 -8.77
C ALA B 84 -22.79 28.37 -9.75
N PRO B 85 -23.45 29.50 -9.96
CA PRO B 85 -24.63 29.50 -10.82
C PRO B 85 -24.28 29.43 -12.31
N LEU B 86 -25.31 29.06 -13.07
CA LEU B 86 -25.25 29.03 -14.52
C LEU B 86 -25.38 30.45 -15.06
N GLY B 87 -24.63 30.77 -16.09
CA GLY B 87 -24.69 32.10 -16.68
C GLY B 87 -24.53 32.07 -18.18
N LEU B 88 -25.13 33.06 -18.84
CA LEU B 88 -24.88 33.36 -20.25
C LEU B 88 -23.86 34.47 -20.29
N TYR B 89 -22.73 34.24 -20.96
CA TYR B 89 -21.55 35.07 -20.96
C TYR B 89 -21.27 35.60 -22.37
N PRO B 90 -20.58 36.74 -22.47
CA PRO B 90 -20.20 37.26 -23.80
C PRO B 90 -19.29 36.30 -24.53
N GLY B 91 -19.55 36.12 -25.81
CA GLY B 91 -18.63 35.48 -26.71
C GLY B 91 -18.13 36.52 -27.68
N LYS B 92 -18.41 36.34 -28.98
CA LYS B 92 -18.07 37.37 -29.96
C LYS B 92 -18.92 38.63 -29.76
N LEU B 93 -20.12 38.51 -29.21
CA LEU B 93 -20.96 39.66 -28.88
C LEU B 93 -20.92 39.92 -27.39
N LYS B 94 -21.00 41.20 -27.02
CA LYS B 94 -20.68 41.63 -25.67
C LYS B 94 -21.89 42.06 -24.86
N SER B 95 -23.08 42.08 -25.46
CA SER B 95 -24.25 42.56 -24.75
C SER B 95 -25.48 41.84 -25.29
N LEU B 96 -26.49 41.69 -24.42
CA LEU B 96 -27.71 41.01 -24.84
C LEU B 96 -28.40 41.74 -25.98
N GLU B 97 -28.35 43.08 -25.95
CA GLU B 97 -29.03 43.89 -26.95
C GLU B 97 -28.45 43.70 -28.34
N GLU B 98 -27.25 43.13 -28.44
CA GLU B 98 -26.61 42.86 -29.73
C GLU B 98 -27.09 41.57 -30.39
N VAL B 99 -27.91 40.77 -29.71
CA VAL B 99 -28.39 39.54 -30.33
C VAL B 99 -29.08 39.88 -31.64
N LYS B 100 -28.84 39.08 -32.66
CA LYS B 100 -29.51 39.26 -33.94
C LYS B 100 -30.05 37.92 -34.42
N ASP B 101 -30.89 37.99 -35.45
CA ASP B 101 -31.33 36.78 -36.12
C ASP B 101 -30.14 35.93 -36.50
N GLY B 102 -30.19 34.66 -36.13
CA GLY B 102 -29.16 33.70 -36.43
C GLY B 102 -27.99 33.69 -35.47
N SER B 103 -28.03 34.47 -34.39
CA SER B 103 -26.93 34.47 -33.42
C SER B 103 -26.69 33.07 -32.87
N THR B 104 -25.42 32.79 -32.58
CA THR B 104 -24.98 31.49 -32.06
C THR B 104 -24.86 31.55 -30.54
N VAL B 105 -25.35 30.49 -29.89
CA VAL B 105 -25.25 30.34 -28.45
C VAL B 105 -24.76 28.92 -28.18
N SER B 106 -23.62 28.81 -27.51
CA SER B 106 -23.12 27.50 -27.14
C SER B 106 -23.77 27.06 -25.85
N ALA B 107 -23.93 25.75 -25.72
CA ALA B 107 -24.71 25.16 -24.64
C ALA B 107 -24.14 23.78 -24.34
N PRO B 108 -24.24 23.33 -23.09
CA PRO B 108 -23.85 21.96 -22.79
C PRO B 108 -24.78 20.96 -23.46
N ASN B 109 -24.22 19.80 -23.81
CA ASN B 109 -24.91 18.87 -24.67
C ASN B 109 -25.57 17.71 -23.93
N ASP B 110 -25.54 17.71 -22.59
CA ASP B 110 -26.22 16.68 -21.83
C ASP B 110 -27.63 17.14 -21.49
N PRO B 111 -28.60 16.23 -21.36
CA PRO B 111 -30.00 16.69 -21.39
C PRO B 111 -30.42 17.57 -20.22
N SER B 112 -30.01 17.27 -18.97
CA SER B 112 -30.50 18.09 -17.86
C SER B 112 -29.90 19.49 -17.89
N ASN B 113 -28.65 19.64 -18.34
CA ASN B 113 -28.09 20.99 -18.45
C ASN B 113 -28.54 21.71 -19.72
N PHE B 114 -28.81 20.99 -20.79
CA PHE B 114 -29.39 21.60 -21.99
C PHE B 114 -30.76 22.22 -21.70
N ALA B 115 -31.59 21.53 -20.90
CA ALA B 115 -32.89 22.08 -20.50
C ALA B 115 -32.75 23.47 -19.88
N ARG B 116 -31.74 23.66 -19.03
CA ARG B 116 -31.50 24.94 -18.38
C ARG B 116 -31.26 26.05 -19.41
N VAL B 117 -30.54 25.72 -20.48
CA VAL B 117 -30.27 26.72 -21.51
C VAL B 117 -31.56 27.10 -22.23
N LEU B 118 -32.40 26.13 -22.57
CA LEU B 118 -33.66 26.47 -23.23
C LEU B 118 -34.53 27.35 -22.33
N VAL B 119 -34.60 27.03 -21.04
CA VAL B 119 -35.39 27.87 -20.14
C VAL B 119 -34.81 29.28 -20.10
N MET B 120 -33.48 29.41 -20.05
CA MET B 120 -32.87 30.74 -20.05
C MET B 120 -33.15 31.49 -21.36
N LEU B 121 -33.03 30.83 -22.52
CA LEU B 121 -33.32 31.50 -23.78
C LEU B 121 -34.79 31.94 -23.86
N ASP B 122 -35.70 31.15 -23.29
CA ASP B 122 -37.09 31.56 -23.21
C ASP B 122 -37.26 32.77 -22.28
N GLU B 123 -36.54 32.81 -21.15
CA GLU B 123 -36.65 33.96 -20.24
C GLU B 123 -36.14 35.23 -20.92
N LEU B 124 -35.17 35.10 -21.82
CA LEU B 124 -34.63 36.23 -22.55
C LEU B 124 -35.50 36.66 -23.71
N GLY B 125 -36.48 35.87 -24.09
CA GLY B 125 -37.28 36.15 -25.27
C GLY B 125 -36.61 35.78 -26.57
N TRP B 126 -35.54 35.00 -26.55
CA TRP B 126 -34.90 34.61 -27.81
C TRP B 126 -35.57 33.39 -28.42
N ILE B 127 -36.20 32.54 -27.61
CA ILE B 127 -37.04 31.46 -28.11
C ILE B 127 -38.30 31.46 -27.26
N LYS B 128 -39.27 30.65 -27.68
CA LYS B 128 -40.52 30.48 -26.96
C LYS B 128 -40.73 28.99 -26.76
N LEU B 129 -40.81 28.56 -25.51
CA LEU B 129 -41.16 27.18 -25.19
C LEU B 129 -42.67 26.96 -25.17
N LYS B 130 -43.08 25.72 -25.44
CA LYS B 130 -44.48 25.33 -25.35
C LYS B 130 -45.01 25.48 -23.92
N ASP B 131 -46.32 25.65 -23.83
CA ASP B 131 -47.01 25.74 -22.54
C ASP B 131 -47.00 24.42 -21.80
N GLY B 132 -46.97 24.51 -20.47
CA GLY B 132 -47.24 23.34 -19.66
C GLY B 132 -46.16 22.29 -19.65
N ILE B 133 -44.95 22.60 -20.11
CA ILE B 133 -43.89 21.58 -20.13
C ILE B 133 -43.22 21.47 -18.76
N ASN B 134 -42.50 20.36 -18.58
CA ASN B 134 -41.63 20.16 -17.43
C ASN B 134 -40.35 20.96 -17.67
N PRO B 135 -40.06 22.00 -16.90
CA PRO B 135 -38.84 22.76 -17.19
C PRO B 135 -37.57 21.96 -17.03
N LEU B 136 -37.57 20.95 -16.14
CA LEU B 136 -36.36 20.18 -15.90
C LEU B 136 -35.99 19.27 -17.06
N THR B 137 -36.92 18.97 -17.96
CA THR B 137 -36.62 18.12 -19.10
C THR B 137 -36.86 18.83 -20.43
N ALA B 138 -36.89 20.17 -20.42
CA ALA B 138 -37.08 20.91 -21.65
C ALA B 138 -36.08 20.48 -22.71
N SER B 139 -36.59 20.21 -23.90
CA SER B 139 -35.80 19.72 -25.02
C SER B 139 -36.18 20.46 -26.30
N LYS B 140 -35.46 20.15 -27.38
CA LYS B 140 -35.73 20.84 -28.63
C LYS B 140 -37.18 20.65 -29.08
N ALA B 141 -37.77 19.48 -28.82
CA ALA B 141 -39.16 19.22 -29.17
C ALA B 141 -40.14 20.12 -28.43
N ASP B 142 -39.72 20.74 -27.32
CA ASP B 142 -40.55 21.61 -26.51
C ASP B 142 -40.51 23.06 -26.97
N ILE B 143 -39.73 23.36 -28.00
CA ILE B 143 -39.64 24.71 -28.54
C ILE B 143 -40.87 24.95 -29.43
N ALA B 144 -41.65 25.98 -29.07
CA ALA B 144 -42.82 26.37 -29.87
C ALA B 144 -42.39 27.18 -31.07
N GLU B 145 -41.49 28.12 -30.86
CA GLU B 145 -40.99 28.97 -31.92
C GLU B 145 -39.58 29.42 -31.56
N ASN B 146 -38.67 29.31 -32.53
CA ASN B 146 -37.33 29.88 -32.38
C ASN B 146 -37.40 31.32 -32.87
N LEU B 147 -37.80 32.20 -31.96
CA LEU B 147 -38.17 33.58 -32.31
C LEU B 147 -37.05 34.30 -33.02
N LYS B 148 -35.83 34.20 -32.51
CA LYS B 148 -34.69 34.86 -33.11
C LYS B 148 -33.83 33.92 -33.94
N ASN B 149 -34.35 32.75 -34.29
CA ASN B 149 -33.62 31.75 -35.07
C ASN B 149 -32.21 31.54 -34.51
N ILE B 150 -32.13 31.50 -33.18
CA ILE B 150 -30.87 31.19 -32.51
C ILE B 150 -30.34 29.85 -33.01
N LYS B 151 -29.05 29.79 -33.30
CA LYS B 151 -28.40 28.52 -33.61
C LYS B 151 -27.67 28.09 -32.34
N ILE B 152 -28.17 27.03 -31.72
CA ILE B 152 -27.62 26.53 -30.46
C ILE B 152 -26.53 25.53 -30.80
N VAL B 153 -25.33 25.81 -30.32
CA VAL B 153 -24.15 25.01 -30.61
C VAL B 153 -23.91 24.15 -29.38
N GLU B 154 -24.19 22.86 -29.48
CA GLU B 154 -24.10 21.94 -28.36
C GLU B 154 -22.70 21.34 -28.27
N LEU B 155 -22.11 21.44 -27.08
CA LEU B 155 -20.74 21.04 -26.82
C LEU B 155 -20.69 20.27 -25.51
N GLU B 156 -19.63 19.49 -25.34
CA GLU B 156 -19.37 18.91 -24.04
C GLU B 156 -19.14 20.05 -23.05
N ALA B 157 -19.70 19.94 -21.85
CA ALA B 157 -19.74 21.07 -20.94
C ALA B 157 -18.36 21.66 -20.69
N ALA B 158 -17.33 20.81 -20.60
CA ALA B 158 -16.02 21.37 -20.28
C ALA B 158 -15.48 22.28 -21.38
N GLN B 159 -16.00 22.16 -22.61
CA GLN B 159 -15.55 22.95 -23.74
C GLN B 159 -16.15 24.34 -23.79
N LEU B 160 -17.08 24.65 -22.89
CA LEU B 160 -17.85 25.89 -23.10
C LEU B 160 -17.03 27.17 -22.87
N PRO B 161 -16.14 27.26 -21.86
CA PRO B 161 -15.34 28.50 -21.77
C PRO B 161 -14.56 28.82 -23.04
N ARG B 162 -13.93 27.82 -23.66
CA ARG B 162 -13.20 28.03 -24.91
C ARG B 162 -14.11 28.33 -26.10
N SER B 163 -15.39 27.96 -26.03
CA SER B 163 -16.29 28.20 -27.16
C SER B 163 -16.56 29.67 -27.37
N ARG B 164 -16.27 30.52 -26.38
CA ARG B 164 -16.56 31.94 -26.49
C ARG B 164 -15.84 32.59 -27.66
N ALA B 165 -14.77 31.97 -28.15
CA ALA B 165 -14.07 32.50 -29.31
C ALA B 165 -14.83 32.24 -30.59
N ASP B 166 -15.76 31.28 -30.57
CA ASP B 166 -16.38 30.75 -31.76
C ASP B 166 -17.86 31.08 -31.89
N VAL B 167 -18.49 31.56 -30.82
CA VAL B 167 -19.92 31.81 -30.81
C VAL B 167 -20.19 33.20 -30.27
N ASP B 168 -21.41 33.68 -30.53
CA ASP B 168 -21.80 35.01 -30.07
C ASP B 168 -21.96 35.04 -28.56
N PHE B 169 -22.57 34.00 -27.98
CA PHE B 169 -22.76 33.93 -26.54
C PHE B 169 -22.55 32.50 -26.09
N ALA B 170 -22.06 32.33 -24.87
CA ALA B 170 -21.80 31.01 -24.31
C ALA B 170 -22.50 30.84 -22.97
N VAL B 171 -23.27 29.78 -22.83
CA VAL B 171 -23.89 29.46 -21.55
C VAL B 171 -22.98 28.44 -20.88
N VAL B 172 -22.35 28.84 -19.77
CA VAL B 172 -21.20 28.12 -19.18
C VAL B 172 -21.58 27.69 -17.77
N ASN B 173 -21.37 26.40 -17.49
CA ASN B 173 -21.58 25.90 -16.14
C ASN B 173 -20.61 26.56 -15.17
N GLY B 174 -21.11 26.84 -13.97
CA GLY B 174 -20.34 27.61 -13.00
C GLY B 174 -18.99 27.01 -12.66
N ASN B 175 -18.93 25.69 -12.46
CA ASN B 175 -17.66 25.09 -12.07
C ASN B 175 -16.61 25.32 -13.13
N TYR B 176 -16.99 25.23 -14.41
CA TYR B 176 -16.00 25.41 -15.48
C TYR B 176 -15.71 26.89 -15.70
N ALA B 177 -16.71 27.76 -15.51
CA ALA B 177 -16.47 29.20 -15.58
C ALA B 177 -15.41 29.61 -14.56
N ILE B 178 -15.60 29.24 -13.28
CA ILE B 178 -14.66 29.63 -12.24
C ILE B 178 -13.25 29.10 -12.55
N SER B 179 -13.14 27.82 -12.93
CA SER B 179 -11.82 27.23 -13.11
C SER B 179 -11.13 27.70 -14.37
N SER B 180 -11.84 28.37 -15.28
CA SER B 180 -11.24 28.92 -16.47
C SER B 180 -10.92 30.40 -16.30
N GLY B 181 -11.12 30.93 -15.10
CA GLY B 181 -10.83 32.31 -14.82
C GLY B 181 -11.95 33.26 -15.15
N MET B 182 -13.11 32.75 -15.50
CA MET B 182 -14.26 33.64 -15.66
C MET B 182 -14.81 34.05 -14.30
N LYS B 183 -15.38 35.24 -14.23
CA LYS B 183 -16.00 35.72 -13.00
C LYS B 183 -17.51 35.71 -13.17
N LEU B 184 -18.23 35.34 -12.11
CA LEU B 184 -19.69 35.24 -12.21
C LEU B 184 -20.32 36.58 -12.57
N THR B 185 -19.70 37.68 -12.15
CA THR B 185 -20.22 39.00 -12.45
C THR B 185 -20.11 39.36 -13.93
N GLU B 186 -19.33 38.61 -14.70
CA GLU B 186 -19.23 38.82 -16.14
C GLU B 186 -20.43 38.29 -16.90
N ALA B 187 -21.31 37.53 -16.27
CA ALA B 187 -22.45 37.00 -16.99
C ALA B 187 -23.39 38.15 -17.40
N LEU B 188 -23.93 38.04 -18.61
CA LEU B 188 -24.96 38.98 -19.06
C LEU B 188 -26.32 38.66 -18.48
N PHE B 189 -26.55 37.41 -18.10
CA PHE B 189 -27.80 36.95 -17.54
C PHE B 189 -27.48 35.69 -16.76
N GLN B 190 -27.88 35.65 -15.50
CA GLN B 190 -27.64 34.49 -14.66
C GLN B 190 -28.97 33.76 -14.42
N GLU B 191 -28.91 32.44 -14.45
CA GLU B 191 -30.08 31.64 -14.21
C GLU B 191 -30.72 32.04 -12.90
N PRO B 192 -32.02 32.39 -12.87
CA PRO B 192 -32.62 32.77 -11.58
C PRO B 192 -32.94 31.59 -10.68
N SER B 193 -33.16 30.41 -11.23
CA SER B 193 -33.58 29.24 -10.49
C SER B 193 -32.66 28.86 -9.32
N PHE B 194 -33.26 28.21 -8.30
CA PHE B 194 -32.51 27.51 -7.26
C PHE B 194 -32.63 25.99 -7.35
N ALA B 195 -33.28 25.47 -8.41
CA ALA B 195 -33.47 24.03 -8.56
C ALA B 195 -32.18 23.27 -8.86
N TYR B 196 -31.09 23.95 -9.19
CA TYR B 196 -29.83 23.32 -9.59
C TYR B 196 -28.68 23.54 -8.61
N VAL B 197 -28.98 23.96 -7.37
CA VAL B 197 -27.99 23.93 -6.31
C VAL B 197 -27.55 22.48 -6.14
N ASN B 198 -26.25 22.26 -6.10
CA ASN B 198 -25.71 20.90 -6.23
C ASN B 198 -25.88 20.10 -4.95
N TRP B 199 -25.84 18.76 -5.12
CA TRP B 199 -26.01 17.80 -4.05
C TRP B 199 -24.80 16.87 -4.00
N SER B 200 -24.46 16.43 -2.80
CA SER B 200 -23.61 15.25 -2.64
C SER B 200 -24.41 14.00 -2.96
N ALA B 201 -23.71 12.95 -3.37
CA ALA B 201 -24.34 11.67 -3.69
C ALA B 201 -23.48 10.54 -3.12
N VAL B 202 -24.16 9.46 -2.68
CA VAL B 202 -23.51 8.26 -2.13
C VAL B 202 -24.23 7.04 -2.67
N LYS B 203 -23.60 5.88 -2.51
CA LYS B 203 -24.32 4.63 -2.73
C LYS B 203 -25.44 4.52 -1.69
N THR B 204 -26.60 4.07 -2.14
CA THR B 204 -27.75 4.05 -1.25
C THR B 204 -27.47 3.23 -0.01
N ALA B 205 -26.68 2.16 -0.14
CA ALA B 205 -26.33 1.30 0.99
C ALA B 205 -25.59 2.06 2.09
N ASP B 206 -24.97 3.19 1.78
CA ASP B 206 -24.23 3.94 2.78
C ASP B 206 -25.03 5.07 3.42
N LYS B 207 -26.31 5.21 3.07
CA LYS B 207 -27.06 6.40 3.43
C LYS B 207 -27.14 6.62 4.94
N ASP B 208 -27.15 5.54 5.72
CA ASP B 208 -27.33 5.62 7.17
C ASP B 208 -26.04 5.48 7.94
N SER B 209 -24.90 5.55 7.27
CA SER B 209 -23.62 5.34 7.91
C SER B 209 -23.25 6.50 8.84
N GLN B 210 -22.44 6.19 9.85
CA GLN B 210 -21.94 7.24 10.74
C GLN B 210 -20.99 8.16 9.99
N TRP B 211 -20.15 7.62 9.12
CA TRP B 211 -19.21 8.49 8.41
C TRP B 211 -19.96 9.54 7.61
N LEU B 212 -21.09 9.16 6.98
CA LEU B 212 -21.87 10.12 6.19
C LEU B 212 -22.52 11.17 7.08
N LYS B 213 -22.97 10.77 8.28
CA LYS B 213 -23.47 11.73 9.24
C LYS B 213 -22.40 12.78 9.59
N ASP B 214 -21.16 12.33 9.79
CA ASP B 214 -20.07 13.25 10.11
C ASP B 214 -19.73 14.15 8.92
N VAL B 215 -19.78 13.63 7.69
CA VAL B 215 -19.56 14.47 6.51
C VAL B 215 -20.66 15.52 6.40
N THR B 216 -21.92 15.09 6.59
CA THR B 216 -23.04 16.01 6.49
C THR B 216 -22.92 17.16 7.49
N GLU B 217 -22.55 16.86 8.73
CA GLU B 217 -22.32 17.91 9.72
C GLU B 217 -21.21 18.84 9.29
N ALA B 218 -20.13 18.30 8.72
CA ALA B 218 -19.01 19.16 8.32
C ALA B 218 -19.45 20.20 7.28
N TYR B 219 -20.30 19.82 6.34
CA TYR B 219 -20.79 20.70 5.29
C TYR B 219 -21.90 21.62 5.77
N ASN B 220 -22.36 21.49 7.02
CA ASN B 220 -23.43 22.33 7.53
C ASN B 220 -23.08 23.03 8.83
N SER B 221 -21.81 23.04 9.22
CA SER B 221 -21.36 23.69 10.43
C SER B 221 -21.31 25.21 10.24
N ASP B 222 -21.36 25.92 11.37
CA ASP B 222 -21.20 27.38 11.32
C ASP B 222 -19.88 27.77 10.68
N ALA B 223 -18.81 27.00 10.97
CA ALA B 223 -17.49 27.30 10.41
C ALA B 223 -17.48 27.13 8.89
N PHE B 224 -18.12 26.07 8.38
CA PHE B 224 -18.13 25.90 6.92
C PHE B 224 -18.91 27.03 6.25
N LYS B 225 -20.07 27.41 6.80
CA LYS B 225 -20.87 28.50 6.23
C LYS B 225 -20.09 29.80 6.21
N ALA B 226 -19.37 30.07 7.28
CA ALA B 226 -18.56 31.30 7.32
C ALA B 226 -17.46 31.27 6.26
N TYR B 227 -16.78 30.13 6.14
CA TYR B 227 -15.77 29.97 5.08
C TYR B 227 -16.40 30.14 3.71
N ALA B 228 -17.53 29.47 3.45
CA ALA B 228 -18.13 29.48 2.12
C ALA B 228 -18.58 30.87 1.73
N HIS B 229 -19.16 31.63 2.66
CA HIS B 229 -19.72 32.92 2.29
C HIS B 229 -18.67 33.87 1.72
N LYS B 230 -17.42 33.76 2.17
CA LYS B 230 -16.35 34.58 1.59
C LYS B 230 -15.57 33.89 0.48
N ARG B 231 -15.27 32.59 0.61
CA ARG B 231 -14.49 31.92 -0.42
C ARG B 231 -15.26 31.83 -1.73
N PHE B 232 -16.59 31.69 -1.66
CA PHE B 232 -17.40 31.42 -2.85
C PHE B 232 -18.46 32.51 -2.98
N GLU B 233 -18.02 33.75 -3.12
CA GLU B 233 -18.97 34.85 -3.28
C GLU B 233 -19.79 34.70 -4.54
N GLY B 234 -21.06 34.95 -4.40
CA GLY B 234 -21.98 34.85 -5.51
C GLY B 234 -22.53 33.48 -5.73
N TYR B 235 -22.13 32.51 -4.91
CA TYR B 235 -22.67 31.15 -5.06
C TYR B 235 -24.05 31.06 -4.41
N LYS B 236 -24.86 30.12 -4.91
CA LYS B 236 -26.17 29.83 -4.36
C LYS B 236 -26.07 28.81 -3.24
N SER B 237 -26.75 29.09 -2.13
CA SER B 237 -26.65 28.31 -0.92
C SER B 237 -27.64 27.17 -0.91
N PRO B 238 -27.31 26.14 -0.15
CA PRO B 238 -28.30 25.09 0.14
C PRO B 238 -29.61 25.65 0.64
N ALA B 239 -30.71 25.06 0.16
CA ALA B 239 -32.03 25.49 0.59
C ALA B 239 -32.18 25.42 2.10
N ALA B 240 -31.61 24.37 2.71
CA ALA B 240 -31.77 24.14 4.14
C ALA B 240 -31.10 25.23 4.96
N TRP B 241 -30.13 25.96 4.40
CA TRP B 241 -29.51 27.05 5.15
C TRP B 241 -30.48 28.22 5.33
N ASN B 242 -31.59 28.21 4.59
CA ASN B 242 -32.69 29.17 4.78
C ASN B 242 -32.19 30.59 4.97
N GLU B 243 -31.38 31.03 4.01
CA GLU B 243 -30.84 32.38 4.07
C GLU B 243 -31.85 33.42 3.61
N LYS C 3 -14.49 -6.79 11.19
CA LYS C 3 -13.59 -7.95 11.36
C LYS C 3 -13.22 -8.51 9.98
N GLU C 4 -11.94 -8.52 9.64
CA GLU C 4 -11.47 -8.98 8.35
C GLU C 4 -10.79 -10.32 8.55
N ILE C 5 -11.32 -11.36 7.93
CA ILE C 5 -10.76 -12.71 8.05
C ILE C 5 -9.86 -12.97 6.86
N VAL C 6 -8.58 -13.24 7.10
CA VAL C 6 -7.61 -13.48 6.05
C VAL C 6 -7.36 -14.98 5.95
N PHE C 7 -7.76 -15.55 4.83
CA PHE C 7 -7.56 -16.96 4.49
C PHE C 7 -6.29 -17.14 3.70
N GLY C 8 -5.58 -18.25 3.96
CA GLY C 8 -4.54 -18.70 3.06
C GLY C 8 -4.84 -20.11 2.57
N THR C 9 -4.71 -20.34 1.28
CA THR C 9 -4.96 -21.65 0.67
C THR C 9 -3.91 -21.89 -0.39
N THR C 10 -3.80 -23.17 -0.82
CA THR C 10 -3.10 -23.43 -2.06
C THR C 10 -3.92 -22.91 -3.24
N VAL C 11 -3.25 -22.77 -4.39
CA VAL C 11 -3.92 -22.37 -5.61
C VAL C 11 -4.99 -23.41 -5.99
N GLY C 12 -6.09 -22.96 -6.58
CA GLY C 12 -7.06 -23.87 -7.17
C GLY C 12 -8.24 -24.14 -6.22
N ASP C 13 -8.50 -25.43 -5.96
CA ASP C 13 -9.80 -25.82 -5.42
C ASP C 13 -10.11 -25.15 -4.08
N PHE C 14 -9.15 -25.13 -3.15
CA PHE C 14 -9.46 -24.57 -1.81
C PHE C 14 -9.69 -23.05 -1.88
N GLY C 15 -9.03 -22.37 -2.83
CA GLY C 15 -9.27 -20.95 -3.02
C GLY C 15 -10.62 -20.68 -3.67
N ASP C 16 -11.02 -21.53 -4.61
CA ASP C 16 -12.34 -21.44 -5.21
C ASP C 16 -13.45 -21.59 -4.16
N MET C 17 -13.30 -22.52 -3.22
CA MET C 17 -14.30 -22.64 -2.16
C MET C 17 -14.53 -21.30 -1.46
N VAL C 18 -13.45 -20.56 -1.18
CA VAL C 18 -13.58 -19.29 -0.48
C VAL C 18 -14.30 -18.27 -1.38
N LYS C 19 -13.79 -18.08 -2.60
CA LYS C 19 -14.29 -17.00 -3.44
C LYS C 19 -15.70 -17.30 -3.93
N GLU C 20 -16.03 -18.56 -4.17
CA GLU C 20 -17.30 -18.91 -4.78
C GLU C 20 -18.42 -19.13 -3.78
N GLN C 21 -18.10 -19.47 -2.53
CA GLN C 21 -19.16 -19.79 -1.58
C GLN C 21 -18.94 -19.22 -0.16
N ILE C 22 -17.74 -19.40 0.41
CA ILE C 22 -17.55 -19.06 1.82
C ILE C 22 -17.57 -17.57 2.01
N GLN C 23 -16.91 -16.84 1.12
CA GLN C 23 -16.78 -15.40 1.30
C GLN C 23 -18.15 -14.75 1.39
N ALA C 24 -19.06 -15.13 0.49
CA ALA C 24 -20.41 -14.56 0.52
C ALA C 24 -21.15 -14.90 1.81
N GLU C 25 -21.01 -16.15 2.30
CA GLU C 25 -21.63 -16.52 3.57
C GLU C 25 -21.11 -15.64 4.71
N LEU C 26 -19.82 -15.33 4.72
CA LEU C 26 -19.28 -14.57 5.83
C LEU C 26 -19.61 -13.09 5.70
N GLU C 27 -19.66 -12.59 4.46
CA GLU C 27 -20.05 -11.20 4.26
C GLU C 27 -21.49 -10.96 4.71
N LYS C 28 -22.36 -11.95 4.56
CA LYS C 28 -23.74 -11.82 5.03
C LYS C 28 -23.79 -11.58 6.54
N LYS C 29 -22.78 -12.03 7.27
CA LYS C 29 -22.69 -11.79 8.71
C LYS C 29 -21.86 -10.55 9.04
N GLY C 30 -21.44 -9.79 8.03
CA GLY C 30 -20.77 -8.53 8.29
C GLY C 30 -19.26 -8.59 8.22
N TYR C 31 -18.66 -9.75 7.99
CA TYR C 31 -17.23 -9.83 7.86
C TYR C 31 -16.78 -9.35 6.48
N THR C 32 -15.55 -8.88 6.40
CA THR C 32 -14.85 -8.83 5.12
C THR C 32 -13.83 -9.97 5.06
N VAL C 33 -13.46 -10.34 3.84
CA VAL C 33 -12.66 -11.53 3.60
C VAL C 33 -11.53 -11.19 2.64
N LYS C 34 -10.34 -11.69 2.95
CA LYS C 34 -9.20 -11.60 2.09
C LYS C 34 -8.69 -13.01 1.85
N LEU C 35 -8.25 -13.29 0.62
CA LEU C 35 -7.70 -14.60 0.27
C LEU C 35 -6.29 -14.42 -0.25
N VAL C 36 -5.36 -15.16 0.31
CA VAL C 36 -3.98 -15.23 -0.16
C VAL C 36 -3.76 -16.65 -0.62
N GLU C 37 -3.32 -16.82 -1.86
CA GLU C 37 -3.06 -18.14 -2.39
C GLU C 37 -1.56 -18.36 -2.51
N PHE C 38 -1.16 -19.60 -2.24
CA PHE C 38 0.22 -20.02 -2.16
C PHE C 38 0.45 -21.16 -3.14
N THR C 39 1.62 -21.19 -3.74
CA THR C 39 1.93 -22.24 -4.68
C THR C 39 2.61 -23.44 -4.03
N ASP C 40 3.11 -23.30 -2.80
CA ASP C 40 3.84 -24.34 -2.10
C ASP C 40 3.16 -24.68 -0.77
N TYR C 41 3.55 -25.83 -0.22
CA TYR C 41 3.00 -26.31 1.04
C TYR C 41 3.70 -25.74 2.27
N VAL C 42 4.76 -24.96 2.11
CA VAL C 42 5.62 -24.60 3.24
C VAL C 42 5.27 -23.20 3.82
N ARG C 43 5.04 -22.22 2.99
CA ARG C 43 4.75 -20.89 3.51
C ARG C 43 3.44 -20.80 4.30
N PRO C 44 2.35 -21.49 3.96
CA PRO C 44 1.05 -21.16 4.62
C PRO C 44 1.05 -21.29 6.15
N ASN C 45 1.66 -22.33 6.73
CA ASN C 45 1.64 -22.46 8.19
C ASN C 45 2.53 -21.40 8.84
N LEU C 46 3.62 -21.02 8.16
CA LEU C 46 4.51 -20.01 8.73
C LEU C 46 3.84 -18.63 8.68
N ALA C 47 3.15 -18.32 7.59
CA ALA C 47 2.39 -17.06 7.50
C ALA C 47 1.27 -17.01 8.54
N LEU C 48 0.58 -18.14 8.73
CA LEU C 48 -0.43 -18.23 9.80
C LEU C 48 0.19 -17.98 11.18
N ALA C 49 1.28 -18.66 11.50
CA ALA C 49 1.85 -18.61 12.84
C ALA C 49 2.39 -17.22 13.13
N GLU C 50 2.91 -16.57 12.11
CA GLU C 50 3.50 -15.23 12.22
C GLU C 50 2.47 -14.11 12.15
N GLY C 51 1.19 -14.42 11.94
CA GLY C 51 0.14 -13.41 12.01
C GLY C 51 -0.35 -12.85 10.69
N GLU C 52 0.20 -13.30 9.55
CA GLU C 52 -0.23 -12.79 8.27
C GLU C 52 -1.59 -13.35 7.84
N LEU C 53 -1.93 -14.55 8.30
CA LEU C 53 -3.22 -15.17 8.03
C LEU C 53 -3.94 -15.43 9.34
N ASP C 54 -5.27 -15.44 9.28
CA ASP C 54 -6.09 -15.90 10.38
C ASP C 54 -6.37 -17.41 10.30
N ILE C 55 -6.43 -17.95 9.10
CA ILE C 55 -6.77 -19.36 8.92
C ILE C 55 -6.17 -19.81 7.60
N ASN C 56 -5.71 -21.07 7.56
CA ASN C 56 -5.32 -21.65 6.28
C ASN C 56 -6.07 -22.97 6.06
N VAL C 57 -6.20 -23.30 4.80
CA VAL C 57 -6.93 -24.49 4.33
C VAL C 57 -6.12 -25.10 3.20
N PHE C 58 -5.25 -26.07 3.51
CA PHE C 58 -4.47 -26.68 2.46
C PHE C 58 -3.88 -28.05 2.77
N GLN C 59 -4.02 -28.54 4.01
CA GLN C 59 -3.17 -29.63 4.47
C GLN C 59 -3.96 -30.68 5.22
N HIS C 60 -3.37 -31.88 5.30
CA HIS C 60 -3.88 -32.91 6.18
C HIS C 60 -3.18 -32.91 7.53
N LYS C 61 -3.73 -33.69 8.46
CA LYS C 61 -3.25 -33.63 9.83
C LYS C 61 -1.84 -34.21 9.99
N PRO C 62 -1.48 -35.32 9.34
CA PRO C 62 -0.07 -35.75 9.42
C PRO C 62 0.90 -34.66 8.97
N TYR C 63 0.56 -33.91 7.91
CA TYR C 63 1.42 -32.81 7.47
C TYR C 63 1.51 -31.74 8.55
N LEU C 64 0.37 -31.33 9.10
CA LEU C 64 0.35 -30.28 10.13
C LEU C 64 1.15 -30.70 11.36
N ASP C 65 0.91 -31.93 11.83
CA ASP C 65 1.62 -32.41 13.01
C ASP C 65 3.12 -32.42 12.80
N ASP C 66 3.57 -32.86 11.63
CA ASP C 66 4.99 -32.88 11.36
C ASP C 66 5.53 -31.45 11.25
N PHE C 67 4.82 -30.60 10.52
CA PHE C 67 5.29 -29.25 10.28
C PHE C 67 5.34 -28.41 11.55
N LYS C 68 4.28 -28.45 12.37
CA LYS C 68 4.26 -27.61 13.56
C LYS C 68 5.32 -28.05 14.57
N LYS C 69 5.67 -29.33 14.60
CA LYS C 69 6.75 -29.78 15.49
C LYS C 69 8.10 -29.32 14.95
N GLU C 70 8.36 -29.55 13.67
CA GLU C 70 9.66 -29.19 13.11
C GLU C 70 9.91 -27.68 13.17
N HIS C 71 8.87 -26.88 12.97
CA HIS C 71 9.02 -25.44 12.88
C HIS C 71 8.57 -24.72 14.16
N ASN C 72 8.24 -25.46 15.22
CA ASN C 72 7.90 -24.90 16.52
C ASN C 72 6.76 -23.88 16.41
N LEU C 73 5.62 -24.32 15.86
CA LEU C 73 4.47 -23.44 15.61
C LEU C 73 3.31 -23.79 16.53
N ASP C 74 2.70 -22.76 17.11
CA ASP C 74 1.58 -22.91 18.03
C ASP C 74 0.27 -22.76 17.25
N ILE C 75 0.00 -23.78 16.40
CA ILE C 75 -1.16 -23.79 15.53
C ILE C 75 -1.85 -25.14 15.71
N THR C 76 -3.10 -25.21 15.24
CA THR C 76 -3.91 -26.41 15.48
C THR C 76 -4.99 -26.54 14.42
N GLU C 77 -5.45 -27.78 14.21
CA GLU C 77 -6.52 -28.03 13.26
C GLU C 77 -7.90 -27.66 13.84
N VAL C 78 -8.85 -27.34 12.96
CA VAL C 78 -10.18 -26.94 13.42
C VAL C 78 -11.30 -27.81 12.80
N PHE C 79 -11.47 -27.79 11.48
CA PHE C 79 -12.54 -28.55 10.83
C PHE C 79 -12.03 -29.08 9.51
N GLN C 80 -12.67 -30.16 9.02
CA GLN C 80 -12.26 -30.73 7.75
C GLN C 80 -13.01 -30.07 6.58
N VAL C 81 -12.43 -30.24 5.40
CA VAL C 81 -12.96 -29.67 4.16
C VAL C 81 -12.94 -30.75 3.07
N PRO C 82 -13.79 -30.63 2.05
CA PRO C 82 -13.71 -31.56 0.92
C PRO C 82 -12.33 -31.57 0.29
N THR C 83 -11.81 -32.77 0.03
CA THR C 83 -10.40 -32.94 -0.27
C THR C 83 -10.22 -33.77 -1.53
N ALA C 84 -9.40 -33.30 -2.45
CA ALA C 84 -9.07 -34.11 -3.61
C ALA C 84 -8.16 -35.25 -3.17
N PRO C 85 -8.50 -36.49 -3.48
CA PRO C 85 -7.68 -37.60 -2.99
C PRO C 85 -6.37 -37.78 -3.74
N LEU C 86 -5.46 -38.52 -3.09
CA LEU C 86 -4.18 -38.92 -3.66
C LEU C 86 -4.40 -40.09 -4.62
N GLY C 87 -3.75 -40.04 -5.76
CA GLY C 87 -3.87 -41.09 -6.77
C GLY C 87 -2.55 -41.35 -7.43
N LEU C 88 -2.40 -42.59 -7.90
CA LEU C 88 -1.32 -42.96 -8.79
C LEU C 88 -1.85 -42.85 -10.21
N TYR C 89 -1.13 -42.11 -11.03
CA TYR C 89 -1.61 -41.75 -12.35
C TYR C 89 -0.68 -42.29 -13.42
N PRO C 90 -1.21 -42.54 -14.62
CA PRO C 90 -0.34 -42.97 -15.72
C PRO C 90 0.69 -41.93 -16.05
N GLY C 91 1.92 -42.38 -16.25
CA GLY C 91 2.96 -41.59 -16.86
C GLY C 91 3.30 -42.14 -18.23
N LYS C 92 4.54 -42.61 -18.39
CA LYS C 92 4.92 -43.27 -19.63
C LYS C 92 4.18 -44.59 -19.81
N LEU C 93 3.79 -45.23 -18.70
CA LEU C 93 2.99 -46.45 -18.73
C LEU C 93 1.55 -46.14 -18.35
N LYS C 94 0.60 -46.90 -18.93
CA LYS C 94 -0.81 -46.50 -18.91
C LYS C 94 -1.67 -47.40 -18.05
N SER C 95 -1.14 -48.49 -17.49
CA SER C 95 -1.94 -49.38 -16.66
C SER C 95 -1.05 -50.03 -15.62
N LEU C 96 -1.66 -50.42 -14.50
CA LEU C 96 -0.92 -51.06 -13.40
C LEU C 96 -0.28 -52.37 -13.85
N GLU C 97 -0.96 -53.12 -14.71
CA GLU C 97 -0.41 -54.39 -15.20
C GLU C 97 0.83 -54.21 -16.05
N GLU C 98 1.10 -52.99 -16.54
CA GLU C 98 2.31 -52.74 -17.31
C GLU C 98 3.54 -52.53 -16.46
N VAL C 99 3.40 -52.45 -15.13
CA VAL C 99 4.57 -52.23 -14.29
C VAL C 99 5.61 -53.31 -14.60
N LYS C 100 6.87 -52.90 -14.61
CA LYS C 100 8.00 -53.79 -14.87
C LYS C 100 8.98 -53.69 -13.71
N ASP C 101 9.86 -54.67 -13.62
CA ASP C 101 11.01 -54.54 -12.73
C ASP C 101 11.76 -53.26 -13.08
N GLY C 102 12.02 -52.44 -12.07
CA GLY C 102 12.71 -51.18 -12.31
C GLY C 102 11.83 -50.04 -12.77
N SER C 103 10.52 -50.20 -12.81
CA SER C 103 9.65 -49.10 -13.22
C SER C 103 9.85 -47.91 -12.28
N THR C 104 9.73 -46.71 -12.84
CA THR C 104 9.90 -45.48 -12.05
C THR C 104 8.55 -44.95 -11.59
N VAL C 105 8.52 -44.48 -10.34
CA VAL C 105 7.34 -43.86 -9.75
C VAL C 105 7.77 -42.55 -9.11
N SER C 106 7.16 -41.44 -9.54
CA SER C 106 7.48 -40.16 -8.92
C SER C 106 6.64 -39.96 -7.67
N ALA C 107 7.20 -39.22 -6.72
CA ALA C 107 6.61 -39.08 -5.39
C ALA C 107 6.97 -37.72 -4.82
N PRO C 108 6.11 -37.13 -3.99
CA PRO C 108 6.52 -35.90 -3.28
C PRO C 108 7.62 -36.21 -2.28
N ASN C 109 8.46 -35.22 -2.00
CA ASN C 109 9.66 -35.44 -1.21
C ASN C 109 9.53 -34.98 0.24
N ASP C 110 8.36 -34.58 0.66
CA ASP C 110 8.20 -34.23 2.06
C ASP C 110 7.73 -35.46 2.85
N PRO C 111 8.11 -35.58 4.14
CA PRO C 111 7.98 -36.89 4.82
C PRO C 111 6.55 -37.39 4.97
N SER C 112 5.58 -36.54 5.32
CA SER C 112 4.25 -37.12 5.57
C SER C 112 3.55 -37.53 4.26
N ASN C 113 3.82 -36.82 3.17
CA ASN C 113 3.24 -37.26 1.90
C ASN C 113 4.03 -38.41 1.26
N PHE C 114 5.36 -38.44 1.45
CA PHE C 114 6.15 -39.58 0.98
C PHE C 114 5.69 -40.87 1.62
N ALA C 115 5.31 -40.81 2.90
CA ALA C 115 4.77 -41.99 3.58
C ALA C 115 3.59 -42.57 2.83
N ARG C 116 2.71 -41.70 2.33
CA ARG C 116 1.52 -42.14 1.61
C ARG C 116 1.88 -42.92 0.35
N VAL C 117 2.96 -42.52 -0.32
CA VAL C 117 3.35 -43.23 -1.53
C VAL C 117 3.84 -44.63 -1.18
N LEU C 118 4.65 -44.75 -0.13
CA LEU C 118 5.13 -46.07 0.26
C LEU C 118 3.98 -47.00 0.63
N VAL C 119 2.98 -46.47 1.35
CA VAL C 119 1.81 -47.25 1.71
C VAL C 119 1.04 -47.68 0.48
N MET C 120 0.92 -46.78 -0.51
CA MET C 120 0.23 -47.10 -1.76
C MET C 120 0.98 -48.16 -2.55
N LEU C 121 2.31 -48.05 -2.64
CA LEU C 121 3.08 -49.06 -3.34
C LEU C 121 2.96 -50.42 -2.65
N ASP C 122 2.86 -50.43 -1.32
CA ASP C 122 2.66 -51.68 -0.57
C ASP C 122 1.27 -52.26 -0.83
N GLU C 123 0.25 -51.41 -0.91
CA GLU C 123 -1.10 -51.86 -1.26
C GLU C 123 -1.14 -52.43 -2.67
N LEU C 124 -0.32 -51.90 -3.58
CA LEU C 124 -0.29 -52.41 -4.94
C LEU C 124 0.55 -53.68 -5.08
N GLY C 125 1.31 -54.04 -4.06
CA GLY C 125 2.23 -55.17 -4.13
C GLY C 125 3.54 -54.91 -4.83
N TRP C 126 3.90 -53.64 -5.06
CA TRP C 126 5.15 -53.33 -5.74
C TRP C 126 6.34 -53.25 -4.79
N ILE C 127 6.07 -52.99 -3.50
CA ILE C 127 7.06 -53.11 -2.44
C ILE C 127 6.34 -53.78 -1.28
N LYS C 128 7.11 -54.14 -0.26
CA LYS C 128 6.56 -54.73 0.95
C LYS C 128 7.13 -53.95 2.13
N LEU C 129 6.24 -53.35 2.93
CA LEU C 129 6.67 -52.68 4.14
C LEU C 129 6.81 -53.67 5.28
N LYS C 130 7.69 -53.35 6.22
CA LYS C 130 7.87 -54.18 7.39
C LYS C 130 6.58 -54.22 8.20
N ASP C 131 6.36 -55.34 8.88
CA ASP C 131 5.18 -55.46 9.73
C ASP C 131 5.30 -54.52 10.92
N GLY C 132 4.15 -54.00 11.34
CA GLY C 132 4.02 -53.23 12.56
C GLY C 132 4.58 -51.83 12.52
N ILE C 133 4.97 -51.31 11.36
CA ILE C 133 5.42 -49.92 11.31
C ILE C 133 4.18 -49.03 11.21
N ASN C 134 4.32 -47.80 11.66
CA ASN C 134 3.19 -46.88 11.56
C ASN C 134 3.12 -46.33 10.13
N PRO C 135 2.03 -46.58 9.39
CA PRO C 135 1.97 -46.08 8.01
C PRO C 135 2.06 -44.57 7.91
N LEU C 136 1.63 -43.83 8.93
CA LEU C 136 1.64 -42.37 8.81
C LEU C 136 3.05 -41.82 8.78
N THR C 137 4.05 -42.59 9.23
CA THR C 137 5.42 -42.12 9.21
C THR C 137 6.32 -43.05 8.40
N ALA C 138 5.71 -43.88 7.53
CA ALA C 138 6.46 -44.82 6.70
C ALA C 138 7.59 -44.12 5.96
N SER C 139 8.79 -44.68 6.07
CA SER C 139 9.98 -44.11 5.46
C SER C 139 10.75 -45.21 4.75
N LYS C 140 11.80 -44.82 4.02
CA LYS C 140 12.54 -45.82 3.25
C LYS C 140 13.08 -46.93 4.14
N ALA C 141 13.47 -46.62 5.37
CA ALA C 141 13.98 -47.62 6.29
C ALA C 141 12.94 -48.67 6.64
N ASP C 142 11.65 -48.38 6.43
CA ASP C 142 10.55 -49.29 6.75
C ASP C 142 10.25 -50.27 5.63
N ILE C 143 10.93 -50.19 4.49
CA ILE C 143 10.68 -51.10 3.39
C ILE C 143 11.35 -52.42 3.74
N ALA C 144 10.55 -53.49 3.79
CA ALA C 144 11.10 -54.83 4.03
C ALA C 144 11.73 -55.41 2.77
N GLU C 145 11.05 -55.27 1.64
CA GLU C 145 11.57 -55.76 0.37
C GLU C 145 11.02 -54.88 -0.75
N ASN C 146 11.90 -54.43 -1.64
CA ASN C 146 11.45 -53.72 -2.84
C ASN C 146 11.16 -54.75 -3.93
N LEU C 147 9.94 -55.31 -3.86
CA LEU C 147 9.58 -56.51 -4.63
C LEU C 147 9.79 -56.32 -6.13
N LYS C 148 9.38 -55.18 -6.68
CA LYS C 148 9.54 -54.92 -8.11
C LYS C 148 10.71 -53.99 -8.42
N ASN C 149 11.62 -53.79 -7.47
CA ASN C 149 12.74 -52.87 -7.64
C ASN C 149 12.29 -51.54 -8.22
N ILE C 150 11.18 -51.02 -7.70
CA ILE C 150 10.71 -49.69 -8.07
C ILE C 150 11.79 -48.65 -7.81
N LYS C 151 11.98 -47.74 -8.77
CA LYS C 151 12.83 -46.58 -8.62
C LYS C 151 11.92 -45.39 -8.28
N ILE C 152 11.96 -44.93 -7.03
CA ILE C 152 11.11 -43.83 -6.58
C ILE C 152 11.88 -42.54 -6.83
N VAL C 153 11.28 -41.66 -7.62
CA VAL C 153 11.87 -40.39 -8.00
C VAL C 153 11.20 -39.31 -7.16
N GLU C 154 11.93 -38.78 -6.20
CA GLU C 154 11.39 -37.81 -5.26
C GLU C 154 11.52 -36.40 -5.82
N LEU C 155 10.42 -35.67 -5.78
CA LEU C 155 10.33 -34.33 -6.35
C LEU C 155 9.59 -33.41 -5.39
N GLU C 156 9.79 -32.10 -5.54
CA GLU C 156 8.93 -31.18 -4.83
C GLU C 156 7.49 -31.38 -5.34
N ALA C 157 6.52 -31.34 -4.43
CA ALA C 157 5.15 -31.75 -4.72
C ALA C 157 4.56 -31.10 -5.98
N ALA C 158 4.85 -29.80 -6.23
CA ALA C 158 4.24 -29.12 -7.37
C ALA C 158 4.75 -29.64 -8.71
N GLN C 159 5.88 -30.36 -8.72
CA GLN C 159 6.47 -30.91 -9.93
C GLN C 159 5.78 -32.19 -10.40
N LEU C 160 4.92 -32.75 -9.62
CA LEU C 160 4.50 -34.11 -9.94
C LEU C 160 3.60 -34.20 -11.17
N PRO C 161 2.67 -33.28 -11.43
CA PRO C 161 1.93 -33.39 -12.70
C PRO C 161 2.84 -33.41 -13.91
N ARG C 162 3.85 -32.53 -13.96
CA ARG C 162 4.75 -32.49 -15.11
C ARG C 162 5.65 -33.72 -15.18
N SER C 163 5.85 -34.43 -14.07
CA SER C 163 6.78 -35.56 -14.06
C SER C 163 6.28 -36.73 -14.89
N ARG C 164 5.00 -36.73 -15.25
CA ARG C 164 4.44 -37.84 -16.00
C ARG C 164 5.16 -38.06 -17.32
N ALA C 165 5.85 -37.03 -17.82
CA ALA C 165 6.63 -37.18 -19.05
C ALA C 165 7.92 -37.96 -18.83
N ASP C 166 8.34 -38.11 -17.57
CA ASP C 166 9.67 -38.60 -17.27
C ASP C 166 9.68 -39.93 -16.54
N VAL C 167 8.54 -40.37 -15.99
CA VAL C 167 8.48 -41.57 -15.17
C VAL C 167 7.34 -42.46 -15.64
N ASP C 168 7.38 -43.72 -15.23
CA ASP C 168 6.36 -44.66 -15.66
C ASP C 168 4.99 -44.31 -15.06
N PHE C 169 4.96 -43.94 -13.78
CA PHE C 169 3.75 -43.59 -13.04
C PHE C 169 4.07 -42.43 -12.13
N ALA C 170 3.08 -41.60 -11.86
CA ALA C 170 3.23 -40.43 -10.99
C ALA C 170 2.21 -40.50 -9.86
N VAL C 171 2.68 -40.35 -8.62
CA VAL C 171 1.75 -40.26 -7.50
C VAL C 171 1.60 -38.77 -7.21
N VAL C 172 0.40 -38.25 -7.42
CA VAL C 172 0.18 -36.80 -7.53
C VAL C 172 -0.83 -36.37 -6.48
N ASN C 173 -0.46 -35.35 -5.69
CA ASN C 173 -1.39 -34.78 -4.72
C ASN C 173 -2.60 -34.17 -5.43
N GLY C 174 -3.77 -34.34 -4.81
CA GLY C 174 -5.00 -33.98 -5.50
C GLY C 174 -5.06 -32.50 -5.88
N ASN C 175 -4.59 -31.61 -5.00
CA ASN C 175 -4.72 -30.19 -5.33
C ASN C 175 -3.94 -29.87 -6.58
N TYR C 176 -2.74 -30.45 -6.73
CA TYR C 176 -1.94 -30.19 -7.92
C TYR C 176 -2.46 -30.94 -9.14
N ALA C 177 -3.02 -32.13 -8.95
CA ALA C 177 -3.63 -32.81 -10.07
C ALA C 177 -4.74 -31.97 -10.67
N ILE C 178 -5.67 -31.51 -9.82
CA ILE C 178 -6.81 -30.75 -10.30
C ILE C 178 -6.35 -29.47 -11.01
N SER C 179 -5.39 -28.73 -10.42
CA SER C 179 -5.03 -27.45 -11.01
C SER C 179 -4.22 -27.60 -12.28
N SER C 180 -3.70 -28.80 -12.57
CA SER C 180 -3.01 -29.05 -13.81
C SER C 180 -3.93 -29.66 -14.86
N GLY C 181 -5.21 -29.81 -14.56
CA GLY C 181 -6.14 -30.32 -15.52
C GLY C 181 -6.21 -31.83 -15.56
N MET C 182 -5.57 -32.50 -14.60
CA MET C 182 -5.76 -33.93 -14.45
C MET C 182 -7.13 -34.20 -13.83
N LYS C 183 -7.73 -35.32 -14.19
CA LYS C 183 -9.02 -35.70 -13.64
C LYS C 183 -8.84 -36.86 -12.67
N LEU C 184 -9.59 -36.83 -11.57
CA LEU C 184 -9.44 -37.88 -10.59
C LEU C 184 -9.75 -39.23 -11.20
N THR C 185 -10.63 -39.25 -12.20
CA THR C 185 -11.01 -40.51 -12.85
C THR C 185 -9.87 -41.12 -13.65
N GLU C 186 -8.82 -40.35 -13.96
CA GLU C 186 -7.67 -40.86 -14.68
C GLU C 186 -6.72 -41.66 -13.80
N ALA C 187 -6.91 -41.64 -12.49
CA ALA C 187 -6.00 -42.36 -11.60
C ALA C 187 -6.14 -43.86 -11.82
N LEU C 188 -5.00 -44.55 -11.81
CA LEU C 188 -5.00 -46.02 -11.84
C LEU C 188 -5.30 -46.65 -10.48
N PHE C 189 -5.06 -45.91 -9.40
CA PHE C 189 -5.26 -46.34 -8.03
C PHE C 189 -5.42 -45.11 -7.14
N GLN C 190 -6.45 -45.10 -6.29
CA GLN C 190 -6.68 -44.01 -5.34
C GLN C 190 -6.49 -44.49 -3.91
N GLU C 191 -5.91 -43.64 -3.10
CA GLU C 191 -5.68 -43.94 -1.67
C GLU C 191 -7.00 -44.24 -0.97
N PRO C 192 -7.14 -45.41 -0.33
CA PRO C 192 -8.41 -45.74 0.34
C PRO C 192 -8.56 -45.13 1.72
N SER C 193 -7.45 -44.77 2.37
CA SER C 193 -7.53 -44.24 3.73
C SER C 193 -8.38 -42.97 3.76
N PHE C 194 -8.96 -42.70 4.92
CA PHE C 194 -9.57 -41.40 5.18
C PHE C 194 -8.72 -40.54 6.10
N ALA C 195 -7.51 -40.98 6.42
CA ALA C 195 -6.69 -40.27 7.40
C ALA C 195 -6.18 -38.94 6.90
N TYR C 196 -6.26 -38.68 5.59
CA TYR C 196 -5.66 -37.48 5.01
C TYR C 196 -6.69 -36.49 4.47
N VAL C 197 -7.95 -36.61 4.89
CA VAL C 197 -8.90 -35.55 4.58
C VAL C 197 -8.44 -34.27 5.25
N ASN C 198 -8.45 -33.17 4.50
CA ASN C 198 -7.72 -31.98 4.92
C ASN C 198 -8.45 -31.21 6.02
N TRP C 199 -7.68 -30.41 6.77
CA TRP C 199 -8.18 -29.64 7.89
C TRP C 199 -7.83 -28.18 7.68
N SER C 200 -8.70 -27.30 8.14
CA SER C 200 -8.29 -25.92 8.36
C SER C 200 -7.38 -25.84 9.59
N ALA C 201 -6.56 -24.80 9.63
CA ALA C 201 -5.68 -24.61 10.76
C ALA C 201 -5.68 -23.14 11.18
N VAL C 202 -5.57 -22.90 12.49
CA VAL C 202 -5.50 -21.55 13.06
C VAL C 202 -4.42 -21.49 14.14
N LYS C 203 -4.05 -20.28 14.52
CA LYS C 203 -3.26 -20.13 15.73
C LYS C 203 -4.09 -20.58 16.92
N THR C 204 -3.46 -21.29 17.85
CA THR C 204 -4.20 -21.86 18.97
C THR C 204 -4.93 -20.79 19.79
N ALA C 205 -4.35 -19.59 19.88
CA ALA C 205 -5.01 -18.52 20.62
C ALA C 205 -6.36 -18.15 20.04
N ASP C 206 -6.63 -18.49 18.77
CA ASP C 206 -7.87 -18.11 18.12
C ASP C 206 -8.93 -19.21 18.15
N LYS C 207 -8.67 -20.34 18.80
CA LYS C 207 -9.55 -21.50 18.66
C LYS C 207 -10.97 -21.22 19.14
N ASP C 208 -11.15 -20.35 20.14
CA ASP C 208 -12.47 -20.12 20.72
C ASP C 208 -13.12 -18.84 20.21
N SER C 209 -12.60 -18.24 19.15
CA SER C 209 -13.09 -16.97 18.68
C SER C 209 -14.46 -17.09 17.99
N GLN C 210 -15.21 -15.98 18.02
CA GLN C 210 -16.49 -15.95 17.34
C GLN C 210 -16.31 -16.03 15.83
N TRP C 211 -15.30 -15.33 15.28
CA TRP C 211 -15.09 -15.41 13.85
C TRP C 211 -14.82 -16.85 13.41
N LEU C 212 -14.06 -17.62 14.19
CA LEU C 212 -13.78 -18.99 13.78
C LEU C 212 -15.04 -19.85 13.82
N LYS C 213 -15.90 -19.62 14.81
CA LYS C 213 -17.17 -20.32 14.84
C LYS C 213 -18.00 -20.04 13.58
N ASP C 214 -18.01 -18.77 13.13
CA ASP C 214 -18.76 -18.42 11.93
C ASP C 214 -18.14 -19.03 10.68
N VAL C 215 -16.80 -19.08 10.58
CA VAL C 215 -16.16 -19.77 9.46
C VAL C 215 -16.50 -21.25 9.48
N THR C 216 -16.42 -21.87 10.66
CA THR C 216 -16.72 -23.29 10.76
C THR C 216 -18.15 -23.57 10.29
N GLU C 217 -19.08 -22.72 10.73
CA GLU C 217 -20.46 -22.86 10.30
C GLU C 217 -20.58 -22.71 8.79
N ALA C 218 -19.85 -21.76 8.21
CA ALA C 218 -19.93 -21.58 6.77
C ALA C 218 -19.48 -22.83 6.02
N TYR C 219 -18.43 -23.51 6.52
CA TYR C 219 -17.92 -24.70 5.85
C TYR C 219 -18.76 -25.94 6.12
N ASN C 220 -19.81 -25.83 6.93
CA ASN C 220 -20.67 -26.96 7.23
C ASN C 220 -22.14 -26.68 6.94
N SER C 221 -22.45 -25.61 6.22
CA SER C 221 -23.83 -25.27 5.90
C SER C 221 -24.41 -26.18 4.82
N ASP C 222 -25.74 -26.27 4.81
CA ASP C 222 -26.41 -27.00 3.74
C ASP C 222 -26.03 -26.45 2.38
N ALA C 223 -25.94 -25.11 2.27
CA ALA C 223 -25.58 -24.49 1.00
C ALA C 223 -24.16 -24.86 0.59
N PHE C 224 -23.22 -24.85 1.53
CA PHE C 224 -21.86 -25.21 1.13
C PHE C 224 -21.78 -26.67 0.71
N LYS C 225 -22.44 -27.56 1.45
CA LYS C 225 -22.42 -28.97 1.07
C LYS C 225 -23.02 -29.18 -0.33
N ALA C 226 -24.13 -28.50 -0.63
CA ALA C 226 -24.76 -28.67 -1.93
C ALA C 226 -23.84 -28.21 -3.06
N TYR C 227 -23.22 -27.04 -2.87
CA TYR C 227 -22.21 -26.56 -3.81
C TYR C 227 -21.05 -27.55 -3.93
N ALA C 228 -20.54 -28.01 -2.79
CA ALA C 228 -19.34 -28.85 -2.82
C ALA C 228 -19.59 -30.15 -3.54
N HIS C 229 -20.75 -30.75 -3.30
CA HIS C 229 -21.04 -32.05 -3.89
C HIS C 229 -21.03 -31.99 -5.40
N LYS C 230 -21.39 -30.85 -5.96
CA LYS C 230 -21.39 -30.66 -7.40
C LYS C 230 -20.07 -30.11 -7.91
N ARG C 231 -19.48 -29.11 -7.24
CA ARG C 231 -18.25 -28.51 -7.73
C ARG C 231 -17.05 -29.44 -7.62
N PHE C 232 -17.03 -30.32 -6.63
CA PHE C 232 -15.84 -31.11 -6.33
C PHE C 232 -16.17 -32.59 -6.35
N GLU C 233 -16.66 -33.05 -7.50
CA GLU C 233 -17.05 -34.44 -7.61
C GLU C 233 -15.84 -35.35 -7.47
N GLY C 234 -16.03 -36.42 -6.69
CA GLY C 234 -14.95 -37.35 -6.42
C GLY C 234 -14.09 -36.96 -5.23
N TYR C 235 -14.36 -35.83 -4.59
CA TYR C 235 -13.56 -35.47 -3.43
C TYR C 235 -14.04 -36.27 -2.21
N LYS C 236 -13.13 -36.45 -1.26
CA LYS C 236 -13.48 -37.05 0.01
C LYS C 236 -14.08 -35.99 0.93
N SER C 237 -15.22 -36.30 1.55
CA SER C 237 -15.91 -35.33 2.39
C SER C 237 -15.43 -35.37 3.84
N PRO C 238 -15.55 -34.25 4.54
CA PRO C 238 -15.32 -34.25 5.99
C PRO C 238 -16.06 -35.40 6.64
N ALA C 239 -15.39 -36.05 7.60
CA ALA C 239 -16.02 -37.17 8.32
C ALA C 239 -17.30 -36.74 8.99
N ALA C 240 -17.32 -35.52 9.54
CA ALA C 240 -18.47 -35.05 10.29
C ALA C 240 -19.70 -34.92 9.40
N TRP C 241 -19.54 -34.82 8.08
CA TRP C 241 -20.69 -34.74 7.20
C TRP C 241 -21.45 -36.05 7.11
N ASN C 242 -20.90 -37.15 7.59
CA ASN C 242 -21.68 -38.39 7.66
C ASN C 242 -22.59 -38.45 8.88
N GLU C 243 -22.60 -37.43 9.71
CA GLU C 243 -23.47 -37.42 10.90
C GLU C 243 -24.91 -37.12 10.50
N LYS D 3 13.57 2.28 -9.79
CA LYS D 3 13.84 0.87 -9.52
C LYS D 3 13.87 0.65 -8.00
N GLU D 4 12.92 -0.14 -7.50
CA GLU D 4 12.84 -0.43 -6.07
C GLU D 4 13.40 -1.82 -5.81
N ILE D 5 14.45 -1.90 -4.99
CA ILE D 5 15.07 -3.17 -4.61
C ILE D 5 14.51 -3.60 -3.28
N VAL D 6 13.91 -4.78 -3.24
CA VAL D 6 13.31 -5.32 -2.04
C VAL D 6 14.28 -6.37 -1.46
N PHE D 7 14.82 -6.06 -0.29
CA PHE D 7 15.70 -6.97 0.48
C PHE D 7 14.90 -7.78 1.48
N GLY D 8 15.30 -9.05 1.64
CA GLY D 8 14.84 -9.84 2.78
C GLY D 8 16.01 -10.29 3.63
N THR D 9 15.92 -10.13 4.96
CA THR D 9 16.96 -10.56 5.89
C THR D 9 16.28 -11.18 7.09
N THR D 10 17.08 -11.87 7.90
CA THR D 10 16.62 -12.19 9.24
C THR D 10 16.61 -10.93 10.10
N VAL D 11 15.91 -10.99 11.22
CA VAL D 11 15.90 -9.88 12.16
C VAL D 11 17.31 -9.61 12.67
N GLY D 12 17.62 -8.35 12.94
CA GLY D 12 18.86 -7.99 13.63
C GLY D 12 19.97 -7.59 12.67
N ASP D 13 21.14 -8.25 12.81
CA ASP D 13 22.38 -7.73 12.25
C ASP D 13 22.32 -7.53 10.74
N PHE D 14 21.79 -8.51 9.99
CA PHE D 14 21.77 -8.33 8.53
C PHE D 14 20.82 -7.23 8.09
N GLY D 15 19.76 -6.97 8.83
CA GLY D 15 18.89 -5.85 8.53
C GLY D 15 19.52 -4.52 8.89
N ASP D 16 20.25 -4.46 10.00
CA ASP D 16 20.99 -3.25 10.36
C ASP D 16 21.93 -2.83 9.24
N MET D 17 22.63 -3.81 8.63
CA MET D 17 23.51 -3.47 7.52
C MET D 17 22.76 -2.73 6.44
N VAL D 18 21.56 -3.21 6.09
CA VAL D 18 20.80 -2.56 5.02
C VAL D 18 20.41 -1.15 5.45
N LYS D 19 19.79 -1.02 6.63
CA LYS D 19 19.20 0.27 6.98
C LYS D 19 20.26 1.30 7.31
N GLU D 20 21.40 0.88 7.85
CA GLU D 20 22.40 1.81 8.34
C GLU D 20 23.43 2.19 7.29
N GLN D 21 23.66 1.33 6.30
CA GLN D 21 24.75 1.59 5.34
C GLN D 21 24.38 1.34 3.88
N ILE D 22 23.78 0.19 3.57
CA ILE D 22 23.57 -0.15 2.16
C ILE D 22 22.50 0.75 1.54
N GLN D 23 21.41 1.00 2.27
CA GLN D 23 20.28 1.71 1.68
C GLN D 23 20.73 3.09 1.18
N ALA D 24 21.48 3.82 2.01
CA ALA D 24 21.91 5.14 1.58
C ALA D 24 22.81 5.06 0.34
N GLU D 25 23.73 4.08 0.29
CA GLU D 25 24.59 3.93 -0.88
C GLU D 25 23.75 3.70 -2.13
N LEU D 26 22.68 2.92 -2.02
CA LEU D 26 21.87 2.64 -3.20
C LEU D 26 20.96 3.81 -3.57
N GLU D 27 20.48 4.56 -2.57
CA GLU D 27 19.66 5.72 -2.86
C GLU D 27 20.47 6.80 -3.57
N LYS D 28 21.77 6.94 -3.24
CA LYS D 28 22.60 7.90 -3.96
C LYS D 28 22.66 7.58 -5.44
N LYS D 29 22.47 6.32 -5.82
CA LYS D 29 22.45 5.96 -7.22
C LYS D 29 21.06 6.00 -7.79
N GLY D 30 20.08 6.48 -7.03
CA GLY D 30 18.74 6.67 -7.55
C GLY D 30 17.76 5.54 -7.25
N TYR D 31 18.20 4.48 -6.59
CA TYR D 31 17.30 3.40 -6.21
C TYR D 31 16.46 3.77 -5.00
N THR D 32 15.29 3.15 -4.89
CA THR D 32 14.60 3.05 -3.61
C THR D 32 14.78 1.64 -3.06
N VAL D 33 14.61 1.50 -1.75
CA VAL D 33 14.96 0.30 -1.02
C VAL D 33 13.83 -0.04 -0.06
N LYS D 34 13.45 -1.31 -0.02
CA LYS D 34 12.51 -1.82 0.96
C LYS D 34 13.18 -2.99 1.66
N LEU D 35 12.98 -3.11 2.97
CA LEU D 35 13.51 -4.21 3.75
C LEU D 35 12.36 -4.96 4.41
N VAL D 36 12.33 -6.28 4.22
CA VAL D 36 11.39 -7.17 4.88
C VAL D 36 12.23 -8.06 5.79
N GLU D 37 11.90 -8.12 7.08
CA GLU D 37 12.66 -8.97 7.99
C GLU D 37 11.83 -10.19 8.35
N PHE D 38 12.52 -11.32 8.52
CA PHE D 38 11.90 -12.63 8.73
C PHE D 38 12.43 -13.21 10.03
N THR D 39 11.56 -13.91 10.75
CA THR D 39 11.95 -14.47 12.02
C THR D 39 12.41 -15.91 11.90
N ASP D 40 12.25 -16.52 10.72
CA ASP D 40 12.64 -17.90 10.48
C ASP D 40 13.53 -17.97 9.24
N TYR D 41 14.15 -19.12 9.06
CA TYR D 41 15.07 -19.35 7.96
C TYR D 41 14.38 -19.90 6.71
N VAL D 42 13.08 -20.18 6.76
CA VAL D 42 12.41 -20.93 5.70
C VAL D 42 11.71 -20.04 4.69
N ARG D 43 10.99 -19.01 5.15
CA ARG D 43 10.27 -18.15 4.21
C ARG D 43 11.16 -17.39 3.25
N PRO D 44 12.37 -16.90 3.64
CA PRO D 44 13.09 -15.96 2.76
C PRO D 44 13.41 -16.48 1.38
N ASN D 45 13.85 -17.73 1.21
CA ASN D 45 14.13 -18.22 -0.14
C ASN D 45 12.84 -18.46 -0.93
N LEU D 46 11.75 -18.83 -0.27
CA LEU D 46 10.50 -19.03 -0.98
C LEU D 46 9.93 -17.69 -1.44
N ALA D 47 10.01 -16.66 -0.60
CA ALA D 47 9.57 -15.34 -1.03
C ALA D 47 10.41 -14.81 -2.18
N LEU D 48 11.72 -15.04 -2.14
CA LEU D 48 12.61 -14.67 -3.23
C LEU D 48 12.20 -15.36 -4.53
N ALA D 49 12.02 -16.68 -4.49
CA ALA D 49 11.72 -17.41 -5.71
C ALA D 49 10.38 -17.00 -6.29
N GLU D 50 9.44 -16.64 -5.44
CA GLU D 50 8.08 -16.30 -5.82
C GLU D 50 7.94 -14.86 -6.29
N GLY D 51 9.01 -14.06 -6.19
CA GLY D 51 9.01 -12.70 -6.70
C GLY D 51 8.77 -11.64 -5.67
N GLU D 52 8.55 -12.00 -4.42
CA GLU D 52 8.25 -11.03 -3.37
C GLU D 52 9.49 -10.25 -2.93
N LEU D 53 10.67 -10.85 -3.06
CA LEU D 53 11.94 -10.20 -2.77
C LEU D 53 12.78 -10.21 -4.03
N ASP D 54 13.66 -9.21 -4.13
CA ASP D 54 14.70 -9.21 -5.15
C ASP D 54 16.00 -9.88 -4.70
N ILE D 55 16.31 -9.80 -3.41
CA ILE D 55 17.55 -10.33 -2.87
C ILE D 55 17.30 -10.62 -1.40
N ASN D 56 17.88 -11.72 -0.90
CA ASN D 56 17.84 -11.96 0.53
C ASN D 56 19.27 -12.15 1.06
N VAL D 57 19.44 -11.85 2.33
CA VAL D 57 20.73 -11.93 3.02
C VAL D 57 20.50 -12.55 4.37
N PHE D 58 20.68 -13.88 4.49
CA PHE D 58 20.45 -14.50 5.78
C PHE D 58 21.11 -15.87 5.95
N GLN D 59 21.72 -16.43 4.92
CA GLN D 59 22.04 -17.86 4.93
C GLN D 59 23.46 -18.11 4.46
N HIS D 60 23.96 -19.30 4.80
CA HIS D 60 25.18 -19.79 4.21
C HIS D 60 24.89 -20.71 3.01
N LYS D 61 25.93 -21.00 2.27
CA LYS D 61 25.76 -21.70 1.01
C LYS D 61 25.35 -23.16 1.22
N PRO D 62 25.89 -23.90 2.20
CA PRO D 62 25.32 -25.25 2.43
C PRO D 62 23.80 -25.20 2.68
N TYR D 63 23.30 -24.22 3.44
CA TYR D 63 21.85 -24.09 3.63
C TYR D 63 21.15 -23.82 2.30
N LEU D 64 21.68 -22.87 1.53
CA LEU D 64 21.07 -22.50 0.26
C LEU D 64 21.05 -23.68 -0.72
N ASP D 65 22.19 -24.37 -0.86
CA ASP D 65 22.25 -25.49 -1.80
C ASP D 65 21.22 -26.55 -1.45
N ASP D 66 21.12 -26.88 -0.16
CA ASP D 66 20.14 -27.90 0.26
C ASP D 66 18.72 -27.40 0.05
N PHE D 67 18.46 -26.17 0.45
CA PHE D 67 17.10 -25.63 0.41
C PHE D 67 16.59 -25.52 -1.02
N LYS D 68 17.41 -24.98 -1.91
CA LYS D 68 16.94 -24.76 -3.27
C LYS D 68 16.69 -26.09 -3.99
N LYS D 69 17.48 -27.11 -3.66
CA LYS D 69 17.29 -28.42 -4.26
C LYS D 69 16.03 -29.08 -3.73
N GLU D 70 15.82 -29.06 -2.41
CA GLU D 70 14.65 -29.69 -1.83
C GLU D 70 13.36 -29.01 -2.27
N HIS D 71 13.38 -27.68 -2.42
CA HIS D 71 12.19 -26.91 -2.76
C HIS D 71 12.15 -26.50 -4.22
N ASN D 72 13.09 -26.96 -5.03
CA ASN D 72 13.08 -26.76 -6.49
C ASN D 72 13.00 -25.28 -6.84
N LEU D 73 14.00 -24.53 -6.35
CA LEU D 73 14.02 -23.08 -6.52
C LEU D 73 15.17 -22.68 -7.45
N ASP D 74 14.86 -21.78 -8.39
CA ASP D 74 15.85 -21.31 -9.36
C ASP D 74 16.52 -20.04 -8.83
N ILE D 75 17.33 -20.26 -7.79
CA ILE D 75 18.00 -19.16 -7.08
C ILE D 75 19.48 -19.48 -6.94
N THR D 76 20.26 -18.45 -6.65
CA THR D 76 21.71 -18.60 -6.65
C THR D 76 22.34 -17.59 -5.71
N GLU D 77 23.52 -17.94 -5.19
CA GLU D 77 24.27 -17.03 -4.33
C GLU D 77 24.98 -15.98 -5.18
N VAL D 78 25.28 -14.84 -4.59
CA VAL D 78 25.97 -13.76 -5.30
C VAL D 78 27.27 -13.32 -4.63
N PHE D 79 27.20 -12.78 -3.41
CA PHE D 79 28.37 -12.28 -2.73
C PHE D 79 28.24 -12.58 -1.24
N GLN D 80 29.39 -12.63 -0.57
CA GLN D 80 29.37 -12.90 0.86
C GLN D 80 29.22 -11.61 1.66
N VAL D 81 28.79 -11.78 2.91
CA VAL D 81 28.59 -10.69 3.86
C VAL D 81 29.23 -11.02 5.21
N PRO D 82 29.63 -10.03 6.01
CA PRO D 82 30.13 -10.32 7.37
C PRO D 82 29.09 -11.08 8.19
N THR D 83 29.57 -12.11 8.89
CA THR D 83 28.71 -13.14 9.45
C THR D 83 29.03 -13.42 10.91
N ALA D 84 27.98 -13.44 11.74
CA ALA D 84 28.16 -13.85 13.11
C ALA D 84 28.47 -15.35 13.16
N PRO D 85 29.56 -15.76 13.79
CA PRO D 85 29.91 -17.19 13.76
C PRO D 85 29.06 -18.01 14.70
N LEU D 86 29.10 -19.33 14.45
CA LEU D 86 28.47 -20.31 15.31
C LEU D 86 29.30 -20.58 16.55
N GLY D 87 28.63 -20.74 17.68
CA GLY D 87 29.34 -21.01 18.93
C GLY D 87 28.59 -21.98 19.82
N LEU D 88 29.36 -22.70 20.63
CA LEU D 88 28.81 -23.48 21.73
C LEU D 88 28.90 -22.62 22.99
N TYR D 89 27.76 -22.41 23.64
CA TYR D 89 27.65 -21.44 24.72
C TYR D 89 27.30 -22.16 26.01
N PRO D 90 27.65 -21.60 27.17
CA PRO D 90 27.24 -22.19 28.44
C PRO D 90 25.73 -22.22 28.58
N GLY D 91 25.23 -23.35 29.05
CA GLY D 91 23.84 -23.45 29.48
C GLY D 91 23.82 -23.65 30.98
N LYS D 92 23.30 -24.79 31.42
CA LYS D 92 23.39 -25.13 32.84
C LYS D 92 24.83 -25.39 33.26
N LEU D 93 25.71 -25.81 32.33
CA LEU D 93 27.12 -25.98 32.62
C LEU D 93 27.90 -24.83 32.02
N LYS D 94 28.96 -24.43 32.73
CA LYS D 94 29.60 -23.17 32.46
C LYS D 94 30.99 -23.29 31.85
N SER D 95 31.52 -24.50 31.72
CA SER D 95 32.85 -24.68 31.13
C SER D 95 32.89 -26.02 30.42
N LEU D 96 33.76 -26.11 29.42
CA LEU D 96 33.89 -27.35 28.66
C LEU D 96 34.32 -28.52 29.54
N GLU D 97 35.16 -28.26 30.53
CA GLU D 97 35.68 -29.34 31.38
C GLU D 97 34.58 -29.96 32.24
N GLU D 98 33.44 -29.30 32.40
CA GLU D 98 32.34 -29.86 33.17
C GLU D 98 31.49 -30.85 32.40
N VAL D 99 31.73 -31.04 31.10
CA VAL D 99 30.94 -32.00 30.36
C VAL D 99 31.02 -33.34 31.08
N LYS D 100 29.88 -34.03 31.13
CA LYS D 100 29.72 -35.32 31.78
C LYS D 100 29.18 -36.30 30.76
N ASP D 101 29.32 -37.59 31.07
CA ASP D 101 28.59 -38.58 30.32
C ASP D 101 27.12 -38.25 30.38
N GLY D 102 26.47 -38.21 29.22
CA GLY D 102 25.06 -37.86 29.16
C GLY D 102 24.74 -36.38 29.13
N SER D 103 25.73 -35.50 29.07
CA SER D 103 25.46 -34.06 29.02
C SER D 103 24.57 -33.75 27.82
N THR D 104 23.71 -32.74 27.98
CA THR D 104 22.79 -32.34 26.94
C THR D 104 23.36 -31.16 26.17
N VAL D 105 23.24 -31.22 24.85
CA VAL D 105 23.65 -30.13 23.97
C VAL D 105 22.49 -29.84 23.03
N SER D 106 22.02 -28.59 23.02
CA SER D 106 20.97 -28.22 22.10
C SER D 106 21.57 -27.81 20.78
N ALA D 107 20.83 -28.07 19.70
CA ALA D 107 21.30 -27.87 18.33
C ALA D 107 20.13 -27.49 17.44
N PRO D 108 20.37 -26.72 16.38
CA PRO D 108 19.31 -26.49 15.38
C PRO D 108 18.97 -27.79 14.65
N ASN D 109 17.72 -27.88 14.19
CA ASN D 109 17.18 -29.14 13.69
C ASN D 109 17.15 -29.25 12.17
N ASP D 110 17.67 -28.31 11.47
CA ASP D 110 17.75 -28.34 10.02
C ASP D 110 19.08 -28.94 9.59
N PRO D 111 19.10 -29.64 8.45
CA PRO D 111 20.24 -30.55 8.21
C PRO D 111 21.59 -29.87 8.05
N SER D 112 21.67 -28.73 7.34
CA SER D 112 22.97 -28.12 7.11
C SER D 112 23.55 -27.50 8.37
N ASN D 113 22.71 -26.98 9.26
CA ASN D 113 23.24 -26.43 10.51
C ASN D 113 23.46 -27.52 11.56
N PHE D 114 22.66 -28.58 11.54
CA PHE D 114 22.93 -29.70 12.42
C PHE D 114 24.30 -30.32 12.11
N ALA D 115 24.66 -30.42 10.84
CA ALA D 115 25.97 -30.95 10.46
C ALA D 115 27.07 -30.18 11.16
N ARG D 116 26.91 -28.87 11.26
CA ARG D 116 27.91 -28.03 11.92
C ARG D 116 28.07 -28.43 13.37
N VAL D 117 26.98 -28.79 14.03
CA VAL D 117 27.05 -29.16 15.44
C VAL D 117 27.84 -30.46 15.59
N LEU D 118 27.56 -31.44 14.74
CA LEU D 118 28.28 -32.71 14.81
C LEU D 118 29.77 -32.50 14.58
N VAL D 119 30.14 -31.64 13.62
CA VAL D 119 31.55 -31.38 13.40
C VAL D 119 32.18 -30.74 14.65
N MET D 120 31.46 -29.80 15.27
CA MET D 120 31.97 -29.16 16.48
C MET D 120 32.12 -30.16 17.63
N LEU D 121 31.15 -31.05 17.81
CA LEU D 121 31.27 -32.05 18.86
C LEU D 121 32.43 -32.99 18.61
N ASP D 122 32.74 -33.28 17.35
CA ASP D 122 33.88 -34.12 17.02
C ASP D 122 35.19 -33.38 17.30
N GLU D 123 35.25 -32.10 16.98
CA GLU D 123 36.44 -31.30 17.30
C GLU D 123 36.71 -31.24 18.79
N LEU D 124 35.64 -31.25 19.60
CA LEU D 124 35.73 -31.24 21.05
C LEU D 124 36.10 -32.59 21.65
N GLY D 125 36.04 -33.67 20.86
CA GLY D 125 36.25 -35.01 21.37
C GLY D 125 35.06 -35.60 22.10
N TRP D 126 33.88 -35.00 21.97
CA TRP D 126 32.71 -35.51 22.66
C TRP D 126 32.00 -36.59 21.87
N ILE D 127 32.17 -36.61 20.54
CA ILE D 127 31.75 -37.70 19.68
C ILE D 127 32.87 -37.93 18.68
N LYS D 128 32.76 -39.01 17.93
CA LYS D 128 33.70 -39.32 16.86
C LYS D 128 32.92 -39.60 15.59
N LEU D 129 33.16 -38.80 14.55
CA LEU D 129 32.55 -39.04 13.26
C LEU D 129 33.35 -40.07 12.46
N LYS D 130 32.64 -40.75 11.56
CA LYS D 130 33.27 -41.70 10.66
C LYS D 130 34.28 -41.03 9.74
N ASP D 131 35.26 -41.83 9.31
CA ASP D 131 36.26 -41.38 8.35
C ASP D 131 35.66 -41.07 6.99
N GLY D 132 36.23 -40.06 6.34
CA GLY D 132 35.93 -39.83 4.94
C GLY D 132 34.56 -39.27 4.62
N ILE D 133 33.83 -38.72 5.60
CA ILE D 133 32.48 -38.20 5.34
C ILE D 133 32.57 -36.79 4.77
N ASN D 134 31.46 -36.36 4.18
CA ASN D 134 31.27 -34.98 3.76
C ASN D 134 30.91 -34.17 5.00
N PRO D 135 31.78 -33.24 5.44
CA PRO D 135 31.48 -32.46 6.66
C PRO D 135 30.24 -31.61 6.52
N LEU D 136 29.93 -31.18 5.30
CA LEU D 136 28.78 -30.31 5.10
C LEU D 136 27.46 -31.04 5.25
N THR D 137 27.45 -32.37 5.17
CA THR D 137 26.20 -33.12 5.30
C THR D 137 26.24 -34.10 6.46
N ALA D 138 27.15 -33.89 7.41
CA ALA D 138 27.27 -34.77 8.57
C ALA D 138 25.92 -34.97 9.24
N SER D 139 25.57 -36.21 9.47
CA SER D 139 24.27 -36.56 10.03
C SER D 139 24.49 -37.63 11.11
N LYS D 140 23.40 -37.97 11.81
CA LYS D 140 23.55 -38.95 12.88
C LYS D 140 24.11 -40.28 12.36
N ALA D 141 23.76 -40.67 11.13
CA ALA D 141 24.29 -41.89 10.55
C ALA D 141 25.80 -41.85 10.42
N ASP D 142 26.41 -40.66 10.43
CA ASP D 142 27.85 -40.54 10.29
C ASP D 142 28.60 -40.63 11.61
N ILE D 143 27.91 -40.73 12.73
CA ILE D 143 28.58 -40.84 14.02
C ILE D 143 29.12 -42.26 14.18
N ALA D 144 30.43 -42.38 14.35
CA ALA D 144 31.07 -43.67 14.59
C ALA D 144 30.90 -44.10 16.04
N GLU D 145 31.10 -43.17 16.97
CA GLU D 145 30.93 -43.46 18.39
C GLU D 145 30.55 -42.19 19.10
N ASN D 146 29.50 -42.28 19.93
CA ASN D 146 29.11 -41.17 20.78
C ASN D 146 29.92 -41.29 22.07
N LEU D 147 31.14 -40.77 22.03
CA LEU D 147 32.13 -41.04 23.07
C LEU D 147 31.60 -40.69 24.47
N LYS D 148 31.01 -39.50 24.63
CA LYS D 148 30.51 -39.05 25.93
C LYS D 148 29.00 -39.21 26.08
N ASN D 149 28.39 -40.03 25.23
CA ASN D 149 26.95 -40.27 25.26
C ASN D 149 26.20 -38.95 25.35
N ILE D 150 26.66 -37.98 24.57
CA ILE D 150 25.98 -36.70 24.48
C ILE D 150 24.54 -36.90 24.03
N LYS D 151 23.62 -36.22 24.69
CA LYS D 151 22.22 -36.18 24.26
C LYS D 151 22.02 -34.88 23.50
N ILE D 152 21.85 -34.97 22.18
CA ILE D 152 21.68 -33.79 21.34
C ILE D 152 20.18 -33.49 21.29
N VAL D 153 19.81 -32.29 21.74
CA VAL D 153 18.43 -31.84 21.83
C VAL D 153 18.19 -30.91 20.64
N GLU D 154 17.44 -31.39 19.65
CA GLU D 154 17.23 -30.68 18.40
C GLU D 154 16.04 -29.74 18.53
N LEU D 155 16.23 -28.48 18.14
CA LEU D 155 15.22 -27.44 18.27
C LEU D 155 15.19 -26.61 17.00
N GLU D 156 14.07 -25.91 16.77
CA GLU D 156 14.05 -24.91 15.73
C GLU D 156 15.08 -23.83 16.10
N ALA D 157 15.81 -23.34 15.11
CA ALA D 157 16.99 -22.51 15.36
C ALA D 157 16.70 -21.34 16.29
N ALA D 158 15.52 -20.74 16.18
CA ALA D 158 15.21 -19.53 16.95
C ALA D 158 15.06 -19.82 18.44
N GLN D 159 14.85 -21.09 18.81
CA GLN D 159 14.72 -21.50 20.22
C GLN D 159 16.06 -21.63 20.94
N LEU D 160 17.18 -21.57 20.25
CA LEU D 160 18.43 -21.97 20.89
C LEU D 160 18.90 -21.00 21.98
N PRO D 161 18.77 -19.67 21.84
CA PRO D 161 19.14 -18.81 22.99
C PRO D 161 18.39 -19.15 24.26
N ARG D 162 17.07 -19.36 24.19
CA ARG D 162 16.32 -19.66 25.40
C ARG D 162 16.61 -21.06 25.91
N SER D 163 17.11 -21.96 25.06
CA SER D 163 17.32 -23.34 25.50
C SER D 163 18.40 -23.46 26.57
N ARG D 164 19.22 -22.42 26.76
CA ARG D 164 20.30 -22.50 27.74
C ARG D 164 19.76 -22.80 29.14
N ALA D 165 18.48 -22.52 29.39
CA ALA D 165 17.92 -22.82 30.69
C ALA D 165 17.67 -24.30 30.88
N ASP D 166 17.62 -25.07 29.79
CA ASP D 166 17.15 -26.43 29.81
C ASP D 166 18.22 -27.45 29.49
N VAL D 167 19.38 -27.03 28.98
CA VAL D 167 20.41 -27.96 28.55
C VAL D 167 21.75 -27.49 29.12
N ASP D 168 22.72 -28.41 29.14
CA ASP D 168 24.03 -28.11 29.70
C ASP D 168 24.79 -27.10 28.86
N PHE D 169 24.74 -27.27 27.53
CA PHE D 169 25.40 -26.39 26.57
C PHE D 169 24.46 -26.16 25.39
N ALA D 170 24.54 -24.99 24.78
CA ALA D 170 23.69 -24.66 23.63
C ALA D 170 24.57 -24.21 22.47
N VAL D 171 24.34 -24.82 21.29
CA VAL D 171 25.02 -24.39 20.07
C VAL D 171 24.06 -23.46 19.34
N VAL D 172 24.43 -22.20 19.24
CA VAL D 172 23.51 -21.12 18.87
C VAL D 172 24.00 -20.42 17.61
N ASN D 173 23.12 -20.28 16.62
CA ASN D 173 23.45 -19.54 15.40
C ASN D 173 23.72 -18.08 15.74
N GLY D 174 24.70 -17.48 15.05
CA GLY D 174 25.16 -16.15 15.39
C GLY D 174 24.06 -15.08 15.32
N ASN D 175 23.21 -15.13 14.29
CA ASN D 175 22.19 -14.09 14.17
C ASN D 175 21.27 -14.11 15.37
N TYR D 176 20.94 -15.29 15.88
CA TYR D 176 20.04 -15.38 17.02
C TYR D 176 20.74 -15.07 18.33
N ALA D 177 22.01 -15.46 18.44
CA ALA D 177 22.79 -15.10 19.62
C ALA D 177 22.85 -13.59 19.77
N ILE D 178 23.22 -12.91 18.71
CA ILE D 178 23.36 -11.46 18.74
C ILE D 178 22.04 -10.77 19.11
N SER D 179 20.94 -11.19 18.48
CA SER D 179 19.65 -10.52 18.70
C SER D 179 19.05 -10.84 20.05
N SER D 180 19.54 -11.86 20.77
CA SER D 180 19.06 -12.15 22.11
C SER D 180 19.97 -11.54 23.18
N GLY D 181 20.96 -10.76 22.77
CA GLY D 181 21.86 -10.11 23.70
C GLY D 181 23.05 -10.95 24.11
N MET D 182 23.23 -12.11 23.51
CA MET D 182 24.44 -12.89 23.75
C MET D 182 25.61 -12.23 23.04
N LYS D 183 26.79 -12.33 23.64
CA LYS D 183 27.99 -11.80 23.03
C LYS D 183 28.82 -12.97 22.54
N LEU D 184 29.45 -12.79 21.36
CA LEU D 184 30.23 -13.86 20.77
C LEU D 184 31.34 -14.31 21.69
N THR D 185 31.90 -13.40 22.51
CA THR D 185 32.95 -13.75 23.45
C THR D 185 32.49 -14.67 24.57
N GLU D 186 31.17 -14.83 24.76
CA GLU D 186 30.66 -15.74 25.78
C GLU D 186 30.75 -17.19 25.34
N ALA D 187 31.04 -17.45 24.07
CA ALA D 187 31.09 -18.83 23.62
C ALA D 187 32.27 -19.56 24.26
N LEU D 188 32.03 -20.80 24.63
CA LEU D 188 33.09 -21.68 25.11
C LEU D 188 33.92 -22.25 23.97
N PHE D 189 33.34 -22.38 22.78
CA PHE D 189 34.03 -22.90 21.62
C PHE D 189 33.33 -22.32 20.38
N GLN D 190 34.09 -21.69 19.50
CA GLN D 190 33.56 -21.14 18.26
C GLN D 190 33.97 -22.03 17.09
N GLU D 191 33.06 -22.19 16.17
CA GLU D 191 33.33 -22.93 14.95
C GLU D 191 34.54 -22.34 14.25
N PRO D 192 35.59 -23.12 13.96
CA PRO D 192 36.75 -22.53 13.26
C PRO D 192 36.55 -22.32 11.77
N SER D 193 35.65 -23.06 11.13
CA SER D 193 35.40 -23.03 9.69
C SER D 193 35.04 -21.65 9.18
N PHE D 194 35.39 -21.40 7.91
CA PHE D 194 34.88 -20.26 7.14
C PHE D 194 33.90 -20.67 6.06
N ALA D 195 33.51 -21.94 6.00
CA ALA D 195 32.62 -22.43 4.94
C ALA D 195 31.19 -21.90 5.09
N TYR D 196 30.85 -21.30 6.23
CA TYR D 196 29.50 -20.86 6.54
C TYR D 196 29.40 -19.33 6.61
N VAL D 197 30.40 -18.60 6.09
CA VAL D 197 30.22 -17.16 5.90
C VAL D 197 29.04 -16.95 4.94
N ASN D 198 28.14 -16.06 5.32
CA ASN D 198 26.85 -16.01 4.64
C ASN D 198 26.94 -15.33 3.28
N TRP D 199 25.96 -15.64 2.44
CA TRP D 199 25.83 -15.17 1.07
C TRP D 199 24.49 -14.50 0.87
N SER D 200 24.48 -13.49 0.03
CA SER D 200 23.23 -13.03 -0.56
C SER D 200 22.80 -13.99 -1.65
N ALA D 201 21.49 -14.02 -1.92
CA ALA D 201 20.89 -14.86 -2.94
C ALA D 201 19.86 -14.07 -3.75
N VAL D 202 19.78 -14.37 -5.06
CA VAL D 202 18.82 -13.79 -5.99
C VAL D 202 18.25 -14.90 -6.86
N LYS D 203 17.14 -14.57 -7.54
CA LYS D 203 16.67 -15.43 -8.62
C LYS D 203 17.72 -15.42 -9.73
N THR D 204 17.98 -16.60 -10.30
CA THR D 204 19.03 -16.76 -11.29
C THR D 204 18.82 -15.82 -12.47
N ALA D 205 17.55 -15.54 -12.80
CA ALA D 205 17.24 -14.64 -13.90
C ALA D 205 17.79 -13.24 -13.70
N ASP D 206 18.06 -12.84 -12.44
CA ASP D 206 18.53 -11.49 -12.13
C ASP D 206 20.05 -11.39 -11.97
N LYS D 207 20.79 -12.48 -12.21
CA LYS D 207 22.21 -12.51 -11.87
C LYS D 207 23.01 -11.43 -12.61
N ASP D 208 22.63 -11.08 -13.83
CA ASP D 208 23.41 -10.15 -14.64
C ASP D 208 22.84 -8.74 -14.62
N SER D 209 21.92 -8.44 -13.71
CA SER D 209 21.24 -7.16 -13.71
C SER D 209 22.13 -6.03 -13.23
N GLN D 210 21.81 -4.82 -13.67
CA GLN D 210 22.55 -3.66 -13.21
C GLN D 210 22.31 -3.39 -11.73
N TRP D 211 21.07 -3.55 -11.27
CA TRP D 211 20.79 -3.27 -9.87
C TRP D 211 21.62 -4.19 -8.98
N LEU D 212 21.74 -5.47 -9.37
CA LEU D 212 22.54 -6.39 -8.56
C LEU D 212 24.02 -6.02 -8.57
N LYS D 213 24.51 -5.52 -9.71
CA LYS D 213 25.89 -5.05 -9.77
C LYS D 213 26.10 -3.92 -8.76
N ASP D 214 25.13 -2.99 -8.66
CA ASP D 214 25.22 -1.89 -7.71
C ASP D 214 25.08 -2.36 -6.25
N VAL D 215 24.21 -3.34 -6.00
CA VAL D 215 24.14 -3.90 -4.64
C VAL D 215 25.47 -4.54 -4.27
N THR D 216 26.06 -5.30 -5.19
CA THR D 216 27.33 -5.96 -4.93
C THR D 216 28.41 -4.94 -4.58
N GLU D 217 28.47 -3.83 -5.33
CA GLU D 217 29.44 -2.79 -5.02
C GLU D 217 29.23 -2.21 -3.63
N ALA D 218 27.97 -2.00 -3.25
CA ALA D 218 27.67 -1.41 -1.95
C ALA D 218 28.18 -2.28 -0.80
N TYR D 219 28.06 -3.59 -0.94
CA TYR D 219 28.51 -4.50 0.09
C TYR D 219 30.02 -4.76 0.06
N ASN D 220 30.75 -4.18 -0.90
CA ASN D 220 32.19 -4.40 -0.98
C ASN D 220 32.99 -3.10 -1.00
N SER D 221 32.34 -1.98 -0.72
CA SER D 221 33.02 -0.70 -0.72
C SER D 221 33.92 -0.53 0.49
N ASP D 222 34.92 0.33 0.35
CA ASP D 222 35.75 0.66 1.49
C ASP D 222 34.90 1.16 2.65
N ALA D 223 33.86 1.95 2.34
CA ALA D 223 33.01 2.51 3.38
C ALA D 223 32.29 1.43 4.16
N PHE D 224 31.73 0.45 3.44
CA PHE D 224 31.03 -0.64 4.11
C PHE D 224 31.99 -1.47 4.94
N LYS D 225 33.17 -1.76 4.39
CA LYS D 225 34.15 -2.55 5.16
C LYS D 225 34.51 -1.84 6.45
N ALA D 226 34.72 -0.52 6.40
CA ALA D 226 35.04 0.23 7.60
C ALA D 226 33.89 0.18 8.59
N TYR D 227 32.66 0.38 8.12
CA TYR D 227 31.49 0.26 8.98
C TYR D 227 31.41 -1.14 9.59
N ALA D 228 31.55 -2.18 8.75
CA ALA D 228 31.35 -3.54 9.25
C ALA D 228 32.37 -3.89 10.32
N HIS D 229 33.63 -3.49 10.13
CA HIS D 229 34.66 -3.81 11.12
C HIS D 229 34.36 -3.18 12.48
N LYS D 230 33.67 -2.04 12.51
CA LYS D 230 33.34 -1.45 13.81
C LYS D 230 32.01 -1.95 14.36
N ARG D 231 30.98 -2.04 13.51
CA ARG D 231 29.64 -2.39 13.97
C ARG D 231 29.54 -3.87 14.35
N PHE D 232 30.31 -4.72 13.67
CA PHE D 232 30.15 -6.17 13.76
C PHE D 232 31.47 -6.83 14.16
N GLU D 233 31.99 -6.45 15.32
CA GLU D 233 33.24 -7.01 15.83
C GLU D 233 33.11 -8.50 16.12
N GLY D 234 34.13 -9.25 15.72
CA GLY D 234 34.15 -10.68 15.88
C GLY D 234 33.48 -11.45 14.74
N TYR D 235 32.93 -10.75 13.76
CA TYR D 235 32.29 -11.45 12.64
C TYR D 235 33.33 -11.96 11.65
N LYS D 236 32.97 -13.01 10.93
CA LYS D 236 33.82 -13.56 9.88
C LYS D 236 33.57 -12.84 8.58
N SER D 237 34.63 -12.43 7.90
CA SER D 237 34.52 -11.60 6.70
C SER D 237 34.40 -12.44 5.42
N PRO D 238 33.80 -11.86 4.38
CA PRO D 238 33.80 -12.49 3.05
C PRO D 238 35.20 -12.94 2.65
N ALA D 239 35.29 -14.12 2.03
CA ALA D 239 36.59 -14.62 1.59
C ALA D 239 37.24 -13.64 0.63
N ALA D 240 36.44 -13.00 -0.23
CA ALA D 240 36.96 -12.09 -1.25
C ALA D 240 37.62 -10.87 -0.66
N TRP D 241 37.29 -10.50 0.57
CA TRP D 241 37.96 -9.37 1.21
C TRP D 241 39.40 -9.70 1.55
N ASN D 242 39.77 -10.98 1.52
CA ASN D 242 41.16 -11.42 1.63
C ASN D 242 41.89 -10.71 2.76
N GLU D 243 41.24 -10.67 3.91
CA GLU D 243 41.83 -10.07 5.11
C GLU D 243 42.81 -10.99 5.80
N LYS E 3 6.98 9.94 -18.02
CA LYS E 3 7.12 10.17 -16.59
C LYS E 3 5.84 10.64 -15.95
N GLU E 4 5.58 10.13 -14.75
CA GLU E 4 4.57 10.68 -13.86
C GLU E 4 5.25 11.75 -13.01
N ILE E 5 4.84 13.00 -13.16
CA ILE E 5 5.42 14.11 -12.40
C ILE E 5 4.56 14.33 -11.16
N VAL E 6 5.17 14.20 -9.99
CA VAL E 6 4.45 14.35 -8.73
C VAL E 6 4.73 15.75 -8.18
N PHE E 7 3.67 16.58 -8.14
CA PHE E 7 3.68 17.92 -7.56
C PHE E 7 3.28 17.85 -6.09
N GLY E 8 3.92 18.66 -5.25
CA GLY E 8 3.43 18.91 -3.92
C GLY E 8 3.13 20.41 -3.75
N THR E 9 1.94 20.79 -3.28
CA THR E 9 1.62 22.21 -3.08
C THR E 9 0.95 22.37 -1.73
N THR E 10 0.88 23.63 -1.27
CA THR E 10 -0.09 23.89 -0.23
C THR E 10 -1.51 23.81 -0.83
N VAL E 11 -2.49 23.61 0.05
CA VAL E 11 -3.88 23.56 -0.33
C VAL E 11 -4.28 24.90 -0.94
N GLY E 12 -5.21 24.88 -1.86
CA GLY E 12 -5.77 26.13 -2.36
C GLY E 12 -5.08 26.58 -3.65
N ASP E 13 -4.58 27.81 -3.66
CA ASP E 13 -4.29 28.44 -4.95
C ASP E 13 -3.23 27.67 -5.74
N PHE E 14 -2.13 27.27 -5.11
CA PHE E 14 -1.06 26.62 -5.85
C PHE E 14 -1.50 25.25 -6.37
N GLY E 15 -2.37 24.57 -5.65
CA GLY E 15 -2.94 23.35 -6.18
C GLY E 15 -3.94 23.59 -7.30
N ASP E 16 -4.73 24.66 -7.21
CA ASP E 16 -5.62 24.98 -8.32
C ASP E 16 -4.85 25.18 -9.61
N MET E 17 -3.70 25.87 -9.51
CA MET E 17 -2.91 26.10 -10.70
C MET E 17 -2.57 24.80 -11.41
N VAL E 18 -2.22 23.78 -10.62
CA VAL E 18 -1.82 22.50 -11.20
C VAL E 18 -3.03 21.82 -11.85
N LYS E 19 -4.13 21.71 -11.12
CA LYS E 19 -5.27 20.96 -11.64
C LYS E 19 -5.94 21.69 -12.80
N GLU E 20 -5.98 23.01 -12.76
CA GLU E 20 -6.79 23.77 -13.71
C GLU E 20 -6.04 24.12 -14.98
N GLN E 21 -4.70 24.16 -14.93
CA GLN E 21 -3.98 24.62 -16.11
C GLN E 21 -2.73 23.82 -16.42
N ILE E 22 -1.89 23.58 -15.42
CA ILE E 22 -0.60 22.95 -15.66
C ILE E 22 -0.79 21.50 -16.08
N GLN E 23 -1.69 20.79 -15.41
CA GLN E 23 -1.82 19.36 -15.65
C GLN E 23 -2.17 19.06 -17.11
N ALA E 24 -3.16 19.77 -17.66
CA ALA E 24 -3.53 19.53 -19.06
C ALA E 24 -2.39 19.88 -20.01
N GLU E 25 -1.66 20.97 -19.73
CA GLU E 25 -0.51 21.34 -20.55
C GLU E 25 0.53 20.21 -20.58
N LEU E 26 0.76 19.54 -19.45
CA LEU E 26 1.77 18.47 -19.43
C LEU E 26 1.23 17.16 -20.01
N GLU E 27 -0.04 16.88 -19.80
CA GLU E 27 -0.61 15.68 -20.39
C GLU E 27 -0.57 15.75 -21.91
N LYS E 28 -0.67 16.95 -22.48
CA LYS E 28 -0.58 17.10 -23.93
C LYS E 28 0.77 16.66 -24.45
N LYS E 29 1.81 16.72 -23.62
CA LYS E 29 3.13 16.24 -24.01
C LYS E 29 3.37 14.80 -23.63
N GLY E 30 2.37 14.12 -23.09
CA GLY E 30 2.46 12.71 -22.79
C GLY E 30 2.75 12.35 -21.35
N TYR E 31 2.96 13.33 -20.48
CA TYR E 31 3.17 13.09 -19.07
C TYR E 31 1.87 12.73 -18.38
N THR E 32 1.99 12.02 -17.26
CA THR E 32 0.91 12.00 -16.27
C THR E 32 1.33 12.84 -15.07
N VAL E 33 0.33 13.27 -14.29
CA VAL E 33 0.56 14.25 -13.23
C VAL E 33 -0.17 13.78 -11.98
N LYS E 34 0.51 13.88 -10.84
CA LYS E 34 -0.11 13.61 -9.55
C LYS E 34 0.12 14.83 -8.68
N LEU E 35 -0.88 15.18 -7.88
CA LEU E 35 -0.82 16.33 -6.99
C LEU E 35 -1.03 15.87 -5.56
N VAL E 36 -0.10 16.23 -4.70
CA VAL E 36 -0.17 15.98 -3.28
C VAL E 36 -0.26 17.36 -2.63
N GLU E 37 -1.25 17.58 -1.78
CA GLU E 37 -1.42 18.87 -1.11
C GLU E 37 -1.13 18.75 0.38
N PHE E 38 -0.60 19.83 0.93
CA PHE E 38 -0.16 19.93 2.31
C PHE E 38 -0.80 21.14 2.96
N THR E 39 -1.04 21.05 4.26
CA THR E 39 -1.50 22.21 4.99
C THR E 39 -0.43 22.84 5.87
N ASP E 40 0.81 22.37 5.79
CA ASP E 40 1.89 22.91 6.62
C ASP E 40 3.07 23.24 5.74
N TYR E 41 4.02 24.00 6.29
CA TYR E 41 5.19 24.43 5.54
C TYR E 41 6.40 23.52 5.71
N VAL E 42 6.35 22.49 6.57
CA VAL E 42 7.53 21.70 6.90
C VAL E 42 7.60 20.41 6.08
N ARG E 43 6.48 19.72 5.91
CA ARG E 43 6.47 18.46 5.17
C ARG E 43 6.89 18.59 3.70
N PRO E 44 6.54 19.65 2.95
CA PRO E 44 6.76 19.59 1.47
C PRO E 44 8.22 19.44 1.04
N ASN E 45 9.17 20.18 1.66
CA ASN E 45 10.55 20.02 1.25
C ASN E 45 11.13 18.68 1.68
N LEU E 46 10.64 18.13 2.78
CA LEU E 46 11.10 16.81 3.21
C LEU E 46 10.59 15.74 2.27
N ALA E 47 9.34 15.87 1.83
CA ALA E 47 8.80 14.93 0.85
C ALA E 47 9.54 15.06 -0.48
N LEU E 48 9.91 16.28 -0.86
CA LEU E 48 10.70 16.47 -2.08
C LEU E 48 12.04 15.75 -1.95
N ALA E 49 12.78 16.05 -0.87
CA ALA E 49 14.11 15.50 -0.70
C ALA E 49 14.08 13.98 -0.60
N GLU E 50 13.02 13.43 -0.01
CA GLU E 50 12.91 11.98 0.15
C GLU E 50 12.52 11.27 -1.13
N GLY E 51 12.02 12.01 -2.12
CA GLY E 51 11.65 11.44 -3.40
C GLY E 51 10.16 11.23 -3.59
N GLU E 52 9.34 11.47 -2.56
CA GLU E 52 7.90 11.35 -2.73
C GLU E 52 7.36 12.37 -3.72
N LEU E 53 8.00 13.54 -3.84
CA LEU E 53 7.62 14.53 -4.82
C LEU E 53 8.76 14.74 -5.80
N ASP E 54 8.41 15.11 -7.02
CA ASP E 54 9.40 15.60 -7.97
C ASP E 54 9.60 17.11 -7.90
N ILE E 55 8.58 17.86 -7.51
CA ILE E 55 8.64 19.33 -7.48
C ILE E 55 7.62 19.80 -6.45
N ASN E 56 7.95 20.87 -5.73
CA ASN E 56 6.94 21.49 -4.88
C ASN E 56 6.81 22.96 -5.22
N VAL E 57 5.66 23.51 -4.89
CA VAL E 57 5.29 24.93 -5.12
C VAL E 57 4.54 25.44 -3.90
N PHE E 58 5.26 26.07 -2.96
CA PHE E 58 4.59 26.60 -1.77
C PHE E 58 5.34 27.71 -1.00
N GLN E 59 6.58 28.04 -1.37
CA GLN E 59 7.46 28.79 -0.49
C GLN E 59 8.18 29.88 -1.24
N HIS E 60 8.67 30.87 -0.49
CA HIS E 60 9.60 31.83 -1.05
C HIS E 60 11.05 31.44 -0.82
N LYS E 61 11.95 32.17 -1.47
CA LYS E 61 13.33 31.76 -1.42
C LYS E 61 13.98 31.92 -0.04
N PRO E 62 13.73 33.00 0.70
CA PRO E 62 14.25 33.06 2.08
C PRO E 62 13.83 31.86 2.93
N TYR E 63 12.58 31.38 2.80
CA TYR E 63 12.17 30.18 3.53
C TYR E 63 12.98 28.97 3.07
N LEU E 64 13.13 28.79 1.75
CA LEU E 64 13.80 27.62 1.21
C LEU E 64 15.26 27.59 1.64
N ASP E 65 15.94 28.73 1.50
CA ASP E 65 17.36 28.82 1.87
C ASP E 65 17.55 28.47 3.33
N ASP E 66 16.70 29.01 4.20
CA ASP E 66 16.81 28.69 5.62
C ASP E 66 16.51 27.22 5.87
N PHE E 67 15.43 26.73 5.28
CA PHE E 67 15.02 25.35 5.53
C PHE E 67 16.06 24.35 5.04
N LYS E 68 16.57 24.53 3.81
CA LYS E 68 17.49 23.51 3.29
C LYS E 68 18.82 23.53 4.04
N LYS E 69 19.22 24.69 4.56
CA LYS E 69 20.46 24.76 5.34
C LYS E 69 20.28 24.07 6.69
N GLU E 70 19.19 24.39 7.40
CA GLU E 70 18.98 23.76 8.72
C GLU E 70 18.81 22.25 8.63
N HIS E 71 18.16 21.76 7.59
CA HIS E 71 17.90 20.34 7.48
C HIS E 71 18.82 19.63 6.48
N ASN E 72 19.81 20.33 5.92
CA ASN E 72 20.82 19.75 5.05
C ASN E 72 20.19 18.96 3.89
N LEU E 73 19.38 19.67 3.11
CA LEU E 73 18.67 19.10 1.97
C LEU E 73 19.25 19.62 0.66
N ASP E 74 19.47 18.72 -0.28
CA ASP E 74 20.05 19.07 -1.58
C ASP E 74 18.92 19.38 -2.58
N ILE E 75 18.31 20.54 -2.37
CA ILE E 75 17.19 21.01 -3.18
C ILE E 75 17.47 22.46 -3.58
N THR E 76 16.75 22.92 -4.60
CA THR E 76 17.03 24.23 -5.18
C THR E 76 15.78 24.79 -5.84
N GLU E 77 15.72 26.12 -5.95
CA GLU E 77 14.61 26.77 -6.60
C GLU E 77 14.78 26.69 -8.11
N VAL E 78 13.66 26.77 -8.83
CA VAL E 78 13.69 26.71 -10.29
C VAL E 78 13.03 27.93 -10.94
N PHE E 79 11.72 28.13 -10.75
CA PHE E 79 11.01 29.24 -11.38
C PHE E 79 9.99 29.81 -10.40
N GLN E 80 9.61 31.07 -10.63
CA GLN E 80 8.63 31.71 -9.79
C GLN E 80 7.20 31.50 -10.30
N VAL E 81 6.25 31.70 -9.39
CA VAL E 81 4.83 31.50 -9.67
C VAL E 81 4.06 32.69 -9.10
N PRO E 82 2.87 32.98 -9.64
CA PRO E 82 2.02 34.01 -9.03
C PRO E 82 1.74 33.71 -7.57
N THR E 83 1.86 34.74 -6.73
CA THR E 83 1.92 34.59 -5.29
C THR E 83 0.95 35.53 -4.58
N ALA E 84 0.15 34.95 -3.67
CA ALA E 84 -0.72 35.74 -2.82
C ALA E 84 0.13 36.53 -1.82
N PRO E 85 -0.04 37.83 -1.72
CA PRO E 85 0.83 38.61 -0.82
C PRO E 85 0.49 38.42 0.66
N LEU E 86 1.45 38.79 1.49
CA LEU E 86 1.28 38.86 2.94
C LEU E 86 0.48 40.11 3.33
N GLY E 87 -0.40 39.98 4.30
CA GLY E 87 -1.21 41.10 4.74
C GLY E 87 -1.42 41.13 6.23
N LEU E 88 -1.62 42.35 6.76
CA LEU E 88 -2.10 42.56 8.12
C LEU E 88 -3.60 42.77 8.06
N TYR E 89 -4.34 41.96 8.78
CA TYR E 89 -5.78 41.90 8.65
C TYR E 89 -6.43 42.30 9.96
N PRO E 90 -7.66 42.78 9.91
CA PRO E 90 -8.39 43.05 11.15
C PRO E 90 -8.56 41.81 11.99
N GLY E 91 -8.35 41.98 13.29
CA GLY E 91 -8.77 40.99 14.27
C GLY E 91 -9.87 41.55 15.13
N LYS E 92 -9.61 41.69 16.43
CA LYS E 92 -10.59 42.35 17.29
C LYS E 92 -10.71 43.84 16.97
N LEU E 93 -9.65 44.44 16.42
CA LEU E 93 -9.67 45.82 15.97
C LEU E 93 -9.78 45.85 14.44
N LYS E 94 -10.49 46.86 13.91
CA LYS E 94 -10.95 46.82 12.53
C LYS E 94 -10.24 47.80 11.62
N SER E 95 -9.37 48.66 12.14
CA SER E 95 -8.68 49.66 11.34
C SER E 95 -7.34 49.97 11.99
N LEU E 96 -6.39 50.42 11.17
CA LEU E 96 -5.05 50.70 11.68
C LEU E 96 -5.08 51.82 12.72
N GLU E 97 -5.97 52.80 12.55
CA GLU E 97 -6.03 53.94 13.46
C GLU E 97 -6.48 53.55 14.86
N GLU E 98 -7.09 52.37 15.01
CA GLU E 98 -7.52 51.88 16.31
C GLU E 98 -6.39 51.26 17.12
N VAL E 99 -5.19 51.12 16.54
CA VAL E 99 -4.08 50.53 17.29
C VAL E 99 -3.87 51.32 18.58
N LYS E 100 -3.55 50.61 19.65
CA LYS E 100 -3.32 51.19 20.96
C LYS E 100 -1.98 50.71 21.51
N ASP E 101 -1.49 51.40 22.53
CA ASP E 101 -0.39 50.88 23.31
C ASP E 101 -0.75 49.50 23.83
N GLY E 102 0.12 48.52 23.58
CA GLY E 102 -0.14 47.16 24.01
C GLY E 102 -1.00 46.32 23.07
N SER E 103 -1.39 46.83 21.90
CA SER E 103 -2.19 46.02 20.99
C SER E 103 -1.44 44.73 20.64
N THR E 104 -2.19 43.66 20.45
CA THR E 104 -1.60 42.37 20.09
C THR E 104 -1.65 42.18 18.57
N VAL E 105 -0.56 41.65 18.01
CA VAL E 105 -0.48 41.31 16.60
C VAL E 105 0.04 39.87 16.52
N SER E 106 -0.73 38.98 15.93
CA SER E 106 -0.23 37.63 15.75
C SER E 106 0.63 37.53 14.50
N ALA E 107 1.60 36.60 14.55
CA ALA E 107 2.63 36.49 13.54
C ALA E 107 3.05 35.03 13.42
N PRO E 108 3.50 34.61 12.23
CA PRO E 108 4.06 33.26 12.10
C PRO E 108 5.36 33.13 12.88
N ASN E 109 5.64 31.90 13.33
CA ASN E 109 6.71 31.65 14.27
C ASN E 109 7.97 31.14 13.61
N ASP E 110 7.99 31.08 12.30
CA ASP E 110 9.21 30.67 11.62
C ASP E 110 10.03 31.90 11.22
N PRO E 111 11.36 31.77 11.22
CA PRO E 111 12.19 33.00 11.19
C PRO E 111 12.07 33.82 9.93
N SER E 112 12.00 33.20 8.73
CA SER E 112 12.00 34.02 7.52
C SER E 112 10.67 34.74 7.35
N ASN E 113 9.54 34.15 7.78
CA ASN E 113 8.27 34.86 7.71
C ASN E 113 8.09 35.82 8.88
N PHE E 114 8.64 35.50 10.05
CA PHE E 114 8.60 36.46 11.16
C PHE E 114 9.30 37.76 10.80
N ALA E 115 10.42 37.67 10.08
CA ALA E 115 11.12 38.88 9.63
C ALA E 115 10.21 39.82 8.85
N ARG E 116 9.37 39.26 7.98
CA ARG E 116 8.44 40.05 7.19
C ARG E 116 7.49 40.83 8.07
N VAL E 117 7.09 40.23 9.19
CA VAL E 117 6.19 40.89 10.12
C VAL E 117 6.87 42.10 10.74
N LEU E 118 8.10 41.94 11.18
CA LEU E 118 8.82 43.06 11.78
C LEU E 118 9.00 44.19 10.79
N VAL E 119 9.33 43.88 9.53
CA VAL E 119 9.49 44.94 8.54
C VAL E 119 8.17 45.66 8.34
N MET E 120 7.08 44.90 8.27
CA MET E 120 5.76 45.51 8.10
C MET E 120 5.41 46.43 9.27
N LEU E 121 5.64 45.96 10.51
CA LEU E 121 5.33 46.78 11.68
C LEU E 121 6.16 48.06 11.68
N ASP E 122 7.40 47.96 11.21
CA ASP E 122 8.25 49.15 11.09
C ASP E 122 7.76 50.10 10.01
N GLU E 123 7.28 49.57 8.88
CA GLU E 123 6.71 50.42 7.84
C GLU E 123 5.47 51.15 8.35
N LEU E 124 4.73 50.53 9.26
CA LEU E 124 3.54 51.12 9.84
C LEU E 124 3.84 52.10 10.96
N GLY E 125 5.09 52.16 11.44
CA GLY E 125 5.43 53.00 12.55
C GLY E 125 5.04 52.45 13.90
N TRP E 126 4.70 51.17 14.00
CA TRP E 126 4.32 50.58 15.29
C TRP E 126 5.52 50.10 16.09
N ILE E 127 6.61 49.78 15.41
CA ILE E 127 7.91 49.52 16.01
C ILE E 127 8.92 50.24 15.15
N LYS E 128 10.14 50.30 15.65
CA LYS E 128 11.26 50.86 14.91
C LYS E 128 12.39 49.85 14.93
N LEU E 129 12.79 49.37 13.75
CA LEU E 129 13.96 48.52 13.64
C LEU E 129 15.22 49.37 13.65
N LYS E 130 16.31 48.76 14.09
CA LYS E 130 17.61 49.44 14.09
C LYS E 130 17.97 49.80 12.66
N ASP E 131 18.71 50.91 12.49
CA ASP E 131 19.07 51.31 11.14
C ASP E 131 19.99 50.30 10.48
N GLY E 132 19.75 50.08 9.18
CA GLY E 132 20.65 49.30 8.34
C GLY E 132 20.66 47.80 8.55
N ILE E 133 19.72 47.24 9.30
CA ILE E 133 19.71 45.79 9.46
C ILE E 133 19.14 45.16 8.19
N ASN E 134 19.48 43.88 7.98
CA ASN E 134 19.03 43.10 6.84
C ASN E 134 17.56 42.76 6.99
N PRO E 135 16.67 43.30 6.16
CA PRO E 135 15.25 43.01 6.33
C PRO E 135 14.91 41.54 6.15
N LEU E 136 15.71 40.81 5.37
CA LEU E 136 15.42 39.38 5.18
C LEU E 136 15.62 38.55 6.43
N THR E 137 16.39 39.04 7.42
CA THR E 137 16.67 38.28 8.64
C THR E 137 16.26 39.03 9.91
N ALA E 138 15.40 40.04 9.77
CA ALA E 138 14.92 40.82 10.91
C ALA E 138 14.40 39.92 12.01
N SER E 139 14.89 40.15 13.23
CA SER E 139 14.56 39.38 14.41
C SER E 139 14.30 40.34 15.57
N LYS E 140 13.86 39.79 16.69
CA LYS E 140 13.51 40.65 17.83
C LYS E 140 14.71 41.48 18.27
N ALA E 141 15.91 40.92 18.18
CA ALA E 141 17.13 41.65 18.56
C ALA E 141 17.39 42.85 17.68
N ASP E 142 16.78 42.91 16.50
CA ASP E 142 16.96 44.07 15.62
C ASP E 142 16.01 45.20 15.94
N ILE E 143 15.11 45.04 16.91
CA ILE E 143 14.17 46.09 17.26
C ILE E 143 14.92 47.14 18.08
N ALA E 144 14.93 48.37 17.58
CA ALA E 144 15.53 49.47 18.34
C ALA E 144 14.57 49.95 19.42
N GLU E 145 13.30 50.13 19.08
CA GLU E 145 12.30 50.57 20.04
C GLU E 145 10.95 50.03 19.65
N ASN E 146 10.23 49.46 20.61
CA ASN E 146 8.84 49.02 20.41
C ASN E 146 7.92 50.21 20.66
N LEU E 147 7.78 51.03 19.62
CA LEU E 147 7.15 52.34 19.77
C LEU E 147 5.78 52.24 20.41
N LYS E 148 4.95 51.30 19.95
CA LYS E 148 3.60 51.17 20.48
C LYS E 148 3.45 50.02 21.46
N ASN E 149 4.56 49.50 21.98
CA ASN E 149 4.54 48.37 22.90
C ASN E 149 3.64 47.25 22.36
N ILE E 150 3.78 47.01 21.06
CA ILE E 150 3.08 45.90 20.42
C ILE E 150 3.48 44.60 21.10
N LYS E 151 2.49 43.77 21.38
CA LYS E 151 2.73 42.41 21.86
C LYS E 151 2.57 41.48 20.67
N ILE E 152 3.66 40.91 20.20
CA ILE E 152 3.65 40.03 19.04
C ILE E 152 3.38 38.62 19.54
N VAL E 153 2.28 38.01 19.06
CA VAL E 153 1.86 36.68 19.48
C VAL E 153 2.25 35.70 18.38
N GLU E 154 3.26 34.87 18.61
CA GLU E 154 3.80 34.00 17.58
C GLU E 154 3.07 32.67 17.55
N LEU E 155 2.68 32.26 16.37
CA LEU E 155 1.90 31.04 16.19
C LEU E 155 2.45 30.26 15.03
N GLU E 156 2.14 28.97 14.98
CA GLU E 156 2.37 28.25 13.74
C GLU E 156 1.50 28.88 12.64
N ALA E 157 2.09 29.01 11.44
CA ALA E 157 1.51 29.83 10.38
C ALA E 157 0.06 29.48 10.07
N ALA E 158 -0.30 28.20 10.10
CA ALA E 158 -1.66 27.78 9.74
C ALA E 158 -2.70 28.24 10.74
N GLN E 159 -2.29 28.61 11.95
CA GLN E 159 -3.18 29.10 13.00
C GLN E 159 -3.56 30.57 12.80
N LEU E 160 -2.95 31.26 11.87
CA LEU E 160 -3.13 32.73 11.89
C LEU E 160 -4.53 33.19 11.49
N PRO E 161 -5.22 32.61 10.51
CA PRO E 161 -6.61 33.06 10.27
C PRO E 161 -7.51 32.98 11.50
N ARG E 162 -7.48 31.87 12.24
CA ARG E 162 -8.35 31.76 13.40
C ARG E 162 -7.88 32.64 14.57
N SER E 163 -6.61 33.09 14.57
CA SER E 163 -6.16 33.93 15.67
C SER E 163 -6.86 35.27 15.69
N ARG E 164 -7.54 35.64 14.60
CA ARG E 164 -8.23 36.92 14.51
C ARG E 164 -9.27 37.08 15.60
N ALA E 165 -9.73 35.98 16.20
CA ALA E 165 -10.65 36.03 17.33
C ALA E 165 -9.96 36.44 18.62
N ASP E 166 -8.64 36.30 18.71
CA ASP E 166 -7.89 36.40 19.95
C ASP E 166 -6.95 37.59 20.03
N VAL E 167 -6.64 38.22 18.90
CA VAL E 167 -5.67 39.31 18.86
C VAL E 167 -6.30 40.48 18.13
N ASP E 168 -5.70 41.66 18.31
CA ASP E 168 -6.23 42.87 17.69
C ASP E 168 -6.05 42.86 16.18
N PHE E 169 -4.90 42.42 15.70
CA PHE E 169 -4.61 42.33 14.28
C PHE E 169 -3.84 41.04 14.06
N ALA E 170 -4.02 40.44 12.89
CA ALA E 170 -3.35 39.19 12.53
C ALA E 170 -2.59 39.37 11.22
N VAL E 171 -1.33 38.95 11.20
CA VAL E 171 -0.54 38.96 9.98
C VAL E 171 -0.61 37.56 9.39
N VAL E 172 -1.24 37.43 8.24
CA VAL E 172 -1.62 36.13 7.70
C VAL E 172 -0.97 35.92 6.35
N ASN E 173 -0.31 34.77 6.18
CA ASN E 173 0.26 34.39 4.88
C ASN E 173 -0.85 34.24 3.84
N GLY E 174 -0.53 34.66 2.60
CA GLY E 174 -1.55 34.71 1.55
C GLY E 174 -2.20 33.37 1.28
N ASN E 175 -1.41 32.30 1.25
CA ASN E 175 -2.02 31.00 0.96
C ASN E 175 -3.07 30.63 2.00
N TYR E 176 -2.79 30.92 3.27
CA TYR E 176 -3.74 30.60 4.32
C TYR E 176 -4.88 31.61 4.39
N ALA E 177 -4.63 32.87 4.05
CA ALA E 177 -5.73 33.81 3.94
C ALA E 177 -6.72 33.34 2.90
N ILE E 178 -6.25 33.04 1.68
CA ILE E 178 -7.15 32.57 0.63
C ILE E 178 -7.88 31.32 1.05
N SER E 179 -7.15 30.33 1.59
CA SER E 179 -7.79 29.06 1.88
C SER E 179 -8.69 29.09 3.11
N SER E 180 -8.64 30.13 3.93
CA SER E 180 -9.57 30.20 5.05
C SER E 180 -10.78 31.05 4.73
N GLY E 181 -10.88 31.53 3.49
CA GLY E 181 -11.99 32.36 3.08
C GLY E 181 -11.80 33.85 3.32
N MET E 182 -10.60 34.27 3.69
CA MET E 182 -10.29 35.69 3.75
C MET E 182 -10.06 36.24 2.35
N LYS E 183 -10.30 37.53 2.20
CA LYS E 183 -10.08 38.23 0.94
C LYS E 183 -8.86 39.14 1.07
N LEU E 184 -8.01 39.14 0.05
CA LEU E 184 -6.79 39.96 0.08
C LEU E 184 -7.12 41.44 0.19
N THR E 185 -8.25 41.87 -0.41
CA THR E 185 -8.64 43.27 -0.36
C THR E 185 -9.11 43.70 1.03
N GLU E 186 -9.40 42.74 1.92
CA GLU E 186 -9.74 43.03 3.31
C GLU E 186 -8.54 43.39 4.16
N ALA E 187 -7.34 43.21 3.65
CA ALA E 187 -6.15 43.49 4.43
C ALA E 187 -6.09 44.98 4.72
N LEU E 188 -5.66 45.32 5.93
CA LEU E 188 -5.40 46.72 6.29
C LEU E 188 -4.08 47.21 5.73
N PHE E 189 -3.15 46.31 5.44
CA PHE E 189 -1.85 46.64 4.90
C PHE E 189 -1.28 45.43 4.20
N GLN E 190 -0.83 45.57 2.96
CA GLN E 190 -0.20 44.48 2.24
C GLN E 190 1.29 44.76 2.08
N GLU E 191 2.10 43.74 2.29
CA GLU E 191 3.54 43.83 2.10
C GLU E 191 3.88 44.30 0.69
N PRO E 192 4.65 45.39 0.51
CA PRO E 192 4.97 45.86 -0.84
C PRO E 192 6.10 45.14 -1.56
N SER E 193 7.03 44.54 -0.81
CA SER E 193 8.18 43.91 -1.43
C SER E 193 7.78 42.84 -2.44
N PHE E 194 8.65 42.61 -3.42
CA PHE E 194 8.57 41.46 -4.32
C PHE E 194 9.60 40.38 -4.01
N ALA E 195 10.33 40.52 -2.91
CA ALA E 195 11.37 39.55 -2.60
C ALA E 195 10.81 38.20 -2.23
N TYR E 196 9.53 38.11 -1.95
CA TYR E 196 8.92 36.89 -1.45
C TYR E 196 7.97 36.24 -2.46
N VAL E 197 8.02 36.66 -3.73
CA VAL E 197 7.33 35.90 -4.77
C VAL E 197 7.84 34.48 -4.74
N ASN E 198 6.93 33.51 -4.75
CA ASN E 198 7.27 32.14 -4.42
C ASN E 198 7.96 31.43 -5.59
N TRP E 199 8.69 30.37 -5.26
CA TRP E 199 9.46 29.58 -6.19
C TRP E 199 9.03 28.12 -6.12
N SER E 200 9.11 27.45 -7.26
CA SER E 200 9.13 25.99 -7.26
C SER E 200 10.50 25.49 -6.83
N ALA E 201 10.52 24.27 -6.28
CA ALA E 201 11.76 23.66 -5.83
C ALA E 201 11.81 22.22 -6.28
N VAL E 202 13.02 21.77 -6.60
CA VAL E 202 13.27 20.38 -6.98
C VAL E 202 14.54 19.92 -6.30
N LYS E 203 14.74 18.60 -6.29
CA LYS E 203 16.04 18.06 -5.96
C LYS E 203 17.05 18.51 -6.99
N THR E 204 18.24 18.90 -6.51
CA THR E 204 19.23 19.48 -7.41
C THR E 204 19.60 18.53 -8.55
N ALA E 205 19.60 17.24 -8.28
CA ALA E 205 19.91 16.27 -9.32
C ALA E 205 18.92 16.34 -10.50
N ASP E 206 17.74 16.95 -10.34
CA ASP E 206 16.75 17.00 -11.41
C ASP E 206 16.76 18.30 -12.19
N LYS E 207 17.64 19.24 -11.84
CA LYS E 207 17.58 20.60 -12.35
C LYS E 207 17.70 20.66 -13.87
N ASP E 208 18.40 19.72 -14.48
CA ASP E 208 18.63 19.74 -15.92
C ASP E 208 17.73 18.75 -16.67
N SER E 209 16.73 18.20 -16.00
CA SER E 209 15.90 17.19 -16.62
C SER E 209 14.96 17.79 -17.67
N GLN E 210 14.57 16.94 -18.63
CA GLN E 210 13.62 17.37 -19.66
C GLN E 210 12.24 17.60 -19.07
N TRP E 211 11.82 16.77 -18.11
CA TRP E 211 10.49 16.97 -17.53
C TRP E 211 10.41 18.34 -16.85
N LEU E 212 11.47 18.74 -16.16
CA LEU E 212 11.47 20.03 -15.47
C LEU E 212 11.43 21.19 -16.47
N LYS E 213 12.12 21.04 -17.60
CA LYS E 213 12.02 22.02 -18.66
C LYS E 213 10.58 22.16 -19.16
N ASP E 214 9.87 21.03 -19.32
CA ASP E 214 8.49 21.13 -19.77
C ASP E 214 7.60 21.76 -18.68
N VAL E 215 7.83 21.43 -17.41
CA VAL E 215 7.06 22.07 -16.35
C VAL E 215 7.33 23.57 -16.35
N THR E 216 8.60 23.96 -16.46
CA THR E 216 8.93 25.37 -16.48
C THR E 216 8.21 26.09 -17.62
N GLU E 217 8.19 25.49 -18.81
CA GLU E 217 7.50 26.11 -19.93
C GLU E 217 6.00 26.26 -19.64
N ALA E 218 5.40 25.26 -19.02
CA ALA E 218 3.97 25.29 -18.72
C ALA E 218 3.61 26.45 -17.79
N TYR E 219 4.48 26.73 -16.81
CA TYR E 219 4.27 27.82 -15.86
C TYR E 219 4.64 29.18 -16.42
N ASN E 220 5.13 29.24 -17.66
CA ASN E 220 5.50 30.50 -18.29
C ASN E 220 4.83 30.71 -19.63
N SER E 221 3.86 29.90 -19.99
CA SER E 221 3.19 30.03 -21.28
C SER E 221 2.22 31.20 -21.25
N ASP E 222 1.94 31.71 -22.46
CA ASP E 222 0.92 32.76 -22.61
C ASP E 222 -0.41 32.30 -22.05
N ALA E 223 -0.76 31.02 -22.23
CA ALA E 223 -2.03 30.55 -21.71
C ALA E 223 -2.03 30.58 -20.19
N PHE E 224 -0.93 30.15 -19.56
CA PHE E 224 -0.89 30.17 -18.10
C PHE E 224 -0.95 31.60 -17.57
N LYS E 225 -0.19 32.50 -18.17
CA LYS E 225 -0.25 33.90 -17.75
C LYS E 225 -1.66 34.45 -17.86
N ALA E 226 -2.37 34.14 -18.96
CA ALA E 226 -3.72 34.64 -19.14
C ALA E 226 -4.65 34.11 -18.06
N TYR E 227 -4.55 32.81 -17.76
CA TYR E 227 -5.32 32.21 -16.69
C TYR E 227 -5.01 32.86 -15.34
N ALA E 228 -3.71 33.02 -15.03
CA ALA E 228 -3.33 33.50 -13.71
C ALA E 228 -3.83 34.92 -13.47
N HIS E 229 -3.73 35.78 -14.49
CA HIS E 229 -4.18 37.15 -14.32
C HIS E 229 -5.68 37.24 -14.07
N LYS E 230 -6.46 36.25 -14.51
CA LYS E 230 -7.89 36.25 -14.21
C LYS E 230 -8.21 35.51 -12.91
N ARG E 231 -7.61 34.32 -12.71
CA ARG E 231 -7.94 33.51 -11.55
C ARG E 231 -7.38 34.08 -10.26
N PHE E 232 -6.24 34.75 -10.33
CA PHE E 232 -5.47 35.17 -9.15
C PHE E 232 -5.20 36.67 -9.18
N GLU E 233 -6.29 37.43 -9.22
CA GLU E 233 -6.20 38.88 -9.21
C GLU E 233 -5.58 39.39 -7.93
N GLY E 234 -4.70 40.35 -8.06
CA GLY E 234 -4.01 40.90 -6.91
C GLY E 234 -2.76 40.16 -6.51
N TYR E 235 -2.41 39.07 -7.21
CA TYR E 235 -1.21 38.31 -6.89
C TYR E 235 0.02 38.98 -7.48
N LYS E 236 1.15 38.74 -6.84
CA LYS E 236 2.43 39.21 -7.37
C LYS E 236 2.99 38.24 -8.39
N SER E 237 3.39 38.79 -9.55
CA SER E 237 3.84 37.97 -10.66
C SER E 237 5.33 37.65 -10.58
N PRO E 238 5.70 36.51 -11.17
CA PRO E 238 7.13 36.19 -11.34
C PRO E 238 7.90 37.33 -11.99
N ALA E 239 9.13 37.54 -11.51
CA ALA E 239 10.00 38.57 -12.07
C ALA E 239 10.23 38.35 -13.55
N ALA E 240 10.38 37.10 -13.96
CA ALA E 240 10.69 36.80 -15.35
C ALA E 240 9.59 37.23 -16.30
N TRP E 241 8.35 37.40 -15.81
CA TRP E 241 7.29 37.88 -16.67
C TRP E 241 7.45 39.34 -17.03
N ASN E 242 8.34 40.06 -16.33
CA ASN E 242 8.71 41.42 -16.73
C ASN E 242 7.51 42.36 -16.73
N GLU E 243 6.63 42.21 -15.74
CA GLU E 243 5.50 43.10 -15.59
C GLU E 243 5.82 44.36 -14.78
N GLY E 244 7.02 44.47 -14.24
CA GLY E 244 7.46 45.68 -13.54
C GLY E 244 6.63 45.98 -12.30
N GLU F 4 -3.46 -3.51 14.10
CA GLU F 4 -2.11 -3.26 13.59
C GLU F 4 -1.53 -1.96 14.17
N ILE F 5 -0.42 -2.09 14.89
CA ILE F 5 0.26 -0.94 15.51
C ILE F 5 1.43 -0.57 14.61
N VAL F 6 1.47 0.67 14.13
CA VAL F 6 2.54 1.12 13.26
C VAL F 6 3.50 1.95 14.11
N PHE F 7 4.71 1.43 14.28
CA PHE F 7 5.82 2.10 14.98
C PHE F 7 6.67 2.90 14.01
N GLY F 8 7.15 4.06 14.47
CA GLY F 8 8.19 4.76 13.74
C GLY F 8 9.36 4.99 14.67
N THR F 9 10.57 4.68 14.23
CA THR F 9 11.78 4.83 15.04
C THR F 9 12.87 5.39 14.13
N THR F 10 13.93 5.89 14.77
CA THR F 10 15.14 6.09 13.99
C THR F 10 15.77 4.72 13.68
N VAL F 11 16.60 4.68 12.64
CA VAL F 11 17.29 3.43 12.33
C VAL F 11 18.19 3.03 13.49
N GLY F 12 18.36 1.72 13.61
CA GLY F 12 19.30 1.14 14.56
C GLY F 12 18.61 0.69 15.84
N ASP F 13 19.12 1.16 16.99
CA ASP F 13 18.81 0.51 18.27
C ASP F 13 17.31 0.50 18.55
N PHE F 14 16.63 1.63 18.34
CA PHE F 14 15.22 1.65 18.71
C PHE F 14 14.40 0.74 17.79
N GLY F 15 14.79 0.60 16.52
CA GLY F 15 14.09 -0.33 15.64
C GLY F 15 14.36 -1.79 15.99
N ASP F 16 15.59 -2.09 16.39
CA ASP F 16 15.93 -3.44 16.86
C ASP F 16 15.10 -3.86 18.07
N MET F 17 14.85 -2.92 18.99
CA MET F 17 14.01 -3.21 20.14
C MET F 17 12.64 -3.71 19.68
N VAL F 18 12.08 -3.07 18.66
CA VAL F 18 10.77 -3.46 18.16
C VAL F 18 10.87 -4.85 17.54
N LYS F 19 11.80 -5.04 16.60
CA LYS F 19 11.82 -6.31 15.84
C LYS F 19 12.27 -7.49 16.70
N GLU F 20 13.17 -7.27 17.64
CA GLU F 20 13.77 -8.38 18.38
C GLU F 20 12.99 -8.76 19.64
N GLN F 21 12.20 -7.85 20.19
CA GLN F 21 11.54 -8.15 21.45
C GLN F 21 10.07 -7.67 21.54
N ILE F 22 9.78 -6.42 21.18
CA ILE F 22 8.44 -5.89 21.40
C ILE F 22 7.44 -6.55 20.47
N GLN F 23 7.81 -6.71 19.19
CA GLN F 23 6.85 -7.20 18.21
C GLN F 23 6.29 -8.54 18.63
N ALA F 24 7.16 -9.46 19.05
CA ALA F 24 6.69 -10.77 19.48
C ALA F 24 5.76 -10.68 20.69
N GLU F 25 6.09 -9.82 21.66
CA GLU F 25 5.24 -9.64 22.84
C GLU F 25 3.85 -9.16 22.45
N LEU F 26 3.74 -8.26 21.47
CA LEU F 26 2.43 -7.75 21.08
C LEU F 26 1.67 -8.76 20.21
N GLU F 27 2.40 -9.55 19.41
CA GLU F 27 1.73 -10.56 18.60
C GLU F 27 1.06 -11.61 19.48
N LYS F 28 1.64 -11.90 20.64
CA LYS F 28 0.99 -12.84 21.55
C LYS F 28 -0.37 -12.34 22.02
N LYS F 29 -0.59 -11.04 22.01
CA LYS F 29 -1.89 -10.49 22.38
C LYS F 29 -2.79 -10.28 21.18
N GLY F 30 -2.37 -10.68 19.98
CA GLY F 30 -3.20 -10.62 18.80
C GLY F 30 -2.95 -9.42 17.90
N TYR F 31 -2.04 -8.54 18.27
CA TYR F 31 -1.72 -7.39 17.42
C TYR F 31 -0.84 -7.83 16.26
N THR F 32 -0.89 -7.08 15.17
CA THR F 32 0.20 -7.09 14.21
C THR F 32 0.98 -5.79 14.35
N VAL F 33 2.21 -5.79 13.86
CA VAL F 33 3.15 -4.70 14.07
C VAL F 33 3.79 -4.34 12.75
N LYS F 34 3.88 -3.06 12.46
CA LYS F 34 4.59 -2.55 11.30
C LYS F 34 5.64 -1.59 11.84
N LEU F 35 6.84 -1.58 11.25
CA LEU F 35 7.91 -0.67 11.68
C LEU F 35 8.32 0.19 10.50
N VAL F 36 8.31 1.51 10.68
CA VAL F 36 8.79 2.47 9.69
C VAL F 36 10.00 3.14 10.31
N GLU F 37 11.12 3.15 9.61
CA GLU F 37 12.34 3.72 10.17
C GLU F 37 12.70 5.00 9.45
N PHE F 38 13.31 5.91 10.22
CA PHE F 38 13.65 7.25 9.76
C PHE F 38 15.12 7.52 10.06
N THR F 39 15.76 8.32 9.22
CA THR F 39 17.12 8.73 9.48
C THR F 39 17.23 10.15 9.98
N ASP F 40 16.12 10.87 10.14
CA ASP F 40 16.17 12.25 10.61
C ASP F 40 15.23 12.41 11.80
N TYR F 41 15.38 13.53 12.50
CA TYR F 41 14.59 13.81 13.69
C TYR F 41 13.31 14.62 13.41
N VAL F 42 13.10 15.09 12.18
CA VAL F 42 11.98 16.00 11.89
C VAL F 42 10.77 15.22 11.38
N ARG F 43 11.00 14.25 10.49
CA ARG F 43 9.87 13.51 9.93
C ARG F 43 9.04 12.72 10.94
N PRO F 44 9.61 12.06 11.95
CA PRO F 44 8.79 11.11 12.75
C PRO F 44 7.60 11.72 13.48
N ASN F 45 7.73 12.90 14.12
CA ASN F 45 6.57 13.48 14.77
C ASN F 45 5.51 13.94 13.78
N LEU F 46 5.94 14.34 12.59
CA LEU F 46 4.98 14.74 11.56
C LEU F 46 4.23 13.52 11.04
N ALA F 47 4.93 12.40 10.88
CA ALA F 47 4.25 11.15 10.48
C ALA F 47 3.29 10.68 11.56
N LEU F 48 3.66 10.85 12.82
CA LEU F 48 2.76 10.52 13.93
C LEU F 48 1.51 11.37 13.87
N ALA F 49 1.69 12.68 13.80
CA ALA F 49 0.53 13.57 13.85
C ALA F 49 -0.38 13.39 12.65
N GLU F 50 0.17 13.07 11.47
CA GLU F 50 -0.63 12.92 10.28
C GLU F 50 -1.36 11.58 10.25
N GLY F 51 -0.98 10.65 11.12
CA GLY F 51 -1.64 9.36 11.22
C GLY F 51 -0.92 8.20 10.54
N GLU F 52 0.20 8.47 9.86
CA GLU F 52 0.97 7.37 9.27
C GLU F 52 1.55 6.46 10.34
N LEU F 53 1.84 7.00 11.53
CA LEU F 53 2.32 6.21 12.64
C LEU F 53 1.30 6.28 13.76
N ASP F 54 1.23 5.20 14.52
CA ASP F 54 0.50 5.20 15.78
C ASP F 54 1.37 5.60 16.97
N ILE F 55 2.68 5.35 16.91
CA ILE F 55 3.58 5.62 18.01
C ILE F 55 4.98 5.78 17.41
N ASN F 56 5.77 6.69 17.97
CA ASN F 56 7.17 6.76 17.59
C ASN F 56 8.04 6.70 18.85
N VAL F 57 9.29 6.25 18.64
CA VAL F 57 10.29 6.07 19.68
C VAL F 57 11.62 6.56 19.10
N PHE F 58 11.97 7.84 19.35
CA PHE F 58 13.23 8.35 18.83
C PHE F 58 13.78 9.58 19.56
N GLN F 59 13.02 10.17 20.49
CA GLN F 59 13.30 11.52 20.97
C GLN F 59 13.25 11.61 22.50
N HIS F 60 13.91 12.64 23.03
CA HIS F 60 13.75 13.00 24.43
C HIS F 60 12.67 14.09 24.58
N LYS F 61 12.28 14.34 25.81
CA LYS F 61 11.14 15.20 26.06
C LYS F 61 11.44 16.65 25.74
N PRO F 62 12.63 17.16 26.06
CA PRO F 62 12.92 18.55 25.63
C PRO F 62 12.78 18.72 24.12
N TYR F 63 13.19 17.73 23.32
CA TYR F 63 12.98 17.80 21.88
C TYR F 63 11.50 17.83 21.56
N LEU F 64 10.75 16.92 22.17
CA LEU F 64 9.32 16.77 21.90
C LEU F 64 8.55 18.04 22.30
N ASP F 65 8.84 18.57 23.51
CA ASP F 65 8.14 19.75 23.99
C ASP F 65 8.35 20.92 23.03
N ASP F 66 9.58 21.13 22.58
CA ASP F 66 9.89 22.18 21.63
C ASP F 66 9.23 21.91 20.28
N PHE F 67 9.34 20.68 19.77
CA PHE F 67 8.84 20.37 18.44
C PHE F 67 7.32 20.51 18.38
N LYS F 68 6.62 19.98 19.40
CA LYS F 68 5.15 19.98 19.47
C LYS F 68 4.62 21.39 19.48
N LYS F 69 5.32 22.27 20.19
CA LYS F 69 4.89 23.66 20.31
C LYS F 69 5.16 24.44 19.03
N GLU F 70 6.37 24.31 18.49
CA GLU F 70 6.71 25.05 17.28
C GLU F 70 5.81 24.64 16.12
N HIS F 71 5.46 23.37 16.01
CA HIS F 71 4.67 22.92 14.88
C HIS F 71 3.20 22.69 15.23
N ASN F 72 2.79 23.04 16.45
CA ASN F 72 1.39 22.96 16.88
C ASN F 72 0.81 21.56 16.65
N LEU F 73 1.49 20.56 17.21
CA LEU F 73 1.07 19.17 17.05
C LEU F 73 0.48 18.63 18.34
N ASP F 74 -0.66 17.92 18.22
CA ASP F 74 -1.36 17.38 19.39
C ASP F 74 -0.87 15.96 19.68
N ILE F 75 0.35 15.92 20.19
CA ILE F 75 1.04 14.67 20.52
C ILE F 75 1.60 14.78 21.92
N THR F 76 1.91 13.64 22.52
CA THR F 76 2.32 13.62 23.92
C THR F 76 3.18 12.40 24.18
N GLU F 77 4.01 12.50 25.21
CA GLU F 77 4.91 11.40 25.61
C GLU F 77 4.16 10.36 26.43
N VAL F 78 4.67 9.14 26.43
CA VAL F 78 3.98 8.06 27.14
C VAL F 78 4.89 7.36 28.14
N PHE F 79 5.95 6.71 27.66
CA PHE F 79 6.87 5.98 28.52
C PHE F 79 8.27 6.15 27.99
N GLN F 80 9.24 5.92 28.85
CA GLN F 80 10.66 6.00 28.50
C GLN F 80 11.18 4.65 28.04
N VAL F 81 12.30 4.72 27.32
CA VAL F 81 12.97 3.55 26.75
C VAL F 81 14.46 3.67 27.00
N PRO F 82 15.14 2.52 27.08
CA PRO F 82 16.61 2.55 27.22
C PRO F 82 17.24 3.34 26.07
N THR F 83 18.18 4.22 26.44
CA THR F 83 18.65 5.27 25.55
C THR F 83 20.18 5.33 25.51
N ALA F 84 20.74 5.40 24.28
CA ALA F 84 22.17 5.55 24.10
C ALA F 84 22.57 6.96 24.50
N PRO F 85 23.57 7.12 25.39
CA PRO F 85 23.90 8.47 25.87
C PRO F 85 24.60 9.31 24.83
N LEU F 86 24.55 10.62 25.07
CA LEU F 86 25.28 11.58 24.29
C LEU F 86 26.73 11.56 24.72
N GLY F 87 27.64 11.66 23.76
CA GLY F 87 29.06 11.68 24.08
C GLY F 87 29.83 12.68 23.24
N LEU F 88 30.93 13.16 23.82
CA LEU F 88 31.98 13.88 23.11
C LEU F 88 33.04 12.86 22.67
N TYR F 89 33.29 12.79 21.37
CA TYR F 89 34.13 11.77 20.78
C TYR F 89 35.36 12.41 20.13
N PRO F 90 36.45 11.66 20.02
CA PRO F 90 37.64 12.19 19.33
C PRO F 90 37.34 12.48 17.88
N GLY F 91 37.83 13.62 17.40
CA GLY F 91 37.90 13.86 15.98
C GLY F 91 39.34 13.87 15.55
N LYS F 92 39.81 15.03 15.08
CA LYS F 92 41.22 15.19 14.78
C LYS F 92 42.09 15.14 16.03
N LEU F 93 41.54 15.49 17.19
CA LEU F 93 42.24 15.37 18.46
C LEU F 93 41.69 14.18 19.22
N LYS F 94 42.57 13.51 19.98
CA LYS F 94 42.27 12.18 20.48
C LYS F 94 42.05 12.13 21.98
N SER F 95 42.25 13.24 22.69
CA SER F 95 42.09 13.25 24.13
C SER F 95 41.65 14.62 24.59
N LEU F 96 40.99 14.66 25.76
CA LEU F 96 40.52 15.92 26.30
C LEU F 96 41.68 16.86 26.62
N GLU F 97 42.78 16.32 27.14
CA GLU F 97 43.88 17.20 27.49
C GLU F 97 44.52 17.86 26.27
N GLU F 98 44.23 17.36 25.06
CA GLU F 98 44.75 18.00 23.85
C GLU F 98 43.97 19.24 23.43
N VAL F 99 42.88 19.63 24.11
CA VAL F 99 42.16 20.85 23.72
C VAL F 99 43.15 21.99 23.66
N LYS F 100 42.93 22.87 22.69
CA LYS F 100 43.71 24.08 22.49
C LYS F 100 42.76 25.26 22.46
N ASP F 101 43.30 26.46 22.66
CA ASP F 101 42.52 27.66 22.37
C ASP F 101 42.04 27.62 20.92
N GLY F 102 40.75 27.83 20.71
CA GLY F 102 40.25 27.78 19.35
C GLY F 102 39.91 26.40 18.81
N SER F 103 39.97 25.36 19.62
CA SER F 103 39.61 24.02 19.15
C SER F 103 38.18 24.01 18.66
N THR F 104 37.92 23.18 17.65
CA THR F 104 36.60 23.07 17.05
C THR F 104 35.85 21.90 17.67
N VAL F 105 34.58 22.11 17.96
CA VAL F 105 33.69 21.07 18.47
C VAL F 105 32.43 21.11 17.62
N SER F 106 32.11 19.99 16.98
CA SER F 106 30.89 19.93 16.20
C SER F 106 29.72 19.59 17.11
N ALA F 107 28.55 20.12 16.75
CA ALA F 107 27.36 20.03 17.59
C ALA F 107 26.12 19.98 16.70
N PRO F 108 25.06 19.34 17.16
CA PRO F 108 23.79 19.41 16.42
C PRO F 108 23.20 20.82 16.44
N ASN F 109 22.43 21.13 15.40
CA ASN F 109 21.98 22.50 15.16
C ASN F 109 20.54 22.73 15.61
N ASP F 110 19.89 21.74 16.22
CA ASP F 110 18.55 21.96 16.75
C ASP F 110 18.63 22.38 18.21
N PRO F 111 17.70 23.20 18.71
CA PRO F 111 17.95 23.91 20.00
C PRO F 111 18.03 22.99 21.21
N SER F 112 17.19 21.94 21.31
CA SER F 112 17.21 21.17 22.54
C SER F 112 18.47 20.30 22.62
N ASN F 113 19.02 19.83 21.50
CA ASN F 113 20.26 19.07 21.52
C ASN F 113 21.50 19.97 21.58
N PHE F 114 21.41 21.17 20.99
CA PHE F 114 22.50 22.13 21.13
C PHE F 114 22.72 22.51 22.59
N ALA F 115 21.62 22.72 23.33
CA ALA F 115 21.72 22.99 24.76
C ALA F 115 22.55 21.96 25.46
N ARG F 116 22.39 20.69 25.08
CA ARG F 116 23.16 19.65 25.74
C ARG F 116 24.65 19.83 25.54
N VAL F 117 25.06 20.25 24.35
CA VAL F 117 26.48 20.43 24.10
C VAL F 117 27.04 21.54 24.96
N LEU F 118 26.31 22.65 25.09
CA LEU F 118 26.78 23.75 25.91
C LEU F 118 26.93 23.34 27.37
N VAL F 119 25.97 22.59 27.90
CA VAL F 119 26.11 22.10 29.27
C VAL F 119 27.34 21.19 29.39
N MET F 120 27.57 20.31 28.39
CA MET F 120 28.73 19.43 28.44
C MET F 120 30.04 20.22 28.42
N LEU F 121 30.14 21.22 27.55
CA LEU F 121 31.35 22.04 27.50
C LEU F 121 31.58 22.78 28.80
N ASP F 122 30.51 23.17 29.48
CA ASP F 122 30.64 23.82 30.78
C ASP F 122 31.14 22.82 31.83
N GLU F 123 30.63 21.58 31.80
CA GLU F 123 31.11 20.57 32.74
C GLU F 123 32.59 20.27 32.53
N LEU F 124 33.06 20.40 31.28
CA LEU F 124 34.45 20.15 30.95
C LEU F 124 35.34 21.33 31.28
N GLY F 125 34.74 22.48 31.59
CA GLY F 125 35.50 23.70 31.83
C GLY F 125 35.98 24.40 30.59
N TRP F 126 35.44 24.09 29.42
CA TRP F 126 35.89 24.70 28.17
C TRP F 126 35.15 25.99 27.89
N ILE F 127 33.93 26.13 28.43
CA ILE F 127 33.19 27.37 28.46
C ILE F 127 32.61 27.50 29.86
N LYS F 128 32.06 28.67 30.16
CA LYS F 128 31.40 28.93 31.43
C LYS F 128 30.03 29.51 31.13
N LEU F 129 28.97 28.82 31.56
CA LEU F 129 27.61 29.33 31.42
C LEU F 129 27.24 30.26 32.57
N LYS F 130 26.32 31.17 32.28
CA LYS F 130 25.81 32.08 33.30
C LYS F 130 25.11 31.32 34.40
N ASP F 131 25.06 31.94 35.58
CA ASP F 131 24.35 31.38 36.72
C ASP F 131 22.84 31.39 36.50
N GLY F 132 22.17 30.40 37.07
CA GLY F 132 20.72 30.41 37.18
C GLY F 132 19.95 30.22 35.89
N ILE F 133 20.57 29.71 34.84
CA ILE F 133 19.87 29.49 33.59
C ILE F 133 19.07 28.18 33.63
N ASN F 134 18.15 28.06 32.67
CA ASN F 134 17.46 26.81 32.38
C ASN F 134 18.40 25.94 31.56
N PRO F 135 18.93 24.83 32.11
CA PRO F 135 19.87 24.01 31.32
C PRO F 135 19.27 23.43 30.06
N LEU F 136 17.96 23.19 30.07
CA LEU F 136 17.30 22.56 28.93
C LEU F 136 17.21 23.48 27.72
N THR F 137 17.37 24.80 27.92
CA THR F 137 17.30 25.75 26.81
C THR F 137 18.59 26.54 26.67
N ALA F 138 19.69 26.04 27.24
CA ALA F 138 20.96 26.76 27.16
C ALA F 138 21.27 27.11 25.71
N SER F 139 21.62 28.38 25.50
CA SER F 139 21.89 28.88 24.17
C SER F 139 23.16 29.70 24.22
N LYS F 140 23.63 30.12 23.04
CA LYS F 140 24.84 30.94 22.99
C LYS F 140 24.71 32.21 23.84
N ALA F 141 23.52 32.79 23.92
CA ALA F 141 23.33 33.96 24.78
C ALA F 141 23.59 33.65 26.25
N ASP F 142 23.50 32.39 26.66
CA ASP F 142 23.72 32.01 28.05
C ASP F 142 25.19 31.80 28.39
N ILE F 143 26.10 31.91 27.42
CA ILE F 143 27.52 31.72 27.68
C ILE F 143 28.06 32.98 28.35
N ALA F 144 28.61 32.81 29.54
CA ALA F 144 29.21 33.93 30.26
C ALA F 144 30.59 34.25 29.71
N GLU F 145 31.39 33.22 29.48
CA GLU F 145 32.73 33.38 28.95
C GLU F 145 33.10 32.12 28.17
N ASN F 146 33.62 32.30 26.95
CA ASN F 146 34.15 31.19 26.18
C ASN F 146 35.62 31.01 26.58
N LEU F 147 35.80 30.25 27.67
CA LEU F 147 37.10 30.16 28.32
C LEU F 147 38.21 29.72 27.37
N LYS F 148 37.97 28.67 26.57
CA LYS F 148 38.99 28.17 25.66
C LYS F 148 38.77 28.63 24.23
N ASN F 149 37.93 29.63 24.01
CA ASN F 149 37.60 30.13 22.68
C ASN F 149 37.25 28.97 21.74
N ILE F 150 36.44 28.05 22.26
CA ILE F 150 35.92 26.96 21.46
C ILE F 150 35.17 27.51 20.27
N LYS F 151 35.41 26.95 19.10
CA LYS F 151 34.63 27.23 17.90
C LYS F 151 33.64 26.08 17.74
N ILE F 152 32.36 26.35 17.96
CA ILE F 152 31.32 25.32 17.87
C ILE F 152 30.81 25.30 16.45
N VAL F 153 30.91 24.16 15.81
CA VAL F 153 30.52 23.96 14.42
C VAL F 153 29.15 23.27 14.42
N GLU F 154 28.08 24.00 14.08
CA GLU F 154 26.73 23.44 14.15
C GLU F 154 26.36 22.74 12.85
N LEU F 155 25.86 21.52 12.97
CA LEU F 155 25.54 20.69 11.82
C LEU F 155 24.19 20.04 12.05
N GLU F 156 23.57 19.61 10.97
CA GLU F 156 22.40 18.75 11.09
C GLU F 156 22.87 17.46 11.76
N ALA F 157 22.07 16.97 12.70
CA ALA F 157 22.52 15.92 13.60
C ALA F 157 23.08 14.69 12.90
N ALA F 158 22.49 14.27 11.78
CA ALA F 158 22.95 13.06 11.11
C ALA F 158 24.36 13.21 10.58
N GLN F 159 24.83 14.44 10.43
CA GLN F 159 26.17 14.74 9.93
C GLN F 159 27.27 14.59 10.98
N LEU F 160 26.94 14.35 12.23
CA LEU F 160 27.99 14.48 13.24
C LEU F 160 29.04 13.38 13.22
N PRO F 161 28.69 12.10 12.99
CA PRO F 161 29.75 11.07 12.89
C PRO F 161 30.78 11.41 11.83
N ARG F 162 30.35 11.86 10.65
CA ARG F 162 31.28 12.20 9.57
C ARG F 162 32.08 13.45 9.87
N SER F 163 31.58 14.32 10.75
CA SER F 163 32.25 15.58 11.02
C SER F 163 33.58 15.36 11.73
N ARG F 164 33.81 14.17 12.27
CA ARG F 164 35.06 13.89 12.99
C ARG F 164 36.29 14.06 12.12
N ALA F 165 36.15 14.00 10.81
CA ALA F 165 37.29 14.23 9.94
C ALA F 165 37.64 15.70 9.87
N ASP F 166 36.72 16.59 10.25
CA ASP F 166 36.83 18.02 10.00
C ASP F 166 37.00 18.86 11.26
N VAL F 167 36.76 18.30 12.45
CA VAL F 167 36.80 19.05 13.70
C VAL F 167 37.66 18.30 14.71
N ASP F 168 38.10 19.02 15.74
CA ASP F 168 38.95 18.40 16.77
C ASP F 168 38.16 17.38 17.60
N PHE F 169 36.92 17.72 17.96
CA PHE F 169 36.04 16.83 18.73
C PHE F 169 34.63 16.93 18.18
N ALA F 170 33.87 15.82 18.29
CA ALA F 170 32.51 15.77 17.79
C ALA F 170 31.58 15.31 18.91
N VAL F 171 30.49 16.05 19.13
CA VAL F 171 29.48 15.63 20.11
C VAL F 171 28.35 14.95 19.32
N VAL F 172 28.18 13.65 19.51
CA VAL F 172 27.38 12.82 18.62
C VAL F 172 26.26 12.17 19.39
N ASN F 173 25.03 12.33 18.87
CA ASN F 173 23.88 11.68 19.47
C ASN F 173 24.06 10.17 19.43
N GLY F 174 23.60 9.51 20.49
CA GLY F 174 23.84 8.07 20.61
C GLY F 174 23.31 7.26 19.44
N ASN F 175 22.10 7.56 18.96
CA ASN F 175 21.55 6.75 17.87
C ASN F 175 22.43 6.83 16.64
N TYR F 176 22.95 8.02 16.33
CA TYR F 176 23.79 8.14 15.13
C TYR F 176 25.18 7.57 15.38
N ALA F 177 25.68 7.68 16.61
CA ALA F 177 26.97 7.07 16.94
C ALA F 177 26.92 5.57 16.74
N ILE F 178 25.94 4.92 17.36
CA ILE F 178 25.82 3.47 17.27
C ILE F 178 25.68 3.02 15.81
N SER F 179 24.82 3.67 15.04
CA SER F 179 24.55 3.23 13.67
C SER F 179 25.67 3.57 12.71
N SER F 180 26.62 4.38 13.11
CA SER F 180 27.77 4.63 12.27
C SER F 180 28.94 3.74 12.66
N GLY F 181 28.74 2.85 13.63
CA GLY F 181 29.78 1.96 14.12
C GLY F 181 30.64 2.52 15.21
N MET F 182 30.31 3.70 15.73
CA MET F 182 31.01 4.23 16.89
C MET F 182 30.57 3.46 18.14
N LYS F 183 31.47 3.31 19.08
CA LYS F 183 31.18 2.63 20.33
C LYS F 183 31.08 3.66 21.44
N LEU F 184 30.10 3.47 22.33
CA LEU F 184 29.92 4.39 23.44
C LEU F 184 31.17 4.49 24.29
N THR F 185 31.93 3.39 24.41
CA THR F 185 33.16 3.40 25.21
C THR F 185 34.26 4.25 24.58
N GLU F 186 34.16 4.61 23.31
CA GLU F 186 35.11 5.50 22.66
C GLU F 186 34.90 6.96 23.02
N ALA F 187 33.79 7.30 23.66
CA ALA F 187 33.57 8.69 24.03
C ALA F 187 34.63 9.14 25.05
N LEU F 188 35.09 10.37 24.87
CA LEU F 188 35.98 10.95 25.85
C LEU F 188 35.23 11.45 27.07
N PHE F 189 33.93 11.75 26.91
CA PHE F 189 33.13 12.29 28.00
C PHE F 189 31.68 11.99 27.64
N GLN F 190 30.93 11.43 28.58
CA GLN F 190 29.52 11.15 28.38
C GLN F 190 28.68 12.10 29.21
N GLU F 191 27.58 12.56 28.64
CA GLU F 191 26.65 13.39 29.37
C GLU F 191 26.23 12.70 30.66
N PRO F 192 26.37 13.35 31.82
CA PRO F 192 25.89 12.70 33.07
C PRO F 192 24.37 12.74 33.28
N SER F 193 23.67 13.70 32.70
CA SER F 193 22.23 13.87 32.92
C SER F 193 21.42 12.63 32.55
N PHE F 194 20.27 12.49 33.22
CA PHE F 194 19.22 11.56 32.81
C PHE F 194 17.96 12.27 32.28
N ALA F 195 18.04 13.58 32.05
CA ALA F 195 16.88 14.31 31.53
C ALA F 195 16.56 14.00 30.07
N TYR F 196 17.45 13.32 29.37
CA TYR F 196 17.31 13.06 27.95
C TYR F 196 17.11 11.58 27.63
N VAL F 197 16.78 10.77 28.64
CA VAL F 197 16.29 9.43 28.37
C VAL F 197 15.05 9.56 27.51
N ASN F 198 15.01 8.79 26.41
CA ASN F 198 14.02 9.01 25.38
C ASN F 198 12.64 8.49 25.80
N TRP F 199 11.64 9.06 25.14
CA TRP F 199 10.22 8.79 25.35
C TRP F 199 9.57 8.31 24.05
N SER F 200 8.62 7.39 24.17
CA SER F 200 7.67 7.16 23.10
C SER F 200 6.67 8.31 23.07
N ALA F 201 6.08 8.54 21.89
CA ALA F 201 5.08 9.59 21.74
C ALA F 201 3.92 9.08 20.90
N VAL F 202 2.72 9.56 21.23
CA VAL F 202 1.51 9.22 20.52
C VAL F 202 0.70 10.49 20.30
N LYS F 203 -0.30 10.40 19.41
CA LYS F 203 -1.33 11.43 19.33
C LYS F 203 -2.13 11.44 20.62
N THR F 204 -2.43 12.63 21.11
CA THR F 204 -3.09 12.73 22.42
C THR F 204 -4.41 11.98 22.42
N ALA F 205 -5.07 11.90 21.27
CA ALA F 205 -6.34 11.17 21.18
C ALA F 205 -6.19 9.70 21.48
N ASP F 206 -4.99 9.13 21.37
CA ASP F 206 -4.77 7.69 21.61
C ASP F 206 -4.28 7.40 23.03
N LYS F 207 -4.17 8.41 23.88
CA LYS F 207 -3.49 8.26 25.16
C LYS F 207 -4.15 7.20 26.04
N ASP F 208 -5.47 7.03 25.93
CA ASP F 208 -6.19 6.10 26.81
C ASP F 208 -6.53 4.77 26.12
N SER F 209 -5.97 4.50 24.95
CA SER F 209 -6.33 3.32 24.18
C SER F 209 -5.80 2.02 24.83
N GLN F 210 -6.47 0.92 24.53
CA GLN F 210 -5.99 -0.38 25.01
C GLN F 210 -4.70 -0.79 24.34
N TRP F 211 -4.59 -0.55 23.04
CA TRP F 211 -3.36 -0.93 22.35
C TRP F 211 -2.16 -0.24 22.97
N LEU F 212 -2.31 1.04 23.33
CA LEU F 212 -1.19 1.73 23.95
C LEU F 212 -0.87 1.18 25.33
N LYS F 213 -1.90 0.77 26.07
CA LYS F 213 -1.63 0.13 27.35
C LYS F 213 -0.81 -1.13 27.14
N ASP F 214 -1.13 -1.90 26.10
CA ASP F 214 -0.40 -3.13 25.82
C ASP F 214 1.03 -2.83 25.37
N VAL F 215 1.22 -1.77 24.57
CA VAL F 215 2.59 -1.39 24.19
C VAL F 215 3.38 -1.01 25.43
N THR F 216 2.77 -0.21 26.31
CA THR F 216 3.48 0.25 27.50
C THR F 216 3.92 -0.95 28.33
N GLU F 217 3.04 -1.94 28.50
CA GLU F 217 3.40 -3.13 29.25
C GLU F 217 4.55 -3.89 28.60
N ALA F 218 4.57 -3.96 27.28
CA ALA F 218 5.65 -4.67 26.59
C ALA F 218 7.00 -4.03 26.85
N TYR F 219 7.04 -2.69 26.87
CA TYR F 219 8.31 -2.01 27.13
C TYR F 219 8.68 -1.98 28.61
N ASN F 220 7.85 -2.53 29.49
CA ASN F 220 8.15 -2.55 30.92
C ASN F 220 8.12 -3.97 31.50
N SER F 221 8.10 -4.98 30.66
CA SER F 221 8.09 -6.36 31.13
C SER F 221 9.46 -6.79 31.66
N ASP F 222 9.47 -7.81 32.53
CA ASP F 222 10.74 -8.37 32.99
C ASP F 222 11.58 -8.86 31.81
N ALA F 223 10.92 -9.47 30.81
CA ALA F 223 11.65 -9.97 29.65
C ALA F 223 12.27 -8.84 28.84
N PHE F 224 11.56 -7.74 28.63
CA PHE F 224 12.17 -6.65 27.90
C PHE F 224 13.35 -6.08 28.68
N LYS F 225 13.19 -5.92 29.99
CA LYS F 225 14.29 -5.39 30.79
C LYS F 225 15.51 -6.30 30.71
N ALA F 226 15.31 -7.62 30.79
CA ALA F 226 16.43 -8.55 30.70
C ALA F 226 17.10 -8.46 29.34
N TYR F 227 16.31 -8.42 28.27
CA TYR F 227 16.85 -8.21 26.93
C TYR F 227 17.64 -6.91 26.87
N ALA F 228 17.05 -5.82 27.37
CA ALA F 228 17.71 -4.52 27.22
C ALA F 228 19.05 -4.47 27.95
N HIS F 229 19.12 -5.04 29.15
CA HIS F 229 20.36 -5.01 29.91
C HIS F 229 21.49 -5.76 29.22
N LYS F 230 21.14 -6.75 28.38
CA LYS F 230 22.14 -7.51 27.63
C LYS F 230 22.42 -6.92 26.26
N ARG F 231 21.36 -6.56 25.53
CA ARG F 231 21.54 -6.07 24.16
C ARG F 231 22.10 -4.65 24.13
N PHE F 232 21.79 -3.84 25.14
CA PHE F 232 22.10 -2.41 25.11
C PHE F 232 22.87 -2.00 26.37
N GLU F 233 24.02 -2.62 26.56
CA GLU F 233 24.87 -2.29 27.70
C GLU F 233 25.33 -0.85 27.61
N GLY F 234 25.34 -0.18 28.74
CA GLY F 234 25.77 1.19 28.79
C GLY F 234 24.67 2.19 28.49
N TYR F 235 23.46 1.73 28.23
CA TYR F 235 22.35 2.64 27.97
C TYR F 235 21.75 3.14 29.27
N LYS F 236 21.15 4.31 29.21
CA LYS F 236 20.45 4.89 30.35
C LYS F 236 19.02 4.37 30.36
N SER F 237 18.56 3.89 31.54
CA SER F 237 17.28 3.24 31.71
C SER F 237 16.18 4.24 32.04
N PRO F 238 14.95 3.88 31.68
CA PRO F 238 13.78 4.66 32.13
C PRO F 238 13.80 4.87 33.63
N ALA F 239 13.42 6.08 34.06
CA ALA F 239 13.35 6.39 35.50
C ALA F 239 12.42 5.42 36.23
N ALA F 240 11.30 5.06 35.60
CA ALA F 240 10.32 4.19 36.25
C ALA F 240 10.89 2.81 36.55
N TRP F 241 11.95 2.39 35.84
CA TRP F 241 12.59 1.12 36.15
C TRP F 241 13.31 1.16 37.49
N ASN F 242 13.50 2.37 38.03
CA ASN F 242 13.98 2.54 39.39
C ASN F 242 15.22 1.72 39.67
N GLU F 243 16.15 1.72 38.71
CA GLU F 243 17.44 1.04 38.84
C GLU F 243 18.46 1.91 39.58
N MED G . -18.36 -14.87 -19.52
CA MED G . -19.38 -14.14 -20.26
C MED G . -20.17 -15.14 -21.10
O MED G . -21.31 -15.52 -20.79
CB MED G . -20.23 -13.33 -19.31
CG MED G . -21.22 -12.41 -20.05
SD MED G . -20.61 -10.87 -20.69
CE MED G . -20.22 -10.09 -19.17
OXT MED G . -19.59 -15.53 -22.13
H2 MED G . -17.69 -14.37 -18.96
H MED G . -18.33 -15.88 -19.56
HA MED G . -18.89 -13.44 -20.95
HB2 MED G . -19.57 -12.71 -18.68
HB3 MED G . -20.78 -14.00 -18.65
HG2 MED G . -22.04 -12.19 -19.38
HG3 MED G . -21.63 -12.97 -20.88
HE1 MED G . -21.09 -10.00 -18.58
HE2 MED G . -19.84 -9.11 -19.36
HE3 MED G . -19.50 -10.66 -18.65
N MED H . -21.90 22.04 -11.22
CA MED H . -23.16 21.70 -11.78
C MED H . -23.94 22.94 -12.13
O MED H . -23.81 23.52 -13.22
CB MED H . -22.76 20.76 -12.89
CG MED H . -23.89 20.30 -13.79
SD MED H . -24.59 18.73 -13.38
CE MED H . -23.20 17.62 -13.43
OXT MED H . -24.72 23.29 -11.24
H2 MED H . -21.29 21.32 -10.86
H MED H . -21.61 23.01 -11.18
HA MED H . -23.73 21.12 -11.04
HB2 MED H . -22.28 19.89 -12.46
HB3 MED H . -22.02 21.27 -13.51
HG2 MED H . -23.53 20.26 -14.81
HG3 MED H . -24.69 21.05 -13.76
HE1 MED H . -22.78 17.63 -14.40
HE2 MED H . -23.52 16.64 -13.20
HE3 MED H . -22.47 17.94 -12.73
N MED I . -4.12 -31.25 -0.03
CA MED I . -3.11 -32.09 0.63
C MED I . -3.42 -33.52 0.24
O MED I . -4.38 -34.04 0.79
CB MED I . -1.72 -31.59 0.27
CG MED I . -0.57 -32.27 1.03
SD MED I . -0.35 -31.73 2.71
CE MED I . 0.21 -30.02 2.58
OXT MED I . -2.71 -34.12 -0.59
H2 MED I . -4.13 -30.26 0.16
H MED I . -4.78 -31.66 -0.66
HA MED I . -3.23 -31.99 1.72
HB2 MED I . -1.57 -31.73 -0.81
HB3 MED I . -1.67 -30.50 0.45
HG2 MED I . -0.74 -33.35 1.03
HG3 MED I . 0.36 -32.10 0.48
HE1 MED I . 1.13 -29.98 2.04
HE2 MED I . -0.52 -29.44 2.07
HE3 MED I . 0.37 -29.61 3.55
N MED J . 23.29 -16.92 9.51
CA MED J . 23.26 -18.33 9.26
C MED J . 24.44 -18.81 10.07
O MED J . 25.52 -18.54 9.56
CB MED J . 21.92 -18.94 9.64
CG MED J . 21.79 -20.43 9.29
SD MED J . 21.64 -20.72 7.54
CE MED J . 19.96 -20.11 7.27
OXT MED J . 24.33 -19.44 11.14
H2 MED J . 22.64 -16.30 9.03
H MED J . 23.96 -16.53 10.16
HA MED J . 23.44 -18.53 8.20
HB2 MED J . 21.77 -18.82 10.72
HB3 MED J . 21.13 -18.38 9.14
HG2 MED J . 20.91 -20.84 9.79
HG3 MED J . 22.67 -20.96 9.66
HE1 MED J . 19.29 -20.67 7.86
HE2 MED J . 19.72 -20.22 6.25
HE3 MED J . 19.91 -19.08 7.55
N MED K . 3.44 31.10 0.15
CA MED K . 4.44 31.63 1.08
C MED K . 4.29 33.13 1.23
O MED K . 4.64 33.78 0.24
CB MED K . 4.36 30.89 2.40
CG MED K . 5.55 31.12 3.33
SD MED K . 7.09 30.39 2.96
CE MED K . 6.81 28.65 3.18
OXT MED K . 3.84 33.65 2.27
H2 MED K . 3.46 30.12 -0.11
H MED K . 2.73 31.71 -0.22
HA MED K . 5.45 31.44 0.66
HB2 MED K . 4.28 29.82 2.19
HB3 MED K . 3.44 31.18 2.91
HG2 MED K . 5.24 30.79 4.33
HG3 MED K . 5.70 32.20 3.41
HE1 MED K . 6.51 28.47 4.18
HE2 MED K . 6.05 28.33 2.52
HE3 MED K . 7.70 28.12 2.98
N MED L . 17.96 9.77 20.70
CA MED L . 17.81 11.12 21.10
C MED L . 19.00 11.37 22.00
O MED L . 20.09 11.81 21.57
CB MED L . 17.70 11.94 19.84
CG MED L . 17.69 13.45 20.07
SD MED L . 16.08 14.12 20.21
CE MED L . 15.35 13.75 18.65
OXT MED L . 18.79 11.14 23.19
H2 MED L . 17.24 9.32 20.14
H MED L . 18.78 9.24 20.98
HA MED L . 16.89 11.24 21.68
HB2 MED L . 16.78 11.67 19.33
HB3 MED L . 18.54 11.70 19.18
HG2 MED L . 18.22 13.94 19.26
HG3 MED L . 18.24 13.65 21.00
HE1 MED L . 15.91 14.21 17.88
HE2 MED L . 14.35 14.12 18.64
HE3 MED L . 15.33 12.70 18.51
#